data_7OU8
#
_entry.id   7OU8
#
_cell.length_a   51.530
_cell.length_b   160.621
_cell.length_c   224.514
_cell.angle_alpha   90.000
_cell.angle_beta   90.000
_cell.angle_gamma   90.000
#
_symmetry.space_group_name_H-M   'P 2 21 21'
#
loop_
_entity.id
_entity.type
_entity.pdbx_description
1 polymer 'O-GlcNAcase BT_4395'
2 non-polymer ~{N}-[(3~{Z},6~{S},7~{R},8~{R},8~{a}~{S})-7,8-bis(oxidanyl)-3-(phenylmethyl)imino-1,5,6,7,8,8~{a}-hexahydro-[1,3]thiazolo[3,4-a]pyridin-6-yl]ethanamide
3 non-polymer 1,2-ETHANEDIOL
4 non-polymer 'CALCIUM ION'
5 water water
#
_entity_poly.entity_id   1
_entity_poly.type   'polypeptide(L)'
_entity_poly.pdbx_seq_one_letter_code
;MKNNKIYLLGACLLCAVTTFAQNVSLQPPPQQLIVQNKTIDLPAVYQLNGGEEANPHAVKVLKELLSGKQSSKKGMLISI
GEKGDKSVRKYSRQIPDHKEGYYLSVNEKEIVLAGNDERGTYYALQTFAQLLKDGKLPEVEIKDYPSVRYRGVVEGFYGT
PWSHQARLSQLKFYGKNKMNTYIYGPKDDPYHSAPNWRLPYPDKEAAQLQELVAVANENEVDFVWAIHPGQDIKWNKEDR
DLLLAKFEKMYQLGVRSFAVFFDDISGEGTNPQKQAELLNYIDEKFAQVKPDINQLVMCPTEYNKSWSNPNGNYLTTLGD
KLNPSIQIMWTGDRVISDITRDGISWINERIKRPAYIWWNFPVSDYVRDHLLLGPVYGNDTTIAKEMSGFVTNPMEHAES
SKIAIYSVASYAWNPAKYDTWQTWKDAIRTILPSAAEELECFAMHNSDLGPNGHGYRREESMDIQPAAERFLKAFKEGKN
YDKADFETLQYTFERMKESADILLMNTENKPLIVEITPWVHQFKLTAEMGEEVLKMVEGRNESYFLRKYNHVKALQQQMF
YIDQTSNQNPYQPGVKTATRVIKPLIDRTFATVVKFFNQKFNAHLDATTDYMPHKMISNVEQIKNLPLQVKANRVLISPA
NEVVKWAAGNSVEIELDAIYPGENIQINFGKDAPCTWGRLEISTDGKEWKTVDLKQKESRLSAGLQKAPVKFVRFTNVSD
EEQQVYLRQFVLTIEKK
;
_entity_poly.pdbx_strand_id   AAA,BBB
#
loop_
_chem_comp.id
_chem_comp.type
_chem_comp.name
_chem_comp.formula
1XI non-polymer ~{N}-[(3~{Z},6~{S},7~{R},8~{R},8~{a}~{S})-7,8-bis(oxidanyl)-3-(phenylmethyl)imino-1,5,6,7,8,8~{a}-hexahydro-[1,3]thiazolo[3,4-a]pyridin-6-yl]ethanamide 'C16 H21 N3 O3 S'
CA non-polymer 'CALCIUM ION' 'Ca 2'
EDO non-polymer 1,2-ETHANEDIOL 'C2 H6 O2'
#
# COMPACT_ATOMS: atom_id res chain seq x y z
N VAL A 24 13.26 -25.45 24.32
CA VAL A 24 13.86 -24.04 24.17
C VAL A 24 15.40 -24.06 24.29
N SER A 25 15.90 -24.90 25.20
CA SER A 25 17.31 -25.33 25.25
C SER A 25 17.63 -26.07 23.94
N LEU A 26 16.88 -27.12 23.59
CA LEU A 26 17.24 -27.99 22.42
C LEU A 26 16.02 -28.42 21.65
N GLN A 27 16.07 -28.31 20.31
CA GLN A 27 14.91 -28.70 19.48
C GLN A 27 15.43 -29.45 18.27
N PRO A 28 14.93 -30.67 18.01
CA PRO A 28 14.06 -31.39 18.93
C PRO A 28 14.76 -31.77 20.25
N PRO A 29 14.01 -31.96 21.34
CA PRO A 29 14.63 -32.31 22.63
C PRO A 29 15.13 -33.75 22.59
N PRO A 30 16.35 -34.00 23.08
CA PRO A 30 16.96 -35.33 22.98
C PRO A 30 16.23 -36.37 23.84
N GLN A 31 16.38 -37.65 23.49
CA GLN A 31 15.72 -38.76 24.24
C GLN A 31 16.28 -38.74 25.67
N GLN A 32 17.59 -38.59 25.79
CA GLN A 32 18.30 -38.57 27.10
C GLN A 32 19.29 -37.42 27.16
N LEU A 33 19.20 -36.66 28.24
CA LEU A 33 20.05 -35.47 28.46
C LEU A 33 20.32 -35.44 29.95
N ILE A 34 21.60 -35.38 30.31
CA ILE A 34 22.07 -35.13 31.71
C ILE A 34 23.01 -33.94 31.63
N VAL A 35 22.63 -32.82 32.26
CA VAL A 35 23.44 -31.55 32.25
C VAL A 35 24.09 -31.40 33.62
N GLN A 36 25.34 -30.92 33.64
CA GLN A 36 26.03 -30.48 34.88
C GLN A 36 25.97 -28.95 34.96
N ASN A 37 26.05 -28.40 36.18
CA ASN A 37 26.14 -26.94 36.44
C ASN A 37 27.60 -26.48 36.31
N LYS A 38 28.33 -27.02 35.33
CA LYS A 38 29.70 -26.63 34.93
C LYS A 38 29.66 -26.27 33.45
N THR A 39 30.29 -25.18 33.02
CA THR A 39 30.34 -24.78 31.59
C THR A 39 31.79 -24.77 31.13
N ILE A 40 32.00 -25.05 29.86
CA ILE A 40 33.32 -25.29 29.23
C ILE A 40 33.46 -24.20 28.18
N ASP A 41 34.69 -23.79 27.87
CA ASP A 41 34.94 -22.85 26.75
C ASP A 41 35.06 -23.71 25.50
N LEU A 42 34.41 -23.31 24.41
CA LEU A 42 34.80 -23.83 23.09
C LEU A 42 36.31 -23.66 23.00
N PRO A 43 37.10 -24.76 22.96
CA PRO A 43 38.55 -24.66 23.11
C PRO A 43 39.27 -23.82 22.05
N ALA A 44 40.12 -22.88 22.52
CA ALA A 44 41.05 -22.06 21.72
C ALA A 44 41.92 -22.99 20.86
N VAL A 45 42.35 -24.12 21.43
CA VAL A 45 43.23 -25.12 20.77
C VAL A 45 42.60 -26.51 20.91
N TYR A 46 42.54 -27.26 19.81
CA TYR A 46 41.80 -28.56 19.72
C TYR A 46 42.58 -29.55 18.86
N GLN A 47 42.60 -30.81 19.27
CA GLN A 47 43.03 -31.97 18.45
C GLN A 47 41.74 -32.62 17.89
N LEU A 48 41.59 -32.67 16.57
CA LEU A 48 40.38 -33.26 15.92
C LEU A 48 40.70 -34.69 15.50
N ASN A 49 40.04 -35.66 16.12
CA ASN A 49 40.24 -37.09 15.84
C ASN A 49 39.01 -37.60 15.09
N GLY A 50 39.18 -37.99 13.83
CA GLY A 50 38.14 -38.68 13.03
C GLY A 50 37.67 -37.86 11.85
N GLY A 51 38.22 -36.66 11.68
CA GLY A 51 37.84 -35.69 10.64
C GLY A 51 37.88 -36.28 9.23
N GLU A 52 38.82 -37.18 8.96
CA GLU A 52 39.04 -37.77 7.61
C GLU A 52 38.03 -38.90 7.35
N GLU A 53 37.48 -39.54 8.40
CA GLU A 53 36.61 -40.74 8.26
C GLU A 53 35.12 -40.45 8.58
N ALA A 54 34.80 -39.44 9.40
CA ALA A 54 33.39 -39.18 9.83
C ALA A 54 32.62 -38.53 8.69
N ASN A 55 31.29 -38.57 8.78
CA ASN A 55 30.41 -37.99 7.74
C ASN A 55 30.91 -36.60 7.37
N PRO A 56 31.31 -36.34 6.11
CA PRO A 56 31.86 -35.03 5.75
C PRO A 56 30.91 -33.85 5.94
N HIS A 57 29.59 -34.09 5.87
CA HIS A 57 28.57 -33.03 6.12
C HIS A 57 28.66 -32.62 7.58
N ALA A 58 28.91 -33.56 8.49
CA ALA A 58 29.02 -33.26 9.93
C ALA A 58 30.35 -32.55 10.19
N VAL A 59 31.41 -33.05 9.57
CA VAL A 59 32.78 -32.47 9.74
C VAL A 59 32.75 -31.01 9.25
N LYS A 60 32.09 -30.71 8.15
CA LYS A 60 31.96 -29.33 7.63
C LYS A 60 31.26 -28.45 8.69
N VAL A 61 30.18 -28.89 9.33
CA VAL A 61 29.48 -28.09 10.38
C VAL A 61 30.48 -27.84 11.53
N LEU A 62 31.18 -28.88 11.98
CA LEU A 62 32.16 -28.77 13.09
C LEU A 62 33.18 -27.68 12.76
N LYS A 63 33.81 -27.77 11.58
CA LYS A 63 34.89 -26.85 11.17
C LYS A 63 34.37 -25.40 11.13
N GLU A 64 33.17 -25.18 10.63
CA GLU A 64 32.53 -23.82 10.64
C GLU A 64 32.35 -23.36 12.10
N LEU A 65 31.99 -24.25 13.04
CA LEU A 65 31.80 -23.85 14.46
C LEU A 65 33.15 -23.56 15.13
N LEU A 66 34.23 -24.16 14.64
CA LEU A 66 35.60 -24.05 15.21
C LEU A 66 36.41 -23.05 14.38
N SER A 67 35.74 -22.22 13.56
CA SER A 67 36.38 -21.25 12.63
C SER A 67 37.33 -20.34 13.41
N GLY A 68 38.57 -20.20 12.92
CA GLY A 68 39.63 -19.34 13.51
C GLY A 68 40.05 -19.75 14.91
N LYS A 69 39.87 -21.02 15.29
CA LYS A 69 40.47 -21.66 16.50
C LYS A 69 41.67 -22.50 16.04
N GLN A 70 42.57 -22.86 16.97
CA GLN A 70 43.87 -23.50 16.62
C GLN A 70 43.69 -25.02 16.56
N SER A 71 43.86 -25.63 15.39
CA SER A 71 43.98 -27.09 15.21
C SER A 71 45.44 -27.52 15.47
N SER A 72 45.69 -28.23 16.57
CA SER A 72 47.04 -28.66 17.04
C SER A 72 47.02 -30.12 17.49
N LYS A 73 48.17 -30.80 17.39
CA LYS A 73 48.32 -32.23 17.78
C LYS A 73 48.29 -32.39 19.31
N LYS A 74 48.21 -31.28 20.07
CA LYS A 74 48.11 -31.29 21.57
C LYS A 74 47.27 -30.10 22.06
N GLY A 75 45.95 -30.17 21.84
CA GLY A 75 44.93 -29.29 22.45
C GLY A 75 43.81 -30.10 23.06
N MET A 76 42.60 -29.55 23.21
CA MET A 76 41.41 -30.33 23.68
C MET A 76 41.05 -31.37 22.61
N LEU A 77 40.84 -32.62 23.03
CA LEU A 77 40.48 -33.72 22.09
C LEU A 77 39.00 -33.55 21.73
N ILE A 78 38.72 -33.46 20.42
CA ILE A 78 37.33 -33.50 19.86
C ILE A 78 37.23 -34.75 18.98
N SER A 79 36.44 -35.72 19.42
CA SER A 79 36.29 -37.01 18.72
C SER A 79 34.98 -36.99 17.92
N ILE A 80 35.08 -37.14 16.59
CA ILE A 80 33.89 -37.23 15.68
C ILE A 80 34.03 -38.51 14.85
N GLY A 81 32.97 -39.32 14.80
CA GLY A 81 32.96 -40.48 13.90
C GLY A 81 31.64 -41.22 13.98
N GLU A 82 31.50 -42.21 13.12
CA GLU A 82 30.38 -43.17 13.16
C GLU A 82 30.87 -44.38 13.95
N LYS A 83 29.95 -45.08 14.61
CA LYS A 83 30.27 -46.29 15.40
C LYS A 83 31.09 -47.23 14.53
N GLY A 84 32.21 -47.75 15.04
CA GLY A 84 33.13 -48.61 14.26
C GLY A 84 34.39 -47.86 13.88
N ASP A 85 34.31 -46.55 13.67
CA ASP A 85 35.47 -45.67 13.32
C ASP A 85 36.49 -45.68 14.46
N LYS A 86 37.79 -45.69 14.16
CA LYS A 86 38.89 -45.74 15.17
C LYS A 86 38.62 -44.63 16.19
N SER A 87 38.27 -43.44 15.71
CA SER A 87 38.07 -42.21 16.53
C SER A 87 37.08 -42.41 17.68
N VAL A 88 36.03 -43.24 17.54
CA VAL A 88 34.94 -43.35 18.57
C VAL A 88 34.75 -44.80 19.04
N ARG A 89 35.66 -45.72 18.68
CA ARG A 89 35.70 -47.11 19.22
C ARG A 89 35.51 -47.05 20.74
N LYS A 90 36.22 -46.13 21.40
CA LYS A 90 36.24 -45.97 22.88
C LYS A 90 34.81 -45.81 23.42
N TYR A 91 33.88 -45.23 22.65
CA TYR A 91 32.52 -44.87 23.18
C TYR A 91 31.41 -45.73 22.56
N SER A 92 31.77 -46.80 21.87
CA SER A 92 30.80 -47.64 21.13
C SER A 92 29.65 -48.08 22.06
N ARG A 93 29.89 -48.24 23.36
CA ARG A 93 28.86 -48.71 24.34
C ARG A 93 27.87 -47.56 24.65
N GLN A 94 28.26 -46.30 24.42
CA GLN A 94 27.42 -45.10 24.74
C GLN A 94 26.54 -44.76 23.52
N ILE A 95 26.90 -45.22 22.33
CA ILE A 95 26.16 -44.81 21.09
C ILE A 95 24.84 -45.57 21.06
N PRO A 96 23.65 -44.92 21.08
CA PRO A 96 22.40 -45.67 21.03
C PRO A 96 22.35 -46.49 19.74
N ASP A 97 21.83 -47.71 19.84
CA ASP A 97 21.73 -48.62 18.67
C ASP A 97 20.38 -48.41 17.99
N HIS A 98 20.22 -47.24 17.36
CA HIS A 98 19.01 -46.82 16.60
C HIS A 98 19.47 -46.07 15.36
N LYS A 99 18.73 -46.23 14.25
CA LYS A 99 19.01 -45.48 13.02
C LYS A 99 18.99 -43.97 13.35
N GLU A 100 19.99 -43.23 12.89
CA GLU A 100 20.16 -41.75 13.05
C GLU A 100 20.42 -41.39 14.53
N GLY A 101 20.87 -42.36 15.32
CA GLY A 101 21.17 -42.15 16.75
C GLY A 101 22.56 -41.55 16.92
N TYR A 102 22.79 -40.95 18.08
CA TYR A 102 24.13 -40.42 18.37
C TYR A 102 24.30 -40.29 19.88
N TYR A 103 25.57 -40.27 20.25
CA TYR A 103 26.06 -39.93 21.60
C TYR A 103 26.83 -38.62 21.45
N LEU A 104 26.53 -37.69 22.35
CA LEU A 104 27.22 -36.39 22.43
C LEU A 104 27.67 -36.20 23.89
N SER A 105 28.93 -35.83 24.04
CA SER A 105 29.55 -35.57 25.35
C SER A 105 30.37 -34.29 25.28
N VAL A 106 30.16 -33.45 26.30
CA VAL A 106 31.05 -32.28 26.58
C VAL A 106 31.44 -32.37 28.06
N ASN A 107 32.74 -32.43 28.33
CA ASN A 107 33.35 -32.16 29.67
C ASN A 107 34.64 -31.36 29.50
N GLU A 108 35.40 -31.16 30.59
CA GLU A 108 36.67 -30.37 30.53
C GLU A 108 37.75 -31.20 29.82
N LYS A 109 37.70 -32.53 29.90
CA LYS A 109 38.72 -33.41 29.24
C LYS A 109 38.57 -33.27 27.72
N GLU A 110 37.35 -33.48 27.18
CA GLU A 110 37.14 -33.59 25.72
C GLU A 110 35.66 -33.52 25.32
N ILE A 111 35.43 -33.50 24.00
CA ILE A 111 34.08 -33.49 23.36
C ILE A 111 33.97 -34.76 22.52
N VAL A 112 32.80 -35.40 22.55
CA VAL A 112 32.55 -36.61 21.72
C VAL A 112 31.29 -36.36 20.89
N LEU A 113 31.42 -36.59 19.59
CA LEU A 113 30.34 -36.46 18.58
C LEU A 113 30.28 -37.76 17.77
N ALA A 114 29.52 -38.72 18.28
CA ALA A 114 29.58 -40.12 17.81
C ALA A 114 28.23 -40.56 17.26
N GLY A 115 28.12 -40.69 15.94
CA GLY A 115 26.88 -41.18 15.31
C GLY A 115 26.79 -42.70 15.35
N ASN A 116 25.59 -43.26 15.50
CA ASN A 116 25.34 -44.69 15.18
C ASN A 116 25.53 -44.90 13.68
N ASP A 117 25.31 -43.85 12.87
CA ASP A 117 25.43 -43.91 11.40
C ASP A 117 25.79 -42.49 10.93
N GLU A 118 26.00 -42.31 9.63
CA GLU A 118 26.52 -41.03 9.13
C GLU A 118 25.50 -39.94 9.47
N ARG A 119 24.22 -40.24 9.37
CA ARG A 119 23.22 -39.18 9.58
C ARG A 119 23.21 -38.83 11.07
N GLY A 120 23.33 -39.84 11.93
CA GLY A 120 23.45 -39.66 13.39
C GLY A 120 24.59 -38.71 13.74
N THR A 121 25.73 -38.81 13.07
CA THR A 121 26.88 -37.89 13.31
C THR A 121 26.47 -36.47 12.91
N TYR A 122 25.74 -36.32 11.81
CA TYR A 122 25.27 -34.99 11.37
C TYR A 122 24.34 -34.43 12.45
N TYR A 123 23.42 -35.26 12.97
CA TYR A 123 22.45 -34.81 13.98
C TYR A 123 23.16 -34.47 15.30
N ALA A 124 24.20 -35.21 15.69
CA ALA A 124 25.01 -34.84 16.87
C ALA A 124 25.52 -33.39 16.69
N LEU A 125 25.99 -33.03 15.48
CA LEU A 125 26.47 -31.66 15.21
C LEU A 125 25.32 -30.66 15.25
N GLN A 126 24.10 -31.02 14.83
CA GLN A 126 22.96 -30.04 14.86
C GLN A 126 22.60 -29.78 16.33
N THR A 127 22.75 -30.77 17.20
CA THR A 127 22.56 -30.56 18.65
C THR A 127 23.72 -29.69 19.19
N PHE A 128 24.95 -30.07 18.90
CA PHE A 128 26.18 -29.35 19.32
C PHE A 128 26.00 -27.85 19.05
N ALA A 129 25.58 -27.53 17.84
CA ALA A 129 25.40 -26.13 17.38
C ALA A 129 24.44 -25.39 18.32
N GLN A 130 23.38 -26.03 18.82
CA GLN A 130 22.39 -25.31 19.70
C GLN A 130 22.97 -25.18 21.12
N LEU A 131 23.93 -26.01 21.50
CA LEU A 131 24.48 -26.00 22.87
C LEU A 131 25.43 -24.82 23.02
N LEU A 132 26.18 -24.53 21.96
CA LEU A 132 27.16 -23.43 21.82
C LEU A 132 26.44 -22.07 21.98
N LYS A 133 26.63 -21.44 23.15
CA LYS A 133 26.09 -20.12 23.55
C LYS A 133 27.27 -19.17 23.88
N ASP A 134 27.69 -18.34 22.92
CA ASP A 134 28.73 -17.28 23.06
C ASP A 134 30.05 -17.91 23.52
N GLY A 135 30.57 -18.86 22.73
CA GLY A 135 31.89 -19.49 22.91
C GLY A 135 31.88 -20.56 23.99
N LYS A 136 30.79 -20.67 24.75
CA LYS A 136 30.70 -21.55 25.96
C LYS A 136 29.78 -22.77 25.68
N LEU A 137 30.11 -23.91 26.28
CA LEU A 137 29.35 -25.18 26.15
C LEU A 137 28.95 -25.65 27.55
N PRO A 138 27.73 -26.21 27.74
CA PRO A 138 27.38 -26.85 29.00
C PRO A 138 28.12 -28.18 29.07
N GLU A 139 28.46 -28.63 30.28
CA GLU A 139 28.95 -30.01 30.54
C GLU A 139 27.71 -30.90 30.47
N VAL A 140 27.67 -31.83 29.51
CA VAL A 140 26.40 -32.53 29.17
C VAL A 140 26.70 -33.91 28.59
N GLU A 141 25.80 -34.84 28.89
CA GLU A 141 25.75 -36.22 28.34
C GLU A 141 24.46 -36.38 27.55
N ILE A 142 24.55 -36.67 26.24
CA ILE A 142 23.35 -36.85 25.40
C ILE A 142 23.39 -38.18 24.66
N LYS A 143 22.34 -38.94 24.82
CA LYS A 143 22.08 -40.14 24.00
C LYS A 143 20.73 -39.88 23.30
N ASP A 144 20.76 -39.83 21.98
CA ASP A 144 19.58 -39.34 21.23
C ASP A 144 19.40 -40.14 19.94
N TYR A 145 18.14 -40.15 19.49
CA TYR A 145 17.71 -40.86 18.26
C TYR A 145 16.27 -40.46 18.02
N PRO A 146 15.77 -40.58 16.78
CA PRO A 146 14.37 -40.30 16.53
C PRO A 146 13.40 -41.42 16.87
N SER A 147 12.21 -41.07 17.33
CA SER A 147 11.11 -42.02 17.63
C SER A 147 10.44 -42.49 16.34
N VAL A 148 10.39 -41.64 15.32
CA VAL A 148 9.72 -41.95 14.03
C VAL A 148 10.79 -41.93 12.92
N ARG A 149 10.77 -42.91 12.03
CA ARG A 149 11.90 -43.19 11.13
C ARG A 149 12.04 -42.13 10.04
N TYR A 150 10.91 -41.71 9.48
CA TYR A 150 10.91 -40.70 8.40
C TYR A 150 10.13 -39.48 8.90
N ARG A 151 10.74 -38.31 8.81
CA ARG A 151 10.18 -37.08 9.39
C ARG A 151 10.38 -35.95 8.40
N GLY A 152 9.36 -35.21 8.08
CA GLY A 152 9.60 -34.08 7.17
C GLY A 152 8.37 -33.48 6.57
N VAL A 153 8.49 -33.10 5.30
CA VAL A 153 7.51 -32.22 4.64
C VAL A 153 7.12 -32.87 3.33
N VAL A 154 5.84 -32.85 3.02
CA VAL A 154 5.38 -33.10 1.64
C VAL A 154 4.93 -31.79 1.04
N GLU A 155 5.62 -31.33 0.01
CA GLU A 155 5.09 -30.16 -0.72
C GLU A 155 4.02 -30.72 -1.64
N GLY A 156 2.82 -30.82 -1.10
CA GLY A 156 1.77 -31.62 -1.73
C GLY A 156 0.47 -30.90 -1.94
N PHE A 157 0.49 -29.57 -1.83
CA PHE A 157 -0.75 -28.75 -1.81
C PHE A 157 -1.13 -28.32 -3.22
N TYR A 158 -2.37 -27.85 -3.33
CA TYR A 158 -2.90 -27.13 -4.52
C TYR A 158 -2.47 -25.67 -4.43
N GLY A 159 -2.09 -25.06 -5.57
CA GLY A 159 -1.75 -23.62 -5.64
C GLY A 159 -0.35 -23.43 -6.12
N THR A 160 0.20 -22.24 -5.93
CA THR A 160 1.50 -21.88 -6.49
C THR A 160 2.61 -22.68 -5.81
N PRO A 161 3.32 -23.56 -6.54
CA PRO A 161 4.40 -24.31 -5.93
C PRO A 161 5.43 -23.38 -5.33
N TRP A 162 6.11 -23.91 -4.33
CA TRP A 162 7.23 -23.18 -3.71
C TRP A 162 8.25 -22.77 -4.79
N SER A 163 8.78 -21.55 -4.65
CA SER A 163 9.89 -21.08 -5.50
C SER A 163 11.14 -21.93 -5.27
N HIS A 164 12.04 -21.94 -6.24
CA HIS A 164 13.36 -22.59 -6.08
C HIS A 164 14.08 -22.03 -4.85
N GLN A 165 14.11 -20.70 -4.67
CA GLN A 165 14.82 -20.13 -3.50
C GLN A 165 14.14 -20.57 -2.22
N ALA A 166 12.81 -20.67 -2.22
CA ALA A 166 12.11 -21.11 -0.99
C ALA A 166 12.49 -22.58 -0.67
N ARG A 167 12.53 -23.42 -1.69
CA ARG A 167 12.95 -24.84 -1.47
C ARG A 167 14.37 -24.95 -0.94
N LEU A 168 15.36 -24.17 -1.42
CA LEU A 168 16.74 -24.20 -0.94
C LEU A 168 16.76 -23.84 0.55
N SER A 169 15.95 -22.85 0.92
CA SER A 169 15.81 -22.42 2.33
C SER A 169 15.18 -23.54 3.17
N GLN A 170 14.15 -24.18 2.66
CA GLN A 170 13.50 -25.30 3.37
C GLN A 170 14.51 -26.41 3.66
N LEU A 171 15.32 -26.79 2.68
CA LEU A 171 16.21 -27.96 2.87
C LEU A 171 17.22 -27.71 3.98
N LYS A 172 17.76 -26.50 4.05
CA LYS A 172 18.70 -26.08 5.11
C LYS A 172 17.98 -26.18 6.46
N PHE A 173 16.74 -25.69 6.50
CA PHE A 173 15.94 -25.70 7.76
C PHE A 173 15.66 -27.15 8.23
N TYR A 174 15.45 -28.06 7.29
CA TYR A 174 15.16 -29.48 7.61
C TYR A 174 16.38 -30.10 8.29
N GLY A 175 17.57 -29.87 7.73
CA GLY A 175 18.84 -30.39 8.26
C GLY A 175 19.04 -29.93 9.71
N LYS A 176 18.75 -28.65 9.98
CA LYS A 176 18.94 -28.10 11.35
C LYS A 176 18.00 -28.75 12.35
N ASN A 177 16.81 -29.17 11.93
CA ASN A 177 15.72 -29.69 12.77
C ASN A 177 15.59 -31.19 12.62
N LYS A 178 16.57 -31.82 11.96
CA LYS A 178 16.64 -33.31 11.90
C LYS A 178 15.46 -33.89 11.15
N MET A 179 14.90 -33.17 10.17
CA MET A 179 13.89 -33.75 9.27
C MET A 179 14.65 -34.35 8.08
N ASN A 180 14.41 -35.63 7.84
CA ASN A 180 15.20 -36.41 6.86
C ASN A 180 14.41 -36.64 5.57
N THR A 181 13.20 -36.07 5.39
CA THR A 181 12.33 -36.40 4.24
C THR A 181 11.77 -35.11 3.64
N TYR A 182 11.91 -34.95 2.32
CA TYR A 182 11.21 -33.88 1.58
C TYR A 182 10.53 -34.56 0.41
N ILE A 183 9.21 -34.63 0.44
CA ILE A 183 8.45 -35.27 -0.64
C ILE A 183 7.97 -34.18 -1.58
N TYR A 184 8.51 -34.19 -2.81
CA TYR A 184 8.18 -33.17 -3.83
C TYR A 184 6.93 -33.65 -4.56
N GLY A 185 5.83 -32.93 -4.44
CA GLY A 185 4.60 -33.30 -5.16
C GLY A 185 3.58 -32.19 -5.27
N PRO A 186 3.95 -31.00 -5.75
CA PRO A 186 2.98 -29.90 -5.86
C PRO A 186 1.91 -30.25 -6.88
N LYS A 187 0.67 -30.21 -6.46
CA LYS A 187 -0.50 -30.64 -7.28
C LYS A 187 -0.48 -29.89 -8.63
N ASP A 188 0.00 -28.67 -8.65
CA ASP A 188 -0.10 -27.83 -9.89
C ASP A 188 1.21 -27.79 -10.67
N ASP A 189 2.18 -28.65 -10.36
CA ASP A 189 3.35 -28.86 -11.23
C ASP A 189 2.93 -29.78 -12.38
N PRO A 190 2.86 -29.29 -13.64
CA PRO A 190 2.35 -30.11 -14.74
C PRO A 190 3.21 -31.34 -15.08
N TYR A 191 4.46 -31.37 -14.64
CA TYR A 191 5.37 -32.54 -14.86
C TYR A 191 5.26 -33.54 -13.70
N HIS A 192 4.48 -33.21 -12.67
CA HIS A 192 4.16 -34.09 -11.54
C HIS A 192 2.81 -34.76 -11.78
N SER A 193 1.84 -34.00 -12.30
CA SER A 193 0.45 -34.45 -12.41
C SER A 193 -0.05 -34.40 -13.88
N ALA A 194 -1.38 -34.22 -13.98
N ALA A 194 -1.30 -34.71 -14.22
CA ALA A 194 -2.12 -33.71 -15.15
CA ALA A 194 -1.72 -35.01 -15.62
C ALA A 194 -1.45 -32.43 -15.64
C ALA A 194 -1.88 -33.73 -16.46
N PRO A 195 -1.18 -32.37 -16.97
N PRO A 195 -1.59 -33.77 -17.78
CA PRO A 195 -1.25 -33.54 -17.86
CA PRO A 195 -1.03 -34.94 -18.44
C PRO A 195 -0.03 -34.24 -18.48
C PRO A 195 0.49 -34.92 -18.52
N ASN A 196 1.18 -33.85 -18.06
CA ASN A 196 2.56 -33.90 -18.53
C ASN A 196 3.45 -34.71 -17.59
N TRP A 197 2.88 -35.48 -16.67
CA TRP A 197 3.69 -36.41 -15.84
C TRP A 197 4.52 -37.35 -16.75
N ARG A 198 4.05 -37.56 -17.98
CA ARG A 198 4.76 -38.46 -18.93
C ARG A 198 6.02 -37.79 -19.44
N LEU A 199 6.14 -36.45 -19.34
CA LEU A 199 7.22 -35.72 -20.04
C LEU A 199 8.37 -35.47 -19.08
N PRO A 200 9.62 -35.54 -19.55
CA PRO A 200 10.76 -35.12 -18.76
C PRO A 200 10.62 -33.62 -18.46
N TYR A 201 11.14 -33.19 -17.32
CA TYR A 201 11.24 -31.74 -17.00
C TYR A 201 12.05 -31.06 -18.10
N PRO A 202 11.64 -29.86 -18.53
CA PRO A 202 12.50 -29.03 -19.37
C PRO A 202 13.86 -28.75 -18.70
N ASP A 203 14.88 -28.40 -19.49
CA ASP A 203 16.27 -28.26 -19.04
C ASP A 203 16.36 -27.33 -17.82
N LYS A 204 15.63 -26.22 -17.83
CA LYS A 204 15.74 -25.20 -16.75
C LYS A 204 15.35 -25.84 -15.41
N GLU A 205 14.16 -26.41 -15.40
CA GLU A 205 13.53 -27.06 -14.22
C GLU A 205 14.40 -28.27 -13.83
N ALA A 206 14.88 -29.04 -14.80
CA ALA A 206 15.68 -30.23 -14.50
C ALA A 206 16.96 -29.81 -13.79
N ALA A 207 17.60 -28.72 -14.21
CA ALA A 207 18.82 -28.24 -13.57
C ALA A 207 18.48 -27.79 -12.13
N GLN A 208 17.34 -27.17 -11.96
CA GLN A 208 16.92 -26.72 -10.60
C GLN A 208 16.73 -27.98 -9.72
N LEU A 209 16.02 -28.99 -10.22
CA LEU A 209 15.77 -30.22 -9.42
C LEU A 209 17.12 -30.85 -9.07
N GLN A 210 18.05 -30.88 -10.01
CA GLN A 210 19.37 -31.48 -9.74
C GLN A 210 20.05 -30.72 -8.58
N GLU A 211 19.92 -29.39 -8.57
CA GLU A 211 20.51 -28.60 -7.49
C GLU A 211 19.76 -28.90 -6.19
N LEU A 212 18.44 -28.97 -6.22
CA LEU A 212 17.69 -29.27 -4.95
C LEU A 212 18.15 -30.61 -4.40
N VAL A 213 18.30 -31.61 -5.25
CA VAL A 213 18.76 -32.96 -4.80
C VAL A 213 20.13 -32.84 -4.16
N ALA A 214 21.08 -32.12 -4.75
CA ALA A 214 22.43 -31.97 -4.17
C ALA A 214 22.36 -31.27 -2.82
N VAL A 215 21.54 -30.23 -2.72
CA VAL A 215 21.37 -29.48 -1.44
C VAL A 215 20.68 -30.40 -0.41
N ALA A 216 19.67 -31.17 -0.79
CA ALA A 216 18.99 -32.13 0.12
C ALA A 216 20.04 -33.11 0.66
N ASN A 217 20.86 -33.67 -0.22
CA ASN A 217 21.92 -34.62 0.23
C ASN A 217 22.87 -33.95 1.23
N GLU A 218 23.29 -32.71 0.98
CA GLU A 218 24.24 -31.96 1.85
C GLU A 218 23.59 -31.65 3.20
N ASN A 219 22.25 -31.69 3.31
CA ASN A 219 21.54 -31.42 4.59
C ASN A 219 20.93 -32.72 5.13
N GLU A 220 21.38 -33.89 4.62
CA GLU A 220 20.94 -35.20 5.13
C GLU A 220 19.42 -35.32 5.01
N VAL A 221 18.86 -34.83 3.90
CA VAL A 221 17.43 -35.00 3.59
C VAL A 221 17.28 -35.92 2.38
N ASP A 222 16.39 -36.88 2.46
CA ASP A 222 15.96 -37.70 1.32
C ASP A 222 15.00 -36.91 0.45
N PHE A 223 15.40 -36.57 -0.77
CA PHE A 223 14.50 -35.90 -1.76
C PHE A 223 13.67 -37.03 -2.36
N VAL A 224 12.37 -37.02 -2.12
CA VAL A 224 11.47 -38.08 -2.63
C VAL A 224 10.69 -37.45 -3.76
N TRP A 225 10.96 -37.84 -5.00
CA TRP A 225 10.16 -37.27 -6.11
C TRP A 225 8.88 -38.08 -6.30
N ALA A 226 7.73 -37.41 -6.24
CA ALA A 226 6.44 -38.07 -6.41
C ALA A 226 5.89 -37.80 -7.80
N ILE A 227 5.06 -38.71 -8.26
CA ILE A 227 4.32 -38.55 -9.54
C ILE A 227 2.86 -38.79 -9.23
N HIS A 228 1.96 -38.13 -9.95
CA HIS A 228 0.51 -38.15 -9.70
C HIS A 228 -0.18 -38.43 -11.02
N PRO A 229 -0.19 -39.70 -11.48
CA PRO A 229 -0.54 -40.02 -12.86
C PRO A 229 -1.97 -40.51 -13.04
N GLY A 230 -2.68 -40.59 -11.93
CA GLY A 230 -3.91 -41.40 -11.81
C GLY A 230 -5.06 -40.89 -12.64
N GLN A 231 -5.16 -39.61 -12.94
CA GLN A 231 -6.41 -39.08 -13.54
C GLN A 231 -6.53 -39.57 -14.98
N ASP A 232 -5.42 -39.78 -15.65
CA ASP A 232 -5.45 -40.21 -17.08
C ASP A 232 -4.58 -41.43 -17.33
N ILE A 233 -4.04 -42.10 -16.31
CA ILE A 233 -3.20 -43.32 -16.56
C ILE A 233 -4.04 -44.41 -17.27
N LYS A 234 -3.44 -45.04 -18.28
CA LYS A 234 -3.97 -46.27 -18.88
C LYS A 234 -3.22 -47.42 -18.22
N TRP A 235 -3.93 -48.48 -17.86
CA TRP A 235 -3.27 -49.69 -17.32
C TRP A 235 -2.76 -50.53 -18.51
N ASN A 236 -1.76 -50.01 -19.20
CA ASN A 236 -1.17 -50.64 -20.40
C ASN A 236 0.34 -50.47 -20.34
N LYS A 237 1.01 -51.09 -21.29
CA LYS A 237 2.47 -51.06 -21.39
C LYS A 237 2.95 -49.65 -21.68
N GLU A 238 2.25 -48.91 -22.57
CA GLU A 238 2.72 -47.58 -22.97
C GLU A 238 2.92 -46.70 -21.72
N ASP A 239 1.93 -46.66 -20.85
CA ASP A 239 1.94 -45.69 -19.71
C ASP A 239 2.85 -46.23 -18.60
N ARG A 240 2.86 -47.54 -18.41
CA ARG A 240 3.80 -48.16 -17.44
C ARG A 240 5.21 -47.77 -17.85
N ASP A 241 5.56 -47.89 -19.15
CA ASP A 241 6.95 -47.60 -19.57
C ASP A 241 7.22 -46.12 -19.42
N LEU A 242 6.25 -45.27 -19.74
CA LEU A 242 6.52 -43.81 -19.66
C LEU A 242 6.72 -43.45 -18.18
N LEU A 243 5.98 -44.10 -17.30
CA LEU A 243 6.18 -43.78 -15.84
C LEU A 243 7.59 -44.20 -15.45
N LEU A 244 8.03 -45.42 -15.81
CA LEU A 244 9.40 -45.85 -15.46
C LEU A 244 10.45 -44.99 -16.15
N ALA A 245 10.20 -44.54 -17.39
CA ALA A 245 11.16 -43.67 -18.10
C ALA A 245 11.32 -42.33 -17.39
N LYS A 246 10.23 -41.83 -16.84
CA LYS A 246 10.23 -40.55 -16.09
C LYS A 246 11.02 -40.75 -14.79
N PHE A 247 10.78 -41.84 -14.07
CA PHE A 247 11.57 -42.20 -12.87
C PHE A 247 13.06 -42.30 -13.23
N GLU A 248 13.40 -42.93 -14.37
CA GLU A 248 14.82 -43.09 -14.76
C GLU A 248 15.41 -41.69 -14.99
N LYS A 249 14.67 -40.77 -15.62
CA LYS A 249 15.18 -39.39 -15.84
CA LYS A 249 15.18 -39.39 -15.84
C LYS A 249 15.39 -38.72 -14.47
N MET A 250 14.46 -38.92 -13.55
CA MET A 250 14.67 -38.29 -12.22
C MET A 250 15.89 -38.89 -11.52
N TYR A 251 16.10 -40.21 -11.67
CA TYR A 251 17.29 -40.90 -11.10
C TYR A 251 18.54 -40.24 -11.70
N GLN A 252 18.51 -39.95 -13.01
CA GLN A 252 19.68 -39.31 -13.68
C GLN A 252 19.93 -37.92 -13.11
N LEU A 253 18.91 -37.28 -12.53
CA LEU A 253 19.07 -35.95 -11.88
C LEU A 253 19.53 -36.08 -10.42
N GLY A 254 19.65 -37.31 -9.90
CA GLY A 254 20.17 -37.60 -8.57
C GLY A 254 19.11 -38.11 -7.60
N VAL A 255 17.86 -38.16 -8.03
CA VAL A 255 16.76 -38.60 -7.12
C VAL A 255 16.97 -40.08 -6.74
N ARG A 256 16.88 -40.39 -5.45
CA ARG A 256 17.08 -41.77 -4.97
C ARG A 256 15.90 -42.24 -4.11
N SER A 257 14.82 -41.46 -4.02
CA SER A 257 13.55 -41.92 -3.39
C SER A 257 12.39 -41.48 -4.27
N PHE A 258 11.33 -42.25 -4.31
CA PHE A 258 10.24 -42.13 -5.29
C PHE A 258 8.90 -42.35 -4.63
N ALA A 259 7.87 -41.71 -5.15
CA ALA A 259 6.50 -41.89 -4.71
C ALA A 259 5.53 -41.85 -5.88
N VAL A 260 4.45 -42.58 -5.74
CA VAL A 260 3.32 -42.55 -6.66
C VAL A 260 2.08 -42.20 -5.87
N PHE A 261 1.44 -41.09 -6.27
CA PHE A 261 0.23 -40.61 -5.58
C PHE A 261 -1.02 -40.87 -6.39
N PHE A 262 -2.06 -41.43 -5.75
CA PHE A 262 -3.35 -41.69 -6.43
C PHE A 262 -4.50 -40.96 -5.73
N ASP A 263 -4.20 -39.83 -5.11
CA ASP A 263 -5.19 -39.07 -4.31
C ASP A 263 -5.98 -38.10 -5.21
N ASP A 264 -7.23 -37.85 -4.86
CA ASP A 264 -8.04 -36.79 -5.52
C ASP A 264 -8.14 -37.04 -7.03
N ILE A 265 -8.44 -38.27 -7.42
CA ILE A 265 -8.61 -38.67 -8.84
C ILE A 265 -9.94 -39.42 -8.93
N SER A 266 -10.45 -39.54 -10.15
CA SER A 266 -11.59 -40.43 -10.45
C SER A 266 -11.23 -41.32 -11.63
N GLY A 267 -12.02 -42.37 -11.84
CA GLY A 267 -11.90 -43.21 -13.03
C GLY A 267 -11.04 -44.44 -12.76
N GLU A 268 -10.52 -45.02 -13.83
CA GLU A 268 -9.86 -46.36 -13.78
C GLU A 268 -8.60 -46.28 -12.93
N GLY A 269 -8.01 -45.09 -12.79
CA GLY A 269 -6.75 -44.92 -12.05
C GLY A 269 -6.91 -45.20 -10.56
N THR A 270 -8.14 -45.34 -10.07
CA THR A 270 -8.50 -45.65 -8.66
C THR A 270 -8.48 -47.18 -8.41
N ASN A 271 -8.14 -48.00 -9.40
CA ASN A 271 -8.22 -49.49 -9.23
C ASN A 271 -7.09 -49.96 -8.31
N PRO A 272 -7.39 -50.48 -7.10
CA PRO A 272 -6.35 -50.82 -6.14
C PRO A 272 -5.47 -51.98 -6.59
N GLN A 273 -6.04 -52.96 -7.30
CA GLN A 273 -5.21 -54.09 -7.78
C GLN A 273 -4.19 -53.56 -8.78
N LYS A 274 -4.59 -52.67 -9.68
CA LYS A 274 -3.67 -52.13 -10.71
C LYS A 274 -2.63 -51.21 -10.06
N GLN A 275 -3.05 -50.44 -9.07
CA GLN A 275 -2.11 -49.57 -8.32
C GLN A 275 -1.03 -50.43 -7.69
N ALA A 276 -1.44 -51.48 -6.99
CA ALA A 276 -0.50 -52.37 -6.28
C ALA A 276 0.42 -53.03 -7.30
N GLU A 277 -0.13 -53.49 -8.42
CA GLU A 277 0.70 -54.16 -9.46
C GLU A 277 1.75 -53.19 -10.00
N LEU A 278 1.35 -51.94 -10.25
CA LEU A 278 2.31 -50.92 -10.72
C LEU A 278 3.40 -50.68 -9.68
N LEU A 279 3.02 -50.45 -8.41
CA LEU A 279 4.04 -50.16 -7.38
C LEU A 279 4.99 -51.35 -7.24
N ASN A 280 4.49 -52.57 -7.35
CA ASN A 280 5.34 -53.76 -7.11
C ASN A 280 6.27 -53.92 -8.32
N TYR A 281 5.80 -53.56 -9.51
CA TYR A 281 6.63 -53.55 -10.73
C TYR A 281 7.75 -52.54 -10.56
N ILE A 282 7.40 -51.32 -10.12
CA ILE A 282 8.44 -50.29 -9.88
C ILE A 282 9.45 -50.87 -8.89
N ASP A 283 8.97 -51.49 -7.81
CA ASP A 283 9.81 -52.05 -6.74
C ASP A 283 10.78 -53.08 -7.36
N GLU A 284 10.25 -54.02 -8.09
CA GLU A 284 11.02 -55.23 -8.50
C GLU A 284 11.92 -54.89 -9.69
N LYS A 285 11.51 -53.96 -10.55
CA LYS A 285 12.25 -53.64 -11.79
C LYS A 285 13.11 -52.39 -11.66
N PHE A 286 12.88 -51.56 -10.64
CA PHE A 286 13.61 -50.27 -10.50
C PHE A 286 14.15 -50.11 -9.07
N ALA A 287 13.27 -50.01 -8.07
CA ALA A 287 13.67 -49.68 -6.69
C ALA A 287 14.67 -50.70 -6.15
N GLN A 288 14.45 -51.98 -6.43
CA GLN A 288 15.36 -53.07 -5.95
C GLN A 288 16.48 -53.35 -6.96
N VAL A 289 16.50 -52.78 -8.17
CA VAL A 289 17.54 -53.00 -9.21
C VAL A 289 18.64 -51.94 -9.11
N LYS A 290 18.33 -50.67 -8.94
CA LYS A 290 19.37 -49.68 -8.63
C LYS A 290 20.05 -50.09 -7.32
N PRO A 291 21.35 -49.73 -7.15
CA PRO A 291 22.07 -50.07 -5.93
C PRO A 291 21.63 -49.24 -4.73
N ASP A 292 20.97 -48.09 -4.95
CA ASP A 292 20.94 -47.02 -3.92
C ASP A 292 19.60 -46.28 -3.85
N ILE A 293 18.47 -46.95 -4.06
CA ILE A 293 17.15 -46.31 -3.87
C ILE A 293 16.73 -46.52 -2.42
N ASN A 294 16.25 -45.47 -1.77
CA ASN A 294 15.92 -45.51 -0.32
C ASN A 294 14.41 -45.72 -0.17
N GLN A 295 13.58 -44.68 -0.26
CA GLN A 295 12.12 -44.78 0.02
C GLN A 295 11.34 -45.05 -1.26
N LEU A 296 10.35 -45.91 -1.19
CA LEU A 296 9.30 -46.08 -2.22
C LEU A 296 7.97 -45.98 -1.52
N VAL A 297 7.19 -44.97 -1.87
CA VAL A 297 6.00 -44.53 -1.10
C VAL A 297 4.81 -44.45 -2.01
N MET A 298 3.61 -44.82 -1.58
CA MET A 298 2.43 -44.55 -2.43
C MET A 298 1.38 -43.85 -1.59
N CYS A 299 0.61 -42.93 -2.21
CA CYS A 299 -0.56 -42.32 -1.56
C CYS A 299 -1.80 -42.95 -2.16
N PRO A 300 -2.62 -43.59 -1.32
CA PRO A 300 -3.81 -44.23 -1.85
C PRO A 300 -4.88 -43.24 -2.29
N THR A 301 -5.84 -43.74 -3.09
CA THR A 301 -7.08 -43.03 -3.47
C THR A 301 -7.96 -42.82 -2.23
N GLU A 302 -8.15 -43.86 -1.43
CA GLU A 302 -8.80 -43.77 -0.11
C GLU A 302 -7.72 -43.47 0.91
N TYR A 303 -7.47 -42.18 1.16
CA TYR A 303 -6.31 -41.73 1.99
C TYR A 303 -6.76 -41.24 3.38
N ASN A 304 -8.07 -41.39 3.69
CA ASN A 304 -8.59 -41.05 5.03
C ASN A 304 -9.80 -41.94 5.26
N LYS A 305 -10.16 -42.09 6.52
CA LYS A 305 -11.18 -43.08 6.92
C LYS A 305 -12.54 -42.68 6.37
N SER A 306 -12.88 -41.40 6.41
CA SER A 306 -14.22 -40.92 5.98
C SER A 306 -14.47 -41.24 4.50
N TRP A 307 -13.47 -41.07 3.63
CA TRP A 307 -13.65 -41.28 2.18
C TRP A 307 -13.31 -42.73 1.81
N SER A 308 -13.14 -43.60 2.79
CA SER A 308 -12.89 -45.04 2.59
C SER A 308 -14.25 -45.74 2.51
N ASN A 309 -14.42 -46.64 1.54
CA ASN A 309 -15.64 -47.41 1.19
CA ASN A 309 -15.77 -47.22 1.34
C ASN A 309 -15.91 -48.43 2.27
N PRO A 310 -17.06 -48.53 2.97
CA PRO A 310 -17.23 -49.50 4.05
C PRO A 310 -16.95 -51.01 3.86
N ASN A 311 -17.07 -51.57 2.65
CA ASN A 311 -16.61 -52.96 2.37
C ASN A 311 -15.11 -53.14 2.74
N GLY A 312 -14.32 -52.04 2.82
CA GLY A 312 -12.92 -52.05 3.30
C GLY A 312 -11.96 -52.66 2.30
N ASN A 313 -12.48 -53.05 1.12
CA ASN A 313 -11.82 -53.89 0.09
C ASN A 313 -10.69 -53.09 -0.56
N TYR A 314 -10.92 -51.80 -0.86
CA TYR A 314 -9.84 -50.98 -1.44
C TYR A 314 -8.58 -51.11 -0.56
N LEU A 315 -8.71 -50.83 0.75
CA LEU A 315 -7.49 -50.70 1.58
C LEU A 315 -6.92 -52.09 1.82
N THR A 316 -7.78 -53.11 2.02
CA THR A 316 -7.23 -54.47 2.34
C THR A 316 -6.58 -55.03 1.07
N THR A 317 -7.06 -54.70 -0.12
CA THR A 317 -6.40 -55.05 -1.40
C THR A 317 -4.98 -54.47 -1.42
N LEU A 318 -4.83 -53.17 -1.15
CA LEU A 318 -3.45 -52.59 -1.06
C LEU A 318 -2.64 -53.29 0.02
N GLY A 319 -3.22 -53.45 1.20
CA GLY A 319 -2.49 -54.01 2.34
C GLY A 319 -1.92 -55.36 1.97
N ASP A 320 -2.73 -56.18 1.31
CA ASP A 320 -2.43 -57.62 1.08
C ASP A 320 -1.56 -57.72 -0.17
N LYS A 321 -1.67 -56.81 -1.16
CA LYS A 321 -0.97 -57.00 -2.46
C LYS A 321 0.31 -56.17 -2.55
N LEU A 322 0.34 -54.97 -1.96
CA LEU A 322 1.55 -54.13 -2.08
C LEU A 322 2.71 -54.79 -1.32
N ASN A 323 3.89 -54.87 -1.94
CA ASN A 323 5.10 -55.41 -1.30
C ASN A 323 5.25 -54.69 0.03
N PRO A 324 5.59 -55.39 1.11
CA PRO A 324 5.59 -54.75 2.44
C PRO A 324 6.60 -53.62 2.67
N SER A 325 7.70 -53.56 1.94
CA SER A 325 8.67 -52.45 2.13
C SER A 325 8.04 -51.12 1.65
N ILE A 326 7.04 -51.18 0.81
CA ILE A 326 6.41 -49.97 0.20
C ILE A 326 5.61 -49.28 1.29
N GLN A 327 5.75 -47.95 1.38
CA GLN A 327 4.99 -47.16 2.37
C GLN A 327 3.62 -46.80 1.80
N ILE A 328 2.63 -46.69 2.70
CA ILE A 328 1.26 -46.28 2.31
C ILE A 328 0.93 -45.05 3.15
N MET A 329 0.61 -43.93 2.48
CA MET A 329 0.32 -42.67 3.20
C MET A 329 -1.14 -42.59 3.67
N TRP A 330 -1.40 -41.70 4.64
CA TRP A 330 -2.70 -41.64 5.32
C TRP A 330 -2.83 -40.26 5.94
N THR A 331 -3.98 -39.66 5.80
CA THR A 331 -4.21 -38.30 6.36
C THR A 331 -5.04 -38.35 7.63
N GLY A 332 -5.46 -39.54 8.09
CA GLY A 332 -6.21 -39.62 9.34
C GLY A 332 -7.66 -39.96 9.09
N ASP A 333 -8.53 -39.54 9.98
CA ASP A 333 -9.96 -39.97 9.92
C ASP A 333 -10.75 -39.19 8.90
N ARG A 334 -10.23 -38.05 8.46
CA ARG A 334 -10.86 -37.18 7.43
CA ARG A 334 -10.84 -37.08 7.51
C ARG A 334 -9.74 -36.57 6.56
N VAL A 335 -10.13 -35.93 5.46
CA VAL A 335 -9.15 -35.23 4.58
C VAL A 335 -8.22 -34.39 5.45
N ILE A 336 -8.76 -33.58 6.37
CA ILE A 336 -7.96 -32.75 7.31
C ILE A 336 -8.26 -33.29 8.71
N SER A 337 -7.28 -33.88 9.34
CA SER A 337 -7.49 -34.44 10.70
CA SER A 337 -7.45 -34.62 10.61
C SER A 337 -6.18 -34.61 11.44
N ASP A 338 -6.32 -34.69 12.76
CA ASP A 338 -5.20 -34.97 13.66
C ASP A 338 -5.15 -36.50 13.84
N ILE A 339 -4.00 -37.02 14.20
CA ILE A 339 -3.78 -38.49 14.22
C ILE A 339 -4.03 -38.94 15.67
N THR A 340 -4.93 -39.90 15.82
CA THR A 340 -5.28 -40.50 17.14
C THR A 340 -4.76 -41.94 17.20
N ARG A 341 -4.69 -42.47 18.42
CA ARG A 341 -4.39 -43.92 18.58
C ARG A 341 -5.46 -44.78 17.88
N ASP A 342 -6.75 -44.50 18.10
CA ASP A 342 -7.83 -45.30 17.46
C ASP A 342 -7.71 -45.16 15.95
N GLY A 343 -7.49 -43.96 15.44
CA GLY A 343 -7.44 -43.75 13.98
C GLY A 343 -6.29 -44.48 13.34
N ILE A 344 -5.14 -44.48 13.97
CA ILE A 344 -3.94 -45.10 13.32
C ILE A 344 -4.04 -46.61 13.47
N SER A 345 -4.63 -47.08 14.56
CA SER A 345 -4.91 -48.53 14.71
C SER A 345 -5.86 -48.98 13.61
N TRP A 346 -6.86 -48.19 13.28
CA TRP A 346 -7.87 -48.52 12.26
C TRP A 346 -7.19 -48.75 10.91
N ILE A 347 -6.30 -47.83 10.51
CA ILE A 347 -5.70 -47.95 9.16
C ILE A 347 -4.71 -49.12 9.17
N ASN A 348 -3.91 -49.22 10.22
CA ASN A 348 -2.75 -50.13 10.28
C ASN A 348 -3.28 -51.56 10.13
N GLU A 349 -4.47 -51.82 10.69
CA GLU A 349 -5.10 -53.17 10.62
C GLU A 349 -5.44 -53.53 9.19
N ARG A 350 -5.75 -52.56 8.34
CA ARG A 350 -6.16 -52.81 6.95
C ARG A 350 -4.95 -52.83 6.02
N ILE A 351 -3.96 -51.95 6.21
CA ILE A 351 -2.81 -51.89 5.25
C ILE A 351 -1.66 -52.81 5.69
N LYS A 352 -1.78 -53.46 6.85
CA LYS A 352 -0.84 -54.51 7.32
C LYS A 352 0.57 -53.96 7.44
N ARG A 353 0.70 -52.65 7.76
CA ARG A 353 2.01 -52.04 8.03
C ARG A 353 1.72 -50.74 8.76
N PRO A 354 2.71 -50.09 9.36
CA PRO A 354 2.45 -48.80 10.03
C PRO A 354 2.29 -47.69 8.96
N ALA A 355 1.17 -46.99 9.05
CA ALA A 355 0.85 -45.85 8.15
C ALA A 355 1.98 -44.82 8.13
N TYR A 356 2.14 -44.24 6.95
CA TYR A 356 3.13 -43.14 6.73
C TYR A 356 2.29 -41.86 6.71
N ILE A 357 2.25 -41.16 7.83
CA ILE A 357 1.23 -40.07 7.97
C ILE A 357 1.56 -38.89 7.03
N TRP A 358 0.55 -38.45 6.31
CA TRP A 358 0.47 -37.15 5.57
C TRP A 358 -0.42 -36.27 6.40
N TRP A 359 0.12 -35.33 7.17
CA TRP A 359 -0.67 -34.49 8.08
C TRP A 359 -1.01 -33.17 7.38
N ASN A 360 -2.26 -32.94 7.12
CA ASN A 360 -2.76 -31.76 6.35
C ASN A 360 -2.90 -30.56 7.29
N PHE A 361 -1.79 -30.14 7.81
CA PHE A 361 -1.67 -28.85 8.50
C PHE A 361 -0.21 -28.48 8.35
N PRO A 362 0.19 -27.21 8.07
CA PRO A 362 -0.70 -26.04 7.93
C PRO A 362 -1.22 -25.71 6.52
N VAL A 363 -1.34 -26.71 5.65
CA VAL A 363 -1.89 -26.52 4.29
C VAL A 363 -3.17 -25.65 4.37
N SER A 364 -3.20 -24.60 3.56
CA SER A 364 -4.28 -23.60 3.56
C SER A 364 -4.95 -23.53 2.18
N ASP A 365 -4.79 -24.54 1.33
CA ASP A 365 -5.16 -24.44 -0.11
C ASP A 365 -6.67 -24.45 -0.29
N TYR A 366 -7.45 -24.65 0.79
CA TYR A 366 -8.93 -24.64 0.80
C TYR A 366 -9.42 -23.45 1.64
N VAL A 367 -8.51 -22.72 2.27
CA VAL A 367 -8.77 -21.48 3.05
C VAL A 367 -7.69 -20.45 2.68
N ARG A 368 -7.55 -20.17 1.36
CA ARG A 368 -6.36 -19.42 0.89
C ARG A 368 -6.39 -17.95 1.34
N ASP A 369 -7.48 -17.51 1.94
CA ASP A 369 -7.58 -16.12 2.49
C ASP A 369 -7.09 -16.07 3.95
N HIS A 370 -6.62 -17.18 4.53
CA HIS A 370 -6.13 -17.24 5.91
C HIS A 370 -4.66 -17.67 5.98
N LEU A 371 -3.91 -17.11 6.88
CA LEU A 371 -2.60 -17.66 7.28
C LEU A 371 -2.84 -18.59 8.49
N LEU A 372 -2.11 -19.73 8.58
CA LEU A 372 -2.26 -20.68 9.71
C LEU A 372 -0.93 -20.74 10.45
N LEU A 373 -0.76 -19.83 11.43
CA LEU A 373 0.54 -19.59 12.06
C LEU A 373 0.57 -20.05 13.50
N GLY A 374 -0.45 -20.80 13.90
CA GLY A 374 -0.56 -21.28 15.29
C GLY A 374 0.26 -22.53 15.54
N PRO A 375 0.24 -22.98 16.81
CA PRO A 375 1.03 -24.15 17.24
C PRO A 375 0.48 -25.41 16.56
N VAL A 376 1.33 -26.40 16.61
CA VAL A 376 1.05 -27.78 16.13
C VAL A 376 0.56 -28.61 17.32
N TYR A 377 -0.67 -29.12 17.23
CA TYR A 377 -1.24 -29.90 18.35
C TYR A 377 -2.31 -30.81 17.80
N GLY A 378 -2.68 -31.80 18.64
CA GLY A 378 -3.84 -32.64 18.31
C GLY A 378 -3.42 -34.07 18.00
N ASN A 379 -2.15 -34.30 17.75
CA ASN A 379 -1.62 -35.63 17.35
C ASN A 379 -1.18 -36.35 18.62
N ASP A 380 -1.58 -37.60 18.75
CA ASP A 380 -1.23 -38.42 19.93
C ASP A 380 0.29 -38.51 20.02
N THR A 381 0.81 -38.37 21.23
CA THR A 381 2.25 -38.34 21.51
C THR A 381 2.82 -39.70 21.91
N THR A 382 2.00 -40.75 21.82
CA THR A 382 2.33 -42.10 22.36
C THR A 382 2.38 -43.14 21.23
N ILE A 383 2.19 -42.72 19.97
CA ILE A 383 1.94 -43.67 18.84
C ILE A 383 3.11 -43.76 17.86
N ALA A 384 4.31 -43.35 18.25
CA ALA A 384 5.49 -43.40 17.36
C ALA A 384 5.65 -44.79 16.74
N LYS A 385 5.45 -45.86 17.51
CA LYS A 385 5.69 -47.24 16.98
C LYS A 385 4.63 -47.57 15.93
N GLU A 386 3.52 -46.85 15.86
CA GLU A 386 2.41 -47.14 14.93
C GLU A 386 2.56 -46.40 13.61
N MET A 387 3.60 -45.60 13.43
CA MET A 387 3.75 -44.87 12.14
CA MET A 387 3.82 -44.75 12.22
C MET A 387 5.15 -45.12 11.55
N SER A 388 5.18 -45.35 10.23
CA SER A 388 6.40 -45.46 9.42
C SER A 388 7.05 -44.11 9.18
N GLY A 389 6.21 -43.08 9.18
CA GLY A 389 6.71 -41.75 8.87
C GLY A 389 5.66 -40.73 9.27
N PHE A 390 6.07 -39.46 9.25
CA PHE A 390 5.17 -38.34 9.54
C PHE A 390 5.68 -37.12 8.79
N VAL A 391 4.92 -36.69 7.82
CA VAL A 391 5.24 -35.48 7.04
C VAL A 391 4.07 -34.51 7.16
N THR A 392 4.41 -33.24 7.12
CA THR A 392 3.42 -32.13 7.07
C THR A 392 3.26 -31.61 5.63
N ASN A 393 2.03 -31.36 5.24
CA ASN A 393 1.66 -30.67 3.99
C ASN A 393 1.47 -29.22 4.40
N PRO A 394 2.36 -28.32 3.97
CA PRO A 394 2.31 -26.93 4.43
C PRO A 394 1.52 -25.96 3.55
N MET A 395 1.61 -24.67 3.93
CA MET A 395 0.98 -23.62 3.09
C MET A 395 1.82 -23.41 1.81
N GLU A 396 1.23 -22.72 0.83
CA GLU A 396 2.02 -22.23 -0.33
C GLU A 396 3.01 -21.15 0.14
N HIS A 397 2.85 -20.59 1.35
CA HIS A 397 3.78 -19.62 1.98
C HIS A 397 4.86 -20.41 2.69
N ALA A 398 6.00 -20.61 2.05
CA ALA A 398 7.05 -21.53 2.54
C ALA A 398 7.62 -21.04 3.87
N GLU A 399 8.06 -19.77 3.92
CA GLU A 399 8.71 -19.32 5.17
C GLU A 399 7.72 -19.32 6.33
N SER A 400 6.48 -18.89 6.07
CA SER A 400 5.37 -18.84 7.08
C SER A 400 5.12 -20.24 7.68
N SER A 401 5.33 -21.26 6.86
CA SER A 401 5.08 -22.66 7.26
C SER A 401 6.17 -23.14 8.20
N LYS A 402 7.29 -22.42 8.35
CA LYS A 402 8.42 -22.90 9.17
C LYS A 402 7.97 -23.06 10.63
N ILE A 403 6.96 -22.30 11.04
CA ILE A 403 6.52 -22.39 12.46
C ILE A 403 6.01 -23.82 12.69
N ALA A 404 5.09 -24.27 11.85
CA ALA A 404 4.53 -25.62 11.91
C ALA A 404 5.64 -26.64 11.62
N ILE A 405 6.49 -26.40 10.62
CA ILE A 405 7.51 -27.41 10.21
C ILE A 405 8.46 -27.66 11.36
N TYR A 406 8.97 -26.62 12.01
CA TYR A 406 9.85 -26.72 13.20
C TYR A 406 9.15 -27.56 14.28
N SER A 407 7.86 -27.35 14.45
CA SER A 407 7.05 -27.99 15.50
C SER A 407 6.83 -29.47 15.15
N VAL A 408 6.54 -29.76 13.89
CA VAL A 408 6.42 -31.17 13.43
C VAL A 408 7.78 -31.87 13.59
N ALA A 409 8.90 -31.23 13.28
CA ALA A 409 10.23 -31.83 13.43
C ALA A 409 10.43 -32.25 14.89
N SER A 410 10.09 -31.35 15.81
CA SER A 410 10.22 -31.62 17.26
C SER A 410 9.32 -32.80 17.63
N TYR A 411 8.06 -32.78 17.25
CA TYR A 411 7.06 -33.82 17.56
C TYR A 411 7.54 -35.18 17.05
N ALA A 412 7.98 -35.20 15.80
CA ALA A 412 8.29 -36.49 15.14
C ALA A 412 9.54 -37.09 15.74
N TRP A 413 10.53 -36.27 16.12
CA TRP A 413 11.79 -36.79 16.69
C TRP A 413 11.53 -37.29 18.12
N ASN A 414 10.81 -36.53 18.93
CA ASN A 414 10.60 -36.91 20.37
C ASN A 414 9.17 -36.63 20.77
N PRO A 415 8.20 -37.41 20.32
CA PRO A 415 6.82 -37.15 20.63
C PRO A 415 6.54 -37.24 22.12
N ALA A 416 7.24 -38.10 22.86
CA ALA A 416 6.95 -38.27 24.30
C ALA A 416 7.20 -36.97 25.08
N LYS A 417 8.13 -36.14 24.63
CA LYS A 417 8.45 -34.85 25.30
C LYS A 417 7.85 -33.66 24.52
N TYR A 418 7.04 -33.90 23.51
CA TYR A 418 6.56 -32.77 22.64
C TYR A 418 5.75 -31.78 23.49
N ASP A 419 6.22 -30.53 23.49
CA ASP A 419 5.63 -29.38 24.22
C ASP A 419 5.14 -28.41 23.15
N THR A 420 3.87 -28.47 22.85
CA THR A 420 3.25 -27.67 21.77
CA THR A 420 3.29 -27.68 21.74
C THR A 420 3.62 -26.20 21.94
N TRP A 421 3.34 -25.62 23.11
CA TRP A 421 3.39 -24.14 23.20
C TRP A 421 4.85 -23.69 23.24
N GLN A 422 5.73 -24.37 23.95
CA GLN A 422 7.13 -23.93 24.02
C GLN A 422 7.74 -24.09 22.61
N THR A 423 7.39 -25.16 21.92
CA THR A 423 7.97 -25.42 20.58
C THR A 423 7.52 -24.31 19.61
N TRP A 424 6.26 -23.90 19.72
CA TRP A 424 5.73 -22.76 18.91
C TRP A 424 6.57 -21.51 19.17
N LYS A 425 6.79 -21.20 20.44
CA LYS A 425 7.62 -20.02 20.79
C LYS A 425 9.03 -20.18 20.27
N ASP A 426 9.64 -21.36 20.44
CA ASP A 426 11.02 -21.61 19.98
C ASP A 426 11.09 -21.42 18.47
N ALA A 427 10.09 -21.89 17.74
CA ALA A 427 10.08 -21.79 16.25
C ALA A 427 10.12 -20.30 15.88
N ILE A 428 9.25 -19.53 16.52
CA ILE A 428 9.09 -18.10 16.13
C ILE A 428 10.39 -17.40 16.45
N ARG A 429 10.97 -17.67 17.60
CA ARG A 429 12.27 -17.06 18.00
C ARG A 429 13.38 -17.49 17.04
N THR A 430 13.31 -18.70 16.47
CA THR A 430 14.33 -19.19 15.51
C THR A 430 14.16 -18.46 14.17
N ILE A 431 12.95 -18.29 13.73
CA ILE A 431 12.58 -17.77 12.39
C ILE A 431 12.82 -16.26 12.40
N LEU A 432 12.49 -15.56 13.48
CA LEU A 432 12.60 -14.07 13.42
C LEU A 432 13.10 -13.57 14.78
N PRO A 433 14.37 -13.84 15.13
CA PRO A 433 14.88 -13.48 16.45
C PRO A 433 14.77 -11.97 16.71
N SER A 434 14.96 -11.17 15.66
CA SER A 434 14.96 -9.69 15.75
C SER A 434 13.58 -9.15 16.11
N ALA A 435 12.49 -9.89 15.93
CA ALA A 435 11.11 -9.40 16.12
C ALA A 435 10.21 -10.53 16.60
N ALA A 436 10.72 -11.35 17.53
CA ALA A 436 10.02 -12.61 17.90
C ALA A 436 8.70 -12.28 18.58
N GLU A 437 8.69 -11.32 19.52
CA GLU A 437 7.43 -10.98 20.22
C GLU A 437 6.40 -10.41 19.22
N GLU A 438 6.84 -9.66 18.21
CA GLU A 438 5.89 -9.11 17.20
C GLU A 438 5.32 -10.26 16.34
N LEU A 439 6.18 -11.19 15.95
CA LEU A 439 5.72 -12.35 15.16
C LEU A 439 4.79 -13.21 16.02
N GLU A 440 5.09 -13.38 17.32
CA GLU A 440 4.18 -14.10 18.26
CA GLU A 440 4.18 -14.11 18.22
C GLU A 440 2.83 -13.39 18.26
N CYS A 441 2.82 -12.06 18.40
CA CYS A 441 1.54 -11.31 18.45
C CYS A 441 0.72 -11.59 17.18
N PHE A 442 1.36 -11.42 16.03
CA PHE A 442 0.70 -11.66 14.73
C PHE A 442 0.21 -13.11 14.66
N ALA A 443 1.07 -14.08 15.00
CA ALA A 443 0.67 -15.50 14.83
C ALA A 443 -0.47 -15.91 15.79
N MET A 444 -0.44 -15.37 17.02
CA MET A 444 -1.47 -15.70 18.07
CA MET A 444 -1.45 -15.67 18.06
C MET A 444 -2.86 -15.39 17.53
N HIS A 445 -2.99 -14.40 16.63
CA HIS A 445 -4.29 -13.93 16.11
C HIS A 445 -4.45 -14.27 14.62
N ASN A 446 -3.68 -15.26 14.11
CA ASN A 446 -3.77 -15.70 12.69
C ASN A 446 -3.53 -17.20 12.67
N SER A 447 -4.46 -17.94 13.26
CA SER A 447 -4.23 -19.39 13.51
C SER A 447 -5.47 -20.18 13.15
N ASP A 448 -6.68 -19.64 13.27
CA ASP A 448 -7.88 -20.38 12.85
C ASP A 448 -8.09 -20.32 11.34
N LEU A 449 -8.83 -21.30 10.81
CA LEU A 449 -9.06 -21.44 9.38
C LEU A 449 -10.33 -20.70 9.02
N GLY A 450 -11.18 -20.43 10.03
CA GLY A 450 -12.55 -20.00 9.76
C GLY A 450 -13.37 -21.17 9.23
N PRO A 451 -14.69 -20.97 9.07
CA PRO A 451 -15.58 -21.98 8.50
C PRO A 451 -15.08 -22.50 7.15
N ASN A 452 -15.09 -23.81 6.94
CA ASN A 452 -14.64 -24.37 5.64
C ASN A 452 -15.31 -25.73 5.40
N GLY A 453 -15.31 -26.18 4.15
CA GLY A 453 -16.00 -27.41 3.72
C GLY A 453 -15.41 -28.66 4.37
N HIS A 454 -14.15 -28.62 4.79
CA HIS A 454 -13.46 -29.77 5.43
C HIS A 454 -13.69 -29.80 6.94
N GLY A 455 -14.30 -28.77 7.55
CA GLY A 455 -14.69 -28.77 8.99
C GLY A 455 -13.54 -28.63 9.98
N TYR A 456 -12.34 -28.28 9.55
CA TYR A 456 -11.18 -28.23 10.45
C TYR A 456 -10.94 -26.83 10.99
N ARG A 457 -10.77 -26.73 12.29
CA ARG A 457 -10.58 -25.43 13.00
C ARG A 457 -9.38 -25.52 13.90
N ARG A 458 -8.86 -24.37 14.29
CA ARG A 458 -7.78 -24.27 15.27
C ARG A 458 -8.16 -23.15 16.22
N GLU A 459 -7.52 -23.13 17.41
CA GLU A 459 -7.70 -22.09 18.46
CA GLU A 459 -7.79 -22.07 18.41
C GLU A 459 -7.04 -20.80 17.99
N GLU A 460 -7.55 -19.65 18.43
CA GLU A 460 -6.94 -18.33 18.12
C GLU A 460 -7.33 -17.38 19.26
N SER A 461 -6.42 -16.48 19.62
CA SER A 461 -6.68 -15.35 20.51
C SER A 461 -7.26 -15.87 21.82
N MET A 462 -6.82 -17.06 22.27
CA MET A 462 -7.49 -17.70 23.45
CA MET A 462 -7.49 -17.70 23.45
C MET A 462 -7.24 -16.87 24.70
N ASP A 463 -6.09 -16.19 24.80
CA ASP A 463 -5.73 -15.44 26.02
C ASP A 463 -6.72 -14.28 26.25
N ILE A 464 -7.14 -13.60 25.20
CA ILE A 464 -7.95 -12.36 25.40
C ILE A 464 -9.42 -12.68 25.31
N GLN A 465 -9.78 -13.90 24.95
CA GLN A 465 -11.18 -14.26 24.65
C GLN A 465 -12.11 -14.04 25.85
N PRO A 466 -11.70 -14.38 27.09
CA PRO A 466 -12.58 -14.15 28.24
C PRO A 466 -12.83 -12.67 28.52
N ALA A 467 -11.79 -11.85 28.56
CA ALA A 467 -11.91 -10.37 28.66
C ALA A 467 -12.83 -9.85 27.52
N ALA A 468 -12.75 -10.44 26.31
CA ALA A 468 -13.64 -10.07 25.17
C ALA A 468 -15.10 -10.45 25.46
N GLU A 469 -15.37 -11.72 25.79
CA GLU A 469 -16.75 -12.31 25.89
C GLU A 469 -17.63 -11.57 26.88
N ARG A 470 -17.00 -10.97 27.89
CA ARG A 470 -17.61 -10.35 29.10
CA ARG A 470 -17.75 -10.34 29.00
C ARG A 470 -17.52 -8.83 29.04
N PHE A 471 -16.55 -8.28 28.31
CA PHE A 471 -16.59 -6.83 28.04
C PHE A 471 -17.87 -6.60 27.26
N LEU A 472 -18.38 -7.64 26.53
N LEU A 472 -18.06 -7.38 26.22
CA LEU A 472 -19.35 -7.59 25.37
CA LEU A 472 -19.22 -7.17 25.34
C LEU A 472 -20.75 -8.27 25.56
C LEU A 472 -20.45 -7.28 26.23
N LYS A 473 -20.89 -9.45 26.16
N LYS A 473 -20.43 -8.27 27.12
CA LYS A 473 -22.24 -9.97 26.54
CA LYS A 473 -21.65 -8.68 27.85
C LYS A 473 -22.88 -8.96 27.52
C LYS A 473 -22.08 -7.52 28.75
N ALA A 474 -22.03 -8.32 28.34
N ALA A 474 -21.15 -6.94 29.49
CA ALA A 474 -22.37 -7.23 29.29
CA ALA A 474 -21.46 -5.77 30.34
C ALA A 474 -22.87 -6.01 28.52
C ALA A 474 -21.90 -4.58 29.46
N PHE A 475 -22.10 -5.58 27.53
N PHE A 475 -21.11 -4.24 28.42
CA PHE A 475 -22.43 -4.37 26.74
CA PHE A 475 -21.41 -3.10 27.52
C PHE A 475 -23.80 -4.55 26.08
C PHE A 475 -22.81 -3.31 26.92
N LYS A 476 -24.09 -5.73 25.53
N LYS A 476 -23.16 -4.54 26.51
CA LYS A 476 -25.33 -6.02 24.78
CA LYS A 476 -24.48 -4.83 25.89
C LYS A 476 -26.53 -5.88 25.72
C LYS A 476 -25.62 -4.62 26.91
N GLU A 477 -26.30 -6.18 27.00
N GLU A 477 -25.34 -4.75 28.21
CA GLU A 477 -27.23 -5.98 28.14
CA GLU A 477 -26.36 -4.64 29.31
C GLU A 477 -26.67 -4.95 29.14
C GLU A 477 -26.36 -3.26 29.98
N GLY A 478 -25.86 -5.43 30.09
N GLY A 478 -25.66 -2.28 29.43
CA GLY A 478 -25.69 -4.95 31.48
CA GLY A 478 -25.55 -0.94 30.04
C GLY A 478 -24.86 -3.69 31.65
C GLY A 478 -24.91 -1.01 31.43
N LYS A 479 -23.75 -3.78 32.41
N LYS A 479 -23.99 -1.94 31.61
CA LYS A 479 -23.22 -2.66 33.24
CA LYS A 479 -23.28 -2.16 32.90
C LYS A 479 -21.77 -2.28 32.91
C LYS A 479 -21.84 -1.69 32.74
N ASN A 480 -21.11 -1.55 33.84
CA ASN A 480 -19.75 -0.90 33.72
C ASN A 480 -18.65 -1.80 33.05
N TYR A 481 -18.69 -3.15 33.12
CA TYR A 481 -17.85 -4.22 32.45
C TYR A 481 -16.39 -4.39 32.95
N ASP A 482 -15.65 -3.36 33.42
CA ASP A 482 -14.33 -3.47 34.14
C ASP A 482 -13.19 -2.73 33.45
N LYS A 483 -12.52 -1.81 34.17
N LYS A 483 -12.63 -1.68 34.04
CA LYS A 483 -11.33 -0.99 33.77
CA LYS A 483 -11.41 -1.14 33.43
C LYS A 483 -10.14 -1.84 33.26
C LYS A 483 -10.71 -2.37 32.81
N ALA A 484 -9.81 -2.97 33.88
N ALA A 484 -10.80 -3.57 33.45
CA ALA A 484 -8.71 -3.86 33.43
CA ALA A 484 -9.99 -4.78 33.16
C ALA A 484 -9.06 -4.50 32.07
C ALA A 484 -10.23 -5.38 31.76
N ASP A 485 -10.33 -4.78 31.80
N ASP A 485 -11.45 -5.81 31.44
CA ASP A 485 -10.72 -5.53 30.57
CA ASP A 485 -11.78 -6.52 30.17
C ASP A 485 -10.56 -4.58 29.37
C ASP A 485 -11.70 -5.54 29.00
N PHE A 486 -11.04 -3.34 29.53
N PHE A 486 -12.18 -4.31 29.22
CA PHE A 486 -10.90 -2.25 28.53
CA PHE A 486 -12.02 -3.18 28.28
C PHE A 486 -9.41 -2.08 28.25
C PHE A 486 -10.52 -2.90 28.02
N GLU A 487 -8.63 -2.06 29.32
N GLU A 487 -9.69 -2.78 29.06
CA GLU A 487 -7.16 -1.98 29.23
CA GLU A 487 -8.29 -2.25 28.99
C GLU A 487 -6.66 -3.26 28.54
C GLU A 487 -7.32 -3.20 28.25
N THR A 488 -7.31 -4.45 28.67
CA THR A 488 -6.75 -5.63 27.93
C THR A 488 -6.96 -5.48 26.41
N LEU A 489 -8.18 -5.11 26.01
CA LEU A 489 -8.53 -4.92 24.57
C LEU A 489 -7.74 -3.75 24.01
N GLN A 490 -7.61 -2.63 24.74
CA GLN A 490 -6.80 -1.49 24.27
C GLN A 490 -5.36 -1.92 24.10
N TYR A 491 -4.85 -2.68 25.07
CA TYR A 491 -3.44 -3.14 25.06
C TYR A 491 -3.23 -4.03 23.81
N THR A 492 -4.19 -4.90 23.57
CA THR A 492 -4.12 -5.89 22.46
C THR A 492 -4.08 -5.14 21.12
N PHE A 493 -4.94 -4.14 20.94
CA PHE A 493 -4.90 -3.31 19.69
C PHE A 493 -3.57 -2.56 19.58
N GLU A 494 -3.10 -1.98 20.67
CA GLU A 494 -1.83 -1.24 20.65
C GLU A 494 -0.75 -2.22 20.21
N ARG A 495 -0.72 -3.42 20.79
CA ARG A 495 0.37 -4.38 20.51
C ARG A 495 0.28 -4.82 19.04
N MET A 496 -0.94 -5.03 18.56
CA MET A 496 -1.21 -5.42 17.15
C MET A 496 -0.58 -4.38 16.21
N LYS A 497 -0.78 -3.07 16.46
CA LYS A 497 -0.21 -2.03 15.55
C LYS A 497 1.30 -2.00 15.60
N GLU A 498 1.91 -2.04 16.79
CA GLU A 498 3.36 -2.09 16.96
C GLU A 498 3.87 -3.27 16.11
N SER A 499 3.28 -4.44 16.31
CA SER A 499 3.71 -5.70 15.67
C SER A 499 3.59 -5.57 14.15
N ALA A 500 2.46 -5.08 13.65
CA ALA A 500 2.24 -4.87 12.20
C ALA A 500 3.36 -4.00 11.64
N ASP A 501 3.63 -2.86 12.28
CA ASP A 501 4.58 -1.88 11.70
C ASP A 501 6.00 -2.39 11.79
N ILE A 502 6.40 -3.09 12.88
CA ILE A 502 7.76 -3.64 13.01
C ILE A 502 7.91 -4.79 11.98
N LEU A 503 6.92 -5.65 11.86
CA LEU A 503 7.02 -6.78 10.90
C LEU A 503 7.15 -6.24 9.47
N LEU A 504 6.36 -5.23 9.11
CA LEU A 504 6.40 -4.73 7.71
C LEU A 504 7.84 -4.30 7.38
N MET A 505 8.55 -3.74 8.35
CA MET A 505 9.86 -3.14 8.06
C MET A 505 11.01 -4.11 8.37
N ASN A 506 10.72 -5.34 8.78
CA ASN A 506 11.76 -6.31 9.19
C ASN A 506 12.57 -6.76 7.96
N THR A 507 13.88 -6.69 8.06
CA THR A 507 14.79 -7.07 6.94
C THR A 507 15.57 -8.36 7.24
N GLU A 508 15.35 -9.01 8.38
CA GLU A 508 16.09 -10.25 8.77
C GLU A 508 15.57 -11.44 7.96
N ASN A 509 14.26 -11.53 7.73
CA ASN A 509 13.66 -12.57 6.87
C ASN A 509 12.77 -11.89 5.84
N LYS A 510 13.37 -11.30 4.81
CA LYS A 510 12.56 -10.58 3.79
C LYS A 510 11.55 -11.50 3.13
N PRO A 511 11.88 -12.78 2.78
CA PRO A 511 10.87 -13.64 2.17
C PRO A 511 9.67 -13.91 3.06
N LEU A 512 9.88 -14.04 4.37
CA LEU A 512 8.72 -14.18 5.29
C LEU A 512 7.84 -12.92 5.21
N ILE A 513 8.45 -11.76 5.30
CA ILE A 513 7.67 -10.48 5.27
C ILE A 513 6.94 -10.32 3.93
N VAL A 514 7.52 -10.70 2.80
CA VAL A 514 6.80 -10.66 1.50
C VAL A 514 5.55 -11.55 1.57
N GLU A 515 5.67 -12.74 2.14
CA GLU A 515 4.51 -13.64 2.20
C GLU A 515 3.38 -13.00 3.01
N ILE A 516 3.66 -12.48 4.19
CA ILE A 516 2.60 -12.14 5.17
C ILE A 516 2.17 -10.67 5.00
N THR A 517 2.89 -9.87 4.22
CA THR A 517 2.63 -8.40 4.14
C THR A 517 1.15 -8.11 3.93
N PRO A 518 0.39 -8.72 3.00
CA PRO A 518 -1.00 -8.31 2.80
C PRO A 518 -1.85 -8.50 4.07
N TRP A 519 -1.63 -9.63 4.73
CA TRP A 519 -2.28 -9.90 6.03
C TRP A 519 -1.84 -8.90 7.08
N VAL A 520 -0.56 -8.54 7.15
CA VAL A 520 -0.04 -7.55 8.13
C VAL A 520 -0.80 -6.22 7.90
N HIS A 521 -1.01 -5.79 6.66
CA HIS A 521 -1.81 -4.56 6.37
C HIS A 521 -3.20 -4.66 6.98
N GLN A 522 -3.85 -5.80 6.79
CA GLN A 522 -5.24 -6.02 7.21
C GLN A 522 -5.28 -6.10 8.73
N PHE A 523 -4.24 -6.66 9.32
CA PHE A 523 -4.11 -6.84 10.78
C PHE A 523 -3.96 -5.47 11.44
N LYS A 524 -3.11 -4.60 10.88
CA LYS A 524 -2.97 -3.20 11.38
C LYS A 524 -4.34 -2.52 11.28
N LEU A 525 -5.09 -2.62 10.19
CA LEU A 525 -6.40 -1.92 10.02
C LEU A 525 -7.41 -2.47 11.04
N THR A 526 -7.38 -3.78 11.29
CA THR A 526 -8.24 -4.41 12.32
C THR A 526 -7.95 -3.72 13.66
N ALA A 527 -6.69 -3.59 14.03
CA ALA A 527 -6.26 -3.01 15.32
C ALA A 527 -6.70 -1.52 15.38
N GLU A 528 -6.49 -0.77 14.31
CA GLU A 528 -6.95 0.64 14.27
C GLU A 528 -8.46 0.76 14.45
N MET A 529 -9.24 -0.09 13.79
CA MET A 529 -10.70 -0.10 13.86
C MET A 529 -11.08 -0.42 15.32
N GLY A 530 -10.40 -1.41 15.91
CA GLY A 530 -10.69 -1.70 17.33
C GLY A 530 -10.45 -0.51 18.23
N GLU A 531 -9.32 0.17 18.08
CA GLU A 531 -8.99 1.34 18.91
C GLU A 531 -10.09 2.39 18.75
N GLU A 532 -10.54 2.65 17.51
CA GLU A 532 -11.59 3.68 17.28
C GLU A 532 -12.93 3.26 17.87
N VAL A 533 -13.29 1.98 17.75
CA VAL A 533 -14.58 1.47 18.23
C VAL A 533 -14.56 1.58 19.78
N LEU A 534 -13.41 1.36 20.42
CA LEU A 534 -13.34 1.50 21.90
C LEU A 534 -13.48 2.99 22.25
N LYS A 535 -12.85 3.88 21.49
CA LYS A 535 -13.03 5.35 21.67
C LYS A 535 -14.51 5.71 21.52
N MET A 536 -15.30 5.02 20.68
CA MET A 536 -16.77 5.22 20.52
C MET A 536 -17.47 4.80 21.82
N VAL A 537 -17.12 3.63 22.36
CA VAL A 537 -17.66 3.13 23.66
C VAL A 537 -17.34 4.13 24.79
N GLU A 538 -16.13 4.67 24.85
CA GLU A 538 -15.68 5.67 25.86
C GLU A 538 -16.37 7.01 25.60
N GLY A 539 -17.06 7.12 24.46
CA GLY A 539 -17.52 8.38 23.84
C GLY A 539 -18.31 9.23 24.80
N ARG A 540 -17.83 10.45 25.06
CA ARG A 540 -18.38 11.39 26.07
C ARG A 540 -19.33 12.39 25.37
N ASN A 541 -18.95 12.93 24.20
CA ASN A 541 -19.84 13.86 23.44
C ASN A 541 -20.08 13.36 22.01
N GLU A 542 -21.24 13.80 21.49
CA GLU A 542 -21.85 13.45 20.18
C GLU A 542 -20.85 13.76 19.05
N SER A 543 -20.22 14.94 19.10
CA SER A 543 -19.27 15.44 18.09
C SER A 543 -18.08 14.47 17.98
N TYR A 544 -17.51 14.08 19.13
CA TYR A 544 -16.34 13.16 19.20
C TYR A 544 -16.75 11.80 18.64
N PHE A 545 -17.91 11.33 19.05
CA PHE A 545 -18.49 10.03 18.63
C PHE A 545 -18.61 9.97 17.10
N LEU A 546 -19.16 11.03 16.48
CA LEU A 546 -19.31 11.07 15.01
C LEU A 546 -17.95 11.06 14.32
N ARG A 547 -16.95 11.73 14.89
CA ARG A 547 -15.59 11.71 14.34
C ARG A 547 -15.07 10.26 14.33
N LYS A 548 -15.26 9.54 15.44
CA LYS A 548 -14.77 8.13 15.51
C LYS A 548 -15.58 7.24 14.58
N TYR A 549 -16.89 7.41 14.55
CA TYR A 549 -17.79 6.72 13.62
C TYR A 549 -17.32 6.88 12.17
N ASN A 550 -17.13 8.14 11.75
CA ASN A 550 -16.67 8.39 10.35
C ASN A 550 -15.31 7.73 10.13
N HIS A 551 -14.43 7.74 11.13
CA HIS A 551 -13.09 7.14 10.99
C HIS A 551 -13.25 5.63 10.80
N VAL A 552 -14.13 5.01 11.59
CA VAL A 552 -14.37 3.54 11.47
C VAL A 552 -14.91 3.21 10.08
N LYS A 553 -15.86 3.99 9.56
CA LYS A 553 -16.44 3.75 8.22
C LYS A 553 -15.31 3.80 7.20
N ALA A 554 -14.36 4.75 7.35
CA ALA A 554 -13.23 4.83 6.40
C ALA A 554 -12.32 3.60 6.53
N LEU A 555 -12.08 3.15 7.77
CA LEU A 555 -11.23 1.94 8.02
C LEU A 555 -11.93 0.71 7.43
N GLN A 556 -13.26 0.64 7.48
CA GLN A 556 -14.02 -0.47 6.85
C GLN A 556 -13.79 -0.48 5.33
N GLN A 557 -13.83 0.71 4.73
CA GLN A 557 -13.59 0.83 3.29
C GLN A 557 -12.18 0.39 2.96
N GLN A 558 -11.19 0.77 3.77
CA GLN A 558 -9.80 0.43 3.50
C GLN A 558 -9.61 -1.08 3.57
N MET A 559 -10.23 -1.71 4.56
CA MET A 559 -10.17 -3.19 4.67
C MET A 559 -10.80 -3.84 3.44
N PHE A 560 -11.92 -3.28 2.92
CA PHE A 560 -12.50 -3.81 1.68
C PHE A 560 -11.48 -3.76 0.56
N TYR A 561 -10.84 -2.59 0.36
CA TYR A 561 -9.88 -2.42 -0.74
C TYR A 561 -8.67 -3.37 -0.59
N ILE A 562 -8.16 -3.61 0.63
CA ILE A 562 -7.07 -4.61 0.82
C ILE A 562 -7.62 -5.97 0.40
N ASP A 563 -8.86 -6.28 0.81
CA ASP A 563 -9.46 -7.58 0.49
C ASP A 563 -9.61 -7.77 -1.02
N GLN A 564 -9.87 -6.72 -1.78
CA GLN A 564 -10.10 -6.81 -3.24
C GLN A 564 -8.82 -6.71 -4.03
N THR A 565 -7.70 -6.27 -3.44
CA THR A 565 -6.48 -6.01 -4.22
C THR A 565 -5.35 -6.96 -3.84
N SER A 566 -5.52 -7.72 -2.76
CA SER A 566 -4.47 -8.60 -2.19
C SER A 566 -4.85 -10.05 -2.44
N ASN A 567 -3.85 -10.89 -2.70
CA ASN A 567 -4.06 -12.35 -2.68
C ASN A 567 -5.27 -12.68 -3.55
N GLN A 568 -5.30 -12.22 -4.80
CA GLN A 568 -6.50 -12.46 -5.65
C GLN A 568 -6.37 -13.79 -6.43
N ASN A 569 -6.60 -14.88 -5.75
CA ASN A 569 -6.65 -16.23 -6.35
C ASN A 569 -8.08 -16.57 -6.72
N PRO A 570 -8.30 -17.62 -7.55
CA PRO A 570 -9.65 -17.99 -7.97
C PRO A 570 -10.56 -18.65 -6.94
N TYR A 571 -10.03 -19.04 -5.79
CA TYR A 571 -10.74 -19.94 -4.85
C TYR A 571 -11.21 -19.17 -3.61
N GLN A 572 -10.29 -18.68 -2.78
CA GLN A 572 -10.61 -17.83 -1.61
C GLN A 572 -9.80 -16.56 -1.73
N PRO A 573 -10.22 -15.62 -2.60
CA PRO A 573 -9.43 -14.41 -2.78
C PRO A 573 -9.48 -13.54 -1.53
N GLY A 574 -8.44 -12.73 -1.38
CA GLY A 574 -8.36 -11.69 -0.35
C GLY A 574 -7.70 -12.16 0.92
N VAL A 575 -7.87 -11.34 1.97
CA VAL A 575 -7.01 -11.36 3.17
C VAL A 575 -7.92 -11.26 4.40
N LYS A 576 -8.01 -12.35 5.16
CA LYS A 576 -8.72 -12.38 6.46
C LYS A 576 -7.74 -12.59 7.60
N THR A 577 -7.95 -11.92 8.73
CA THR A 577 -7.04 -11.93 9.86
C THR A 577 -7.83 -11.74 11.15
N ALA A 578 -7.33 -12.33 12.21
CA ALA A 578 -7.91 -12.13 13.56
C ALA A 578 -9.41 -12.39 13.49
N THR A 579 -9.79 -13.50 12.88
CA THR A 579 -11.18 -13.80 12.48
C THR A 579 -11.97 -14.45 13.62
N ARG A 580 -11.33 -15.16 14.52
CA ARG A 580 -12.03 -16.03 15.50
CA ARG A 580 -12.13 -16.03 15.42
C ARG A 580 -12.74 -15.21 16.57
N VAL A 581 -11.97 -14.33 17.18
CA VAL A 581 -12.36 -13.55 18.36
C VAL A 581 -12.37 -12.04 17.99
N ILE A 582 -11.28 -11.54 17.43
CA ILE A 582 -11.08 -10.05 17.45
C ILE A 582 -12.06 -9.37 16.49
N LYS A 583 -12.16 -9.85 15.24
CA LYS A 583 -13.05 -9.20 14.24
C LYS A 583 -14.49 -9.27 14.73
N PRO A 584 -15.00 -10.44 15.20
CA PRO A 584 -16.37 -10.50 15.75
C PRO A 584 -16.57 -9.57 16.95
N LEU A 585 -15.58 -9.38 17.85
CA LEU A 585 -15.66 -8.48 19.03
C LEU A 585 -15.81 -7.05 18.49
N ILE A 586 -14.95 -6.70 17.54
CA ILE A 586 -14.96 -5.30 17.05
C ILE A 586 -16.27 -5.03 16.33
N ASP A 587 -16.76 -5.95 15.48
CA ASP A 587 -17.95 -5.78 14.61
C ASP A 587 -19.20 -5.70 15.50
N ARG A 588 -19.26 -6.58 16.51
CA ARG A 588 -20.43 -6.64 17.41
C ARG A 588 -20.47 -5.41 18.29
N THR A 589 -19.33 -4.90 18.76
CA THR A 589 -19.21 -3.74 19.65
C THR A 589 -19.56 -2.49 18.85
N PHE A 590 -19.11 -2.42 17.60
CA PHE A 590 -19.47 -1.27 16.73
C PHE A 590 -20.98 -1.26 16.47
N ALA A 591 -21.58 -2.38 16.12
CA ALA A 591 -23.01 -2.44 15.79
C ALA A 591 -23.80 -2.06 17.06
N THR A 592 -23.34 -2.47 18.22
CA THR A 592 -24.07 -2.22 19.47
C THR A 592 -24.00 -0.74 19.83
N VAL A 593 -22.81 -0.15 19.79
CA VAL A 593 -22.59 1.25 20.24
C VAL A 593 -23.32 2.19 19.26
N VAL A 594 -23.44 1.78 17.99
CA VAL A 594 -24.21 2.55 16.96
C VAL A 594 -25.70 2.44 17.28
N LYS A 595 -26.22 1.25 17.55
CA LYS A 595 -27.64 1.04 17.96
C LYS A 595 -27.92 1.96 19.16
N PHE A 596 -27.05 1.97 20.17
CA PHE A 596 -27.26 2.79 21.40
C PHE A 596 -27.22 4.29 21.07
N PHE A 597 -26.34 4.69 20.15
CA PHE A 597 -26.26 6.11 19.75
C PHE A 597 -27.57 6.48 19.04
N ASN A 598 -28.02 5.64 18.11
CA ASN A 598 -29.26 5.88 17.33
C ASN A 598 -30.45 5.99 18.32
N GLN A 599 -30.50 5.11 19.32
CA GLN A 599 -31.59 5.16 20.34
C GLN A 599 -31.51 6.48 21.12
N LYS A 600 -30.35 6.86 21.61
CA LYS A 600 -30.18 7.99 22.53
C LYS A 600 -30.43 9.31 21.78
N PHE A 601 -30.01 9.42 20.53
CA PHE A 601 -30.05 10.69 19.77
C PHE A 601 -31.10 10.62 18.66
N ASN A 602 -31.95 9.59 18.59
CA ASN A 602 -32.96 9.43 17.51
C ASN A 602 -32.26 9.64 16.16
N ALA A 603 -31.14 8.96 15.97
CA ALA A 603 -30.32 9.02 14.75
C ALA A 603 -30.51 7.77 13.91
N HIS A 604 -29.90 7.77 12.73
CA HIS A 604 -30.11 6.75 11.67
C HIS A 604 -28.73 6.38 11.14
N LEU A 605 -27.74 6.30 12.02
CA LEU A 605 -26.37 5.89 11.62
C LEU A 605 -26.43 4.44 11.15
N ASP A 606 -25.71 4.13 10.09
CA ASP A 606 -25.66 2.77 9.49
C ASP A 606 -24.73 1.92 10.38
N ALA A 607 -25.21 0.77 10.84
CA ALA A 607 -24.48 -0.12 11.77
C ALA A 607 -23.76 -1.24 11.02
N THR A 608 -23.78 -1.25 9.68
CA THR A 608 -23.13 -2.30 8.86
C THR A 608 -21.64 -2.34 9.22
N THR A 609 -21.07 -3.54 9.31
CA THR A 609 -19.69 -3.74 9.77
C THR A 609 -18.72 -4.05 8.62
N ASP A 610 -19.19 -4.56 7.47
CA ASP A 610 -18.31 -4.79 6.29
C ASP A 610 -18.73 -3.85 5.17
N TYR A 611 -17.78 -3.09 4.61
CA TYR A 611 -18.09 -2.12 3.56
C TYR A 611 -18.46 -2.92 2.31
N MET A 612 -19.54 -2.51 1.65
CA MET A 612 -20.02 -3.13 0.41
C MET A 612 -20.52 -2.02 -0.50
N PRO A 613 -19.81 -1.73 -1.61
CA PRO A 613 -20.21 -0.60 -2.45
C PRO A 613 -21.51 -0.84 -3.22
N HIS A 614 -21.88 -2.11 -3.39
CA HIS A 614 -23.12 -2.43 -4.12
C HIS A 614 -24.23 -2.68 -3.10
N LYS A 615 -25.46 -2.71 -3.56
CA LYS A 615 -26.64 -2.76 -2.66
C LYS A 615 -27.53 -3.92 -3.09
N MET A 616 -28.23 -4.50 -2.12
CA MET A 616 -29.25 -5.54 -2.45
C MET A 616 -30.46 -5.33 -1.55
N ILE A 617 -31.63 -5.41 -2.15
CA ILE A 617 -32.92 -5.33 -1.41
C ILE A 617 -33.76 -6.54 -1.83
N SER A 618 -34.53 -7.07 -0.87
CA SER A 618 -35.49 -8.16 -1.13
C SER A 618 -36.63 -8.03 -0.16
N ASN A 619 -37.80 -8.49 -0.58
CA ASN A 619 -38.96 -8.66 0.34
C ASN A 619 -39.07 -10.15 0.65
N VAL A 620 -38.09 -10.98 0.27
CA VAL A 620 -38.03 -12.42 0.69
C VAL A 620 -37.33 -12.49 2.05
N GLU A 621 -38.06 -12.90 3.10
CA GLU A 621 -37.58 -12.92 4.51
C GLU A 621 -36.17 -13.51 4.59
N GLN A 622 -35.91 -14.63 3.93
CA GLN A 622 -34.68 -15.44 4.13
C GLN A 622 -33.54 -14.88 3.25
N ILE A 623 -33.81 -13.87 2.40
CA ILE A 623 -32.78 -13.25 1.49
C ILE A 623 -32.39 -11.85 1.96
N LYS A 624 -33.34 -11.06 2.47
CA LYS A 624 -33.15 -9.59 2.66
C LYS A 624 -31.95 -9.27 3.55
N ASN A 625 -31.59 -10.13 4.51
CA ASN A 625 -30.47 -9.83 5.44
C ASN A 625 -29.19 -10.56 5.03
N LEU A 626 -29.18 -11.23 3.87
CA LEU A 626 -27.94 -11.91 3.40
C LEU A 626 -27.01 -10.84 2.85
N PRO A 627 -25.73 -10.78 3.28
CA PRO A 627 -24.85 -9.75 2.72
C PRO A 627 -24.45 -10.10 1.28
N LEU A 628 -24.20 -9.06 0.49
CA LEU A 628 -23.51 -9.24 -0.80
C LEU A 628 -22.03 -9.44 -0.50
N GLN A 629 -21.34 -10.11 -1.42
CA GLN A 629 -19.87 -10.26 -1.39
C GLN A 629 -19.35 -9.94 -2.78
N VAL A 630 -18.15 -9.38 -2.79
CA VAL A 630 -17.42 -9.18 -4.06
C VAL A 630 -16.24 -10.14 -4.04
N LYS A 631 -16.11 -10.95 -5.06
CA LYS A 631 -14.97 -11.88 -5.23
C LYS A 631 -14.48 -11.73 -6.66
N ALA A 632 -13.31 -11.12 -6.84
CA ALA A 632 -12.81 -10.78 -8.20
C ALA A 632 -13.94 -10.01 -8.91
N ASN A 633 -14.39 -10.47 -10.10
CA ASN A 633 -15.37 -9.75 -10.94
C ASN A 633 -16.75 -10.40 -10.74
N ARG A 634 -16.93 -11.05 -9.60
CA ARG A 634 -18.25 -11.63 -9.21
C ARG A 634 -18.85 -10.76 -8.11
N VAL A 635 -20.16 -10.59 -8.20
CA VAL A 635 -20.96 -9.93 -7.13
C VAL A 635 -22.01 -10.96 -6.75
N LEU A 636 -21.99 -11.42 -5.53
CA LEU A 636 -22.83 -12.61 -5.18
C LEU A 636 -23.61 -12.32 -3.91
N ILE A 637 -24.76 -13.01 -3.79
CA ILE A 637 -25.49 -13.07 -2.51
C ILE A 637 -24.89 -14.22 -1.70
N SER A 638 -24.46 -13.95 -0.46
CA SER A 638 -23.98 -14.99 0.49
C SER A 638 -25.06 -16.07 0.52
N PRO A 639 -24.70 -17.33 0.20
CA PRO A 639 -25.67 -18.44 0.21
C PRO A 639 -26.31 -18.62 1.60
N ALA A 640 -27.60 -18.94 1.61
CA ALA A 640 -28.41 -19.07 2.85
C ALA A 640 -28.38 -20.52 3.29
N ASN A 641 -28.39 -20.77 4.60
CA ASN A 641 -28.53 -22.11 5.19
C ASN A 641 -30.02 -22.49 5.19
N GLU A 642 -30.89 -21.55 5.50
CA GLU A 642 -32.30 -21.85 5.78
C GLU A 642 -33.07 -22.02 4.46
N VAL A 643 -34.17 -22.77 4.55
CA VAL A 643 -35.16 -22.90 3.45
C VAL A 643 -35.68 -21.50 3.18
N VAL A 644 -35.66 -21.13 1.92
CA VAL A 644 -36.19 -19.83 1.45
C VAL A 644 -37.64 -20.04 1.02
N LYS A 645 -38.52 -19.23 1.58
CA LYS A 645 -39.97 -19.17 1.25
C LYS A 645 -40.17 -17.91 0.37
N TRP A 646 -40.37 -18.10 -0.92
CA TRP A 646 -40.41 -17.02 -1.93
C TRP A 646 -41.86 -16.77 -2.38
N ALA A 647 -42.52 -15.80 -1.78
CA ALA A 647 -43.97 -15.53 -2.05
C ALA A 647 -44.19 -15.12 -3.50
N ALA A 648 -45.39 -15.39 -4.04
CA ALA A 648 -45.84 -14.86 -5.36
C ALA A 648 -45.55 -13.36 -5.41
N GLY A 649 -44.93 -12.90 -6.50
CA GLY A 649 -44.65 -11.48 -6.72
C GLY A 649 -43.41 -10.96 -6.01
N ASN A 650 -42.84 -11.69 -5.04
CA ASN A 650 -41.68 -11.20 -4.25
C ASN A 650 -40.42 -11.31 -5.13
N SER A 651 -39.42 -10.53 -4.76
CA SER A 651 -38.28 -10.31 -5.67
C SER A 651 -36.99 -10.01 -4.87
N VAL A 652 -35.85 -10.08 -5.58
CA VAL A 652 -34.53 -9.62 -5.06
C VAL A 652 -33.97 -8.69 -6.14
N GLU A 653 -33.34 -7.61 -5.72
CA GLU A 653 -32.74 -6.67 -6.67
C GLU A 653 -31.36 -6.27 -6.18
N ILE A 654 -30.37 -6.40 -7.06
CA ILE A 654 -28.98 -5.95 -6.81
C ILE A 654 -28.80 -4.63 -7.59
N GLU A 655 -28.24 -3.64 -6.93
CA GLU A 655 -27.81 -2.37 -7.57
C GLU A 655 -26.31 -2.22 -7.41
N LEU A 656 -25.59 -2.25 -8.53
CA LEU A 656 -24.11 -2.06 -8.49
C LEU A 656 -23.85 -0.56 -8.38
N ASP A 657 -22.64 -0.23 -7.96
CA ASP A 657 -22.24 1.18 -7.75
C ASP A 657 -22.10 1.91 -9.08
N ALA A 658 -22.19 1.22 -10.22
CA ALA A 658 -21.95 1.80 -11.56
C ALA A 658 -22.47 0.84 -12.62
N ILE A 659 -22.50 1.28 -13.88
CA ILE A 659 -22.79 0.42 -15.06
C ILE A 659 -21.52 -0.33 -15.44
N TYR A 660 -21.59 -1.66 -15.56
CA TYR A 660 -20.47 -2.52 -16.01
C TYR A 660 -20.95 -3.38 -17.16
N PRO A 661 -20.06 -3.82 -18.06
CA PRO A 661 -20.44 -4.86 -19.02
C PRO A 661 -20.70 -6.19 -18.31
N GLY A 662 -21.83 -6.86 -18.60
CA GLY A 662 -22.14 -8.13 -17.92
C GLY A 662 -21.58 -9.32 -18.63
N GLU A 663 -21.18 -10.36 -17.88
CA GLU A 663 -20.70 -11.62 -18.46
C GLU A 663 -21.81 -12.67 -18.37
N ASN A 664 -22.26 -12.97 -17.15
CA ASN A 664 -23.29 -14.03 -16.96
C ASN A 664 -23.92 -13.86 -15.59
N ILE A 665 -25.05 -14.55 -15.37
CA ILE A 665 -25.69 -14.70 -14.03
C ILE A 665 -25.83 -16.21 -13.78
N GLN A 666 -25.41 -16.66 -12.59
CA GLN A 666 -25.49 -18.10 -12.21
C GLN A 666 -26.34 -18.19 -10.96
N ILE A 667 -27.32 -19.10 -11.00
CA ILE A 667 -28.28 -19.27 -9.87
C ILE A 667 -28.39 -20.78 -9.61
N ASN A 668 -28.46 -21.15 -8.33
CA ASN A 668 -28.72 -22.54 -7.91
C ASN A 668 -29.73 -22.47 -6.78
N PHE A 669 -30.90 -23.06 -7.02
CA PHE A 669 -32.02 -23.10 -6.05
C PHE A 669 -32.14 -24.51 -5.43
N GLY A 670 -31.22 -25.41 -5.77
CA GLY A 670 -31.18 -26.77 -5.21
C GLY A 670 -32.16 -27.70 -5.92
N LYS A 671 -32.56 -27.41 -7.16
CA LYS A 671 -33.58 -28.23 -7.90
C LYS A 671 -32.96 -29.02 -9.05
N ASP A 672 -31.78 -28.66 -9.58
CA ASP A 672 -31.20 -29.28 -10.80
C ASP A 672 -32.30 -29.45 -11.86
N ALA A 673 -33.10 -28.41 -12.07
CA ALA A 673 -34.26 -28.40 -12.98
C ALA A 673 -34.43 -26.98 -13.51
N PRO A 674 -35.09 -26.77 -14.68
CA PRO A 674 -35.45 -25.42 -15.11
C PRO A 674 -36.25 -24.72 -14.02
N CYS A 675 -36.06 -23.41 -13.89
CA CYS A 675 -36.85 -22.50 -13.03
C CYS A 675 -37.99 -21.90 -13.86
N THR A 676 -39.18 -22.48 -13.74
CA THR A 676 -40.38 -22.11 -14.52
C THR A 676 -41.04 -20.85 -13.95
N TRP A 677 -40.85 -20.54 -12.66
CA TRP A 677 -41.62 -19.51 -11.89
C TRP A 677 -40.91 -18.15 -11.83
N GLY A 678 -39.65 -18.08 -12.25
CA GLY A 678 -38.81 -16.89 -12.02
C GLY A 678 -38.54 -16.09 -13.28
N ARG A 679 -38.56 -14.77 -13.16
CA ARG A 679 -38.18 -13.85 -14.27
C ARG A 679 -36.91 -13.08 -13.86
N LEU A 680 -35.84 -13.30 -14.62
CA LEU A 680 -34.53 -12.63 -14.38
C LEU A 680 -34.40 -11.44 -15.36
N GLU A 681 -34.14 -10.23 -14.88
CA GLU A 681 -34.04 -9.01 -15.73
C GLU A 681 -32.81 -8.19 -15.31
N ILE A 682 -32.26 -7.45 -16.28
CA ILE A 682 -31.17 -6.48 -16.05
C ILE A 682 -31.61 -5.11 -16.56
N SER A 683 -30.95 -4.08 -16.09
CA SER A 683 -31.24 -2.68 -16.44
C SER A 683 -30.02 -1.85 -16.15
N THR A 684 -29.88 -0.69 -16.79
CA THR A 684 -28.84 0.32 -16.48
C THR A 684 -29.42 1.43 -15.61
N ASP A 685 -30.74 1.54 -15.55
CA ASP A 685 -31.38 2.73 -14.91
C ASP A 685 -32.42 2.30 -13.88
N GLY A 686 -32.85 1.04 -13.92
CA GLY A 686 -33.87 0.51 -13.01
C GLY A 686 -35.23 1.05 -13.36
N LYS A 687 -35.41 1.42 -14.63
CA LYS A 687 -36.69 1.88 -15.22
C LYS A 687 -36.99 0.99 -16.44
N GLU A 688 -36.06 0.88 -17.40
CA GLU A 688 -36.17 -0.04 -18.57
C GLU A 688 -35.47 -1.38 -18.25
N TRP A 689 -36.21 -2.49 -18.30
CA TRP A 689 -35.71 -3.87 -18.01
C TRP A 689 -35.65 -4.68 -19.30
N LYS A 690 -34.66 -5.56 -19.38
CA LYS A 690 -34.52 -6.59 -20.42
C LYS A 690 -34.51 -7.93 -19.71
N THR A 691 -35.40 -8.81 -20.13
CA THR A 691 -35.48 -10.20 -19.65
C THR A 691 -34.26 -10.95 -20.19
N VAL A 692 -33.71 -11.79 -19.35
CA VAL A 692 -32.56 -12.64 -19.68
C VAL A 692 -32.98 -14.07 -19.35
N ASP A 693 -32.74 -15.00 -20.25
CA ASP A 693 -33.27 -16.39 -20.17
C ASP A 693 -32.27 -17.30 -19.44
N LEU A 694 -32.65 -17.84 -18.28
CA LEU A 694 -31.85 -18.88 -17.59
C LEU A 694 -31.93 -20.20 -18.34
N LYS A 695 -30.76 -20.83 -18.56
CA LYS A 695 -30.61 -22.15 -19.20
C LYS A 695 -29.99 -23.11 -18.18
N GLN A 696 -30.42 -24.37 -18.15
CA GLN A 696 -29.73 -25.41 -17.36
C GLN A 696 -28.28 -25.53 -17.84
N LYS A 697 -27.34 -25.57 -16.89
CA LYS A 697 -25.90 -25.79 -17.17
C LYS A 697 -25.28 -26.46 -15.93
N GLU A 698 -24.66 -27.63 -16.10
CA GLU A 698 -23.90 -28.34 -15.03
C GLU A 698 -24.70 -28.35 -13.71
N SER A 699 -25.98 -28.68 -13.76
CA SER A 699 -26.83 -28.88 -12.55
C SER A 699 -27.27 -27.55 -11.92
N ARG A 700 -26.90 -26.40 -12.49
CA ARG A 700 -27.35 -25.05 -12.00
C ARG A 700 -28.09 -24.34 -13.14
N LEU A 701 -28.35 -23.04 -12.97
CA LEU A 701 -28.97 -22.18 -14.02
C LEU A 701 -27.95 -21.10 -14.40
N SER A 702 -27.82 -20.82 -15.70
CA SER A 702 -26.84 -19.83 -16.22
C SER A 702 -27.52 -19.03 -17.32
N ALA A 703 -27.32 -17.73 -17.33
CA ALA A 703 -27.74 -16.83 -18.43
C ALA A 703 -26.52 -16.01 -18.86
N GLY A 704 -26.13 -16.14 -20.13
CA GLY A 704 -25.07 -15.31 -20.70
C GLY A 704 -25.59 -13.90 -20.87
N LEU A 705 -24.78 -12.88 -20.64
CA LEU A 705 -25.22 -11.46 -20.80
C LEU A 705 -24.58 -10.84 -22.05
N GLN A 706 -23.61 -11.51 -22.67
CA GLN A 706 -23.03 -10.98 -23.95
C GLN A 706 -22.59 -9.50 -23.82
N LYS A 707 -21.99 -9.12 -22.70
CA LYS A 707 -21.33 -7.79 -22.48
CA LYS A 707 -21.32 -7.79 -22.46
C LYS A 707 -22.38 -6.69 -22.37
N ALA A 708 -23.65 -7.06 -22.21
CA ALA A 708 -24.72 -6.06 -22.06
C ALA A 708 -24.44 -5.20 -20.83
N PRO A 709 -24.62 -3.87 -20.96
CA PRO A 709 -24.46 -2.96 -19.82
C PRO A 709 -25.41 -3.38 -18.69
N VAL A 710 -24.90 -3.47 -17.47
CA VAL A 710 -25.75 -3.81 -16.28
C VAL A 710 -25.34 -2.96 -15.08
N LYS A 711 -26.35 -2.44 -14.42
CA LYS A 711 -26.23 -1.83 -13.08
C LYS A 711 -27.21 -2.52 -12.12
N PHE A 712 -28.41 -2.88 -12.59
CA PHE A 712 -29.43 -3.55 -11.76
C PHE A 712 -29.68 -4.96 -12.28
N VAL A 713 -29.88 -5.88 -11.32
CA VAL A 713 -30.27 -7.28 -11.59
C VAL A 713 -31.50 -7.56 -10.74
N ARG A 714 -32.52 -8.13 -11.33
CA ARG A 714 -33.78 -8.37 -10.58
C ARG A 714 -34.28 -9.76 -10.86
N PHE A 715 -34.70 -10.46 -9.80
CA PHE A 715 -35.32 -11.80 -9.96
C PHE A 715 -36.63 -11.80 -9.20
N THR A 716 -37.71 -12.09 -9.92
CA THR A 716 -39.08 -11.98 -9.38
C THR A 716 -39.75 -13.35 -9.50
N ASN A 717 -40.49 -13.76 -8.46
CA ASN A 717 -41.48 -14.87 -8.57
C ASN A 717 -42.72 -14.30 -9.29
N VAL A 718 -42.86 -14.65 -10.56
CA VAL A 718 -44.00 -14.21 -11.44
C VAL A 718 -45.12 -15.27 -11.49
N SER A 719 -44.94 -16.41 -10.83
CA SER A 719 -46.00 -17.43 -10.65
C SER A 719 -47.00 -16.90 -9.61
N ASP A 720 -48.11 -17.62 -9.44
CA ASP A 720 -49.18 -17.31 -8.45
C ASP A 720 -48.91 -18.01 -7.12
N GLU A 721 -47.86 -18.84 -7.02
CA GLU A 721 -47.61 -19.72 -5.84
C GLU A 721 -46.32 -19.33 -5.10
N GLU A 722 -46.32 -19.46 -3.77
CA GLU A 722 -45.07 -19.43 -2.98
C GLU A 722 -44.16 -20.56 -3.46
N GLN A 723 -42.85 -20.31 -3.59
CA GLN A 723 -41.85 -21.34 -3.98
C GLN A 723 -40.92 -21.57 -2.79
N GLN A 724 -40.48 -22.82 -2.58
CA GLN A 724 -39.52 -23.21 -1.52
C GLN A 724 -38.25 -23.64 -2.25
N VAL A 725 -37.17 -22.93 -2.01
CA VAL A 725 -35.83 -23.19 -2.62
C VAL A 725 -34.77 -23.03 -1.54
N TYR A 726 -33.55 -23.41 -1.86
CA TYR A 726 -32.36 -22.97 -1.12
C TYR A 726 -31.67 -21.92 -1.99
N LEU A 727 -31.23 -20.81 -1.41
CA LEU A 727 -30.34 -19.87 -2.15
C LEU A 727 -28.91 -20.42 -2.05
N ARG A 728 -28.57 -21.36 -2.95
CA ARG A 728 -27.25 -22.03 -2.97
C ARG A 728 -26.27 -21.12 -3.70
N GLN A 729 -26.77 -20.40 -4.69
CA GLN A 729 -25.90 -19.54 -5.52
C GLN A 729 -26.77 -18.48 -6.18
N PHE A 730 -26.31 -17.24 -6.18
CA PHE A 730 -26.90 -16.13 -6.94
C PHE A 730 -25.75 -15.14 -7.22
N VAL A 731 -25.19 -15.21 -8.42
CA VAL A 731 -23.90 -14.54 -8.74
C VAL A 731 -24.02 -13.80 -10.07
N LEU A 732 -23.64 -12.51 -10.08
CA LEU A 732 -23.47 -11.75 -11.34
C LEU A 732 -21.97 -11.69 -11.63
N THR A 733 -21.53 -12.04 -12.82
CA THR A 733 -20.13 -11.85 -13.23
C THR A 733 -20.13 -10.65 -14.18
N ILE A 734 -19.24 -9.68 -13.91
CA ILE A 734 -19.07 -8.44 -14.72
C ILE A 734 -17.67 -8.45 -15.32
N GLU A 735 -17.49 -7.63 -16.34
CA GLU A 735 -16.24 -7.64 -17.10
C GLU A 735 -15.09 -7.20 -16.17
N LYS A 736 -14.04 -8.03 -16.17
CA LYS A 736 -12.80 -7.87 -15.38
C LYS A 736 -12.20 -6.47 -15.61
N LYS A 737 -11.51 -5.92 -14.61
CA LYS A 737 -10.65 -4.72 -14.76
C LYS A 737 -9.47 -5.07 -15.70
N VAL B 24 -18.27 33.42 2.13
CA VAL B 24 -19.02 32.28 2.69
C VAL B 24 -20.32 32.02 1.93
N SER B 25 -21.28 32.94 2.01
CA SER B 25 -22.53 32.86 1.22
C SER B 25 -22.18 33.16 -0.26
N LEU B 26 -21.28 34.12 -0.64
CA LEU B 26 -21.04 34.28 -2.12
C LEU B 26 -19.58 34.44 -2.50
N GLN B 27 -19.16 33.70 -3.53
CA GLN B 27 -17.74 33.78 -3.95
C GLN B 27 -17.71 33.88 -5.47
N PRO B 28 -17.02 34.87 -6.06
CA PRO B 28 -16.49 36.02 -5.34
C PRO B 28 -17.61 36.85 -4.73
N PRO B 29 -17.33 37.60 -3.67
CA PRO B 29 -18.39 38.42 -3.05
C PRO B 29 -18.74 39.56 -4.00
N PRO B 30 -20.03 39.90 -4.15
CA PRO B 30 -20.40 40.96 -5.09
C PRO B 30 -19.98 42.34 -4.62
N GLN B 31 -19.89 43.26 -5.56
CA GLN B 31 -19.51 44.68 -5.30
C GLN B 31 -20.52 45.29 -4.33
N GLN B 32 -21.80 45.06 -4.56
CA GLN B 32 -22.92 45.62 -3.78
C GLN B 32 -23.96 44.54 -3.52
N LEU B 33 -24.33 44.38 -2.26
CA LEU B 33 -25.31 43.36 -1.82
C LEU B 33 -26.19 43.97 -0.75
N ILE B 34 -27.50 43.87 -0.92
CA ILE B 34 -28.52 44.20 0.12
C ILE B 34 -29.39 42.97 0.33
N VAL B 35 -29.43 42.44 1.55
CA VAL B 35 -30.13 41.17 1.90
C VAL B 35 -31.26 41.58 2.85
N GLN B 36 -32.42 40.96 2.73
CA GLN B 36 -33.61 41.38 3.52
C GLN B 36 -33.93 40.37 4.62
N ASN B 37 -33.13 39.34 4.86
CA ASN B 37 -33.39 38.47 6.03
C ASN B 37 -34.86 38.02 5.98
N LYS B 38 -35.34 37.79 4.75
CA LYS B 38 -36.61 37.12 4.37
C LYS B 38 -36.22 36.09 3.30
N THR B 39 -37.02 35.04 3.21
CA THR B 39 -36.78 33.84 2.38
C THR B 39 -37.95 33.64 1.43
N ILE B 40 -37.70 33.19 0.20
CA ILE B 40 -38.77 32.67 -0.69
C ILE B 40 -38.39 31.26 -1.11
N ASP B 41 -39.42 30.45 -1.38
CA ASP B 41 -39.28 29.13 -2.02
C ASP B 41 -38.89 29.33 -3.49
N LEU B 42 -37.92 28.57 -3.97
CA LEU B 42 -37.70 28.43 -5.43
C LEU B 42 -39.06 28.08 -6.03
N PRO B 43 -39.61 28.86 -6.98
CA PRO B 43 -40.98 28.64 -7.46
C PRO B 43 -41.22 27.31 -8.19
N ALA B 44 -42.17 26.51 -7.68
CA ALA B 44 -42.59 25.22 -8.27
C ALA B 44 -43.21 25.45 -9.65
N VAL B 45 -43.89 26.58 -9.81
CA VAL B 45 -44.49 27.07 -11.08
C VAL B 45 -43.99 28.49 -11.29
N TYR B 46 -43.44 28.80 -12.46
CA TYR B 46 -42.82 30.13 -12.73
C TYR B 46 -43.11 30.53 -14.18
N GLN B 47 -43.07 31.83 -14.45
CA GLN B 47 -43.11 32.41 -15.83
C GLN B 47 -41.70 32.90 -16.14
N LEU B 48 -41.20 32.64 -17.35
CA LEU B 48 -39.85 33.07 -17.77
C LEU B 48 -39.97 34.05 -18.94
N ASN B 49 -39.43 35.25 -18.76
CA ASN B 49 -39.25 36.23 -19.84
C ASN B 49 -37.78 36.27 -20.21
N GLY B 50 -37.51 36.19 -21.50
CA GLY B 50 -36.19 36.50 -22.08
C GLY B 50 -35.37 35.26 -22.41
N GLY B 51 -35.93 34.06 -22.28
CA GLY B 51 -35.28 32.77 -22.59
C GLY B 51 -34.69 32.70 -23.98
N GLU B 52 -35.36 33.27 -24.98
CA GLU B 52 -34.91 33.21 -26.39
C GLU B 52 -33.92 34.34 -26.71
N GLU B 53 -33.89 35.38 -25.87
N GLU B 53 -33.83 35.37 -25.88
CA GLU B 53 -33.15 36.67 -26.08
CA GLU B 53 -33.00 36.54 -26.24
C GLU B 53 -31.80 36.65 -25.33
C GLU B 53 -31.77 36.68 -25.32
N ALA B 54 -31.70 35.92 -24.22
CA ALA B 54 -30.56 36.01 -23.28
C ALA B 54 -29.44 35.09 -23.73
N ASN B 55 -28.22 35.35 -23.24
CA ASN B 55 -27.06 34.43 -23.40
C ASN B 55 -27.53 32.99 -23.21
N PRO B 56 -27.46 32.15 -24.26
CA PRO B 56 -27.89 30.75 -24.11
C PRO B 56 -27.13 29.92 -23.06
N HIS B 57 -25.88 30.28 -22.79
CA HIS B 57 -25.05 29.64 -21.72
C HIS B 57 -25.66 29.96 -20.36
N ALA B 58 -26.27 31.14 -20.22
CA ALA B 58 -26.91 31.54 -18.95
C ALA B 58 -28.25 30.83 -18.83
N VAL B 59 -29.00 30.82 -19.94
CA VAL B 59 -30.35 30.23 -19.96
C VAL B 59 -30.23 28.75 -19.62
N LYS B 60 -29.16 28.09 -20.08
CA LYS B 60 -28.96 26.65 -19.77
C LYS B 60 -28.78 26.47 -18.26
N VAL B 61 -27.94 27.26 -17.62
CA VAL B 61 -27.74 27.14 -16.15
C VAL B 61 -29.11 27.31 -15.50
N LEU B 62 -29.87 28.35 -15.88
CA LEU B 62 -31.14 28.65 -15.18
C LEU B 62 -32.08 27.45 -15.26
N LYS B 63 -32.20 26.87 -16.45
CA LYS B 63 -33.20 25.79 -16.71
C LYS B 63 -32.82 24.55 -15.90
N GLU B 64 -31.52 24.33 -15.71
CA GLU B 64 -31.00 23.22 -14.90
C GLU B 64 -31.31 23.45 -13.42
N LEU B 65 -31.29 24.70 -12.95
CA LEU B 65 -31.66 25.03 -11.55
C LEU B 65 -33.18 24.94 -11.33
N LEU B 66 -33.98 25.21 -12.34
CA LEU B 66 -35.45 25.37 -12.15
C LEU B 66 -36.12 24.00 -12.24
N SER B 67 -36.06 23.27 -11.12
CA SER B 67 -36.94 22.11 -10.78
C SER B 67 -38.34 22.67 -10.47
N GLY B 68 -39.23 22.57 -11.46
CA GLY B 68 -40.46 23.36 -11.50
C GLY B 68 -40.93 23.44 -12.93
N LYS B 69 -42.19 23.82 -13.14
CA LYS B 69 -42.87 23.81 -14.47
C LYS B 69 -42.99 25.25 -14.96
N GLN B 70 -42.61 25.51 -16.22
CA GLN B 70 -42.79 26.84 -16.83
C GLN B 70 -44.27 27.01 -17.16
N SER B 71 -44.84 28.15 -16.81
CA SER B 71 -46.23 28.53 -17.15
C SER B 71 -46.22 29.90 -17.85
N SER B 72 -47.27 30.19 -18.62
CA SER B 72 -47.50 31.49 -19.27
C SER B 72 -48.42 32.36 -18.42
N LYS B 73 -48.95 31.83 -17.31
CA LYS B 73 -50.21 32.35 -16.73
C LYS B 73 -50.19 32.35 -15.20
N LYS B 74 -49.36 31.51 -14.58
CA LYS B 74 -49.32 31.36 -13.10
C LYS B 74 -47.86 31.37 -12.65
N GLY B 75 -47.62 31.87 -11.44
CA GLY B 75 -46.32 31.74 -10.74
C GLY B 75 -45.49 33.00 -10.87
N MET B 76 -44.43 33.09 -10.08
CA MET B 76 -43.62 34.32 -10.05
C MET B 76 -42.89 34.44 -11.38
N LEU B 77 -42.55 35.67 -11.73
CA LEU B 77 -41.93 35.97 -13.02
C LEU B 77 -40.42 35.91 -12.82
N ILE B 78 -39.74 35.26 -13.73
CA ILE B 78 -38.27 35.27 -13.81
C ILE B 78 -37.89 36.00 -15.09
N SER B 79 -37.10 37.05 -14.97
CA SER B 79 -36.64 37.81 -16.14
C SER B 79 -35.14 37.61 -16.33
N ILE B 80 -34.75 37.16 -17.51
CA ILE B 80 -33.30 37.02 -17.84
C ILE B 80 -32.99 37.74 -19.14
N GLY B 81 -31.85 38.41 -19.19
CA GLY B 81 -31.44 39.11 -20.40
C GLY B 81 -30.28 40.02 -20.20
N GLU B 82 -29.80 40.51 -21.31
CA GLU B 82 -28.74 41.52 -21.39
C GLU B 82 -29.37 42.89 -21.53
N LYS B 83 -28.66 43.92 -21.09
CA LYS B 83 -29.04 45.32 -21.34
C LYS B 83 -29.33 45.51 -22.82
N GLY B 84 -30.47 46.13 -23.15
CA GLY B 84 -30.94 46.23 -24.55
C GLY B 84 -31.97 45.18 -24.92
N ASP B 85 -32.06 44.05 -24.21
CA ASP B 85 -33.13 43.04 -24.39
C ASP B 85 -34.44 43.59 -23.80
N LYS B 86 -35.57 43.39 -24.48
CA LYS B 86 -36.90 43.79 -23.93
C LYS B 86 -37.18 43.11 -22.58
N SER B 87 -36.73 41.86 -22.35
CA SER B 87 -37.00 41.11 -21.10
C SER B 87 -36.55 41.92 -19.86
N VAL B 88 -35.51 42.75 -19.95
CA VAL B 88 -34.93 43.41 -18.74
C VAL B 88 -35.02 44.92 -18.91
N ARG B 89 -35.80 45.37 -19.90
CA ARG B 89 -35.94 46.84 -20.10
C ARG B 89 -36.29 47.51 -18.75
N LYS B 90 -37.24 46.97 -18.02
CA LYS B 90 -37.74 47.54 -16.73
C LYS B 90 -36.55 47.84 -15.80
N TYR B 91 -35.52 46.98 -15.85
CA TYR B 91 -34.40 46.99 -14.87
C TYR B 91 -33.15 47.59 -15.45
N SER B 92 -33.20 48.19 -16.64
CA SER B 92 -31.99 48.57 -17.41
C SER B 92 -31.16 49.64 -16.68
N ARG B 93 -31.70 50.50 -15.81
CA ARG B 93 -30.86 51.55 -15.18
C ARG B 93 -30.22 50.94 -13.92
N GLN B 94 -30.66 49.77 -13.49
CA GLN B 94 -30.08 49.02 -12.33
C GLN B 94 -28.83 48.24 -12.77
N ILE B 95 -28.68 47.99 -14.05
CA ILE B 95 -27.53 47.18 -14.57
C ILE B 95 -26.24 47.98 -14.52
N PRO B 96 -25.20 47.51 -13.83
CA PRO B 96 -23.97 48.26 -13.85
C PRO B 96 -23.38 48.41 -15.25
N ASP B 97 -22.89 49.61 -15.53
CA ASP B 97 -22.34 49.87 -16.89
C ASP B 97 -20.86 49.54 -16.86
N HIS B 98 -20.56 48.27 -16.73
CA HIS B 98 -19.21 47.70 -16.63
C HIS B 98 -19.20 46.42 -17.47
N LYS B 99 -18.11 46.11 -18.14
CA LYS B 99 -17.95 44.80 -18.81
C LYS B 99 -18.09 43.71 -17.74
N GLU B 100 -18.94 42.72 -18.05
CA GLU B 100 -19.21 41.47 -17.27
C GLU B 100 -20.00 41.83 -16.01
N GLY B 101 -20.59 43.01 -16.00
CA GLY B 101 -21.46 43.46 -14.90
C GLY B 101 -22.84 42.84 -14.96
N TYR B 102 -23.55 42.89 -13.85
CA TYR B 102 -24.94 42.36 -13.80
C TYR B 102 -25.69 42.96 -12.62
N TYR B 103 -27.02 42.91 -12.75
CA TYR B 103 -27.98 43.15 -11.66
C TYR B 103 -28.72 41.85 -11.39
N LEU B 104 -28.91 41.53 -10.11
CA LEU B 104 -29.65 40.34 -9.71
C LEU B 104 -30.60 40.78 -8.62
N SER B 105 -31.83 40.34 -8.72
CA SER B 105 -32.83 40.68 -7.69
C SER B 105 -33.68 39.44 -7.42
N VAL B 106 -33.93 39.20 -6.15
CA VAL B 106 -34.92 38.20 -5.71
C VAL B 106 -35.84 38.88 -4.70
N ASN B 107 -37.15 38.82 -4.97
CA ASN B 107 -38.16 39.14 -3.93
C ASN B 107 -39.36 38.19 -4.11
N GLU B 108 -40.45 38.33 -3.32
CA GLU B 108 -41.65 37.45 -3.41
C GLU B 108 -42.25 37.51 -4.81
N LYS B 109 -42.09 38.61 -5.53
CA LYS B 109 -42.85 38.91 -6.78
C LYS B 109 -42.09 38.33 -7.97
N GLU B 110 -40.78 38.58 -8.01
CA GLU B 110 -40.01 38.22 -9.21
C GLU B 110 -38.51 38.04 -8.92
N ILE B 111 -37.89 37.40 -9.90
CA ILE B 111 -36.42 37.20 -9.95
C ILE B 111 -35.94 37.88 -11.20
N VAL B 112 -34.87 38.68 -11.07
CA VAL B 112 -34.25 39.43 -12.19
C VAL B 112 -32.79 38.97 -12.32
N LEU B 113 -32.41 38.57 -13.53
CA LEU B 113 -31.04 38.18 -13.85
C LEU B 113 -30.61 38.95 -15.09
N ALA B 114 -29.93 40.06 -14.90
CA ALA B 114 -29.77 41.08 -15.96
C ALA B 114 -28.29 41.42 -16.14
N GLY B 115 -27.74 40.97 -17.25
CA GLY B 115 -26.32 41.28 -17.55
C GLY B 115 -26.19 42.60 -18.29
N ASN B 116 -25.04 43.26 -18.09
CA ASN B 116 -24.66 44.39 -18.94
C ASN B 116 -24.27 43.85 -20.32
N ASP B 117 -23.84 42.61 -20.37
CA ASP B 117 -23.41 41.92 -21.61
C ASP B 117 -23.65 40.43 -21.40
N GLU B 118 -23.37 39.63 -22.41
CA GLU B 118 -23.82 38.22 -22.31
C GLU B 118 -23.03 37.56 -21.16
N ARG B 119 -21.76 37.89 -21.03
CA ARG B 119 -20.98 37.19 -20.01
C ARG B 119 -21.50 37.63 -18.63
N GLY B 120 -21.92 38.87 -18.51
CA GLY B 120 -22.57 39.38 -17.29
C GLY B 120 -23.79 38.59 -16.90
N THR B 121 -24.62 38.20 -17.88
CA THR B 121 -25.82 37.40 -17.57
C THR B 121 -25.40 36.04 -17.03
N TYR B 122 -24.39 35.42 -17.65
CA TYR B 122 -23.86 34.11 -17.16
C TYR B 122 -23.35 34.23 -15.70
N TYR B 123 -22.69 35.34 -15.41
CA TYR B 123 -22.17 35.63 -14.04
C TYR B 123 -23.32 35.86 -13.07
N ALA B 124 -24.41 36.55 -13.49
CA ALA B 124 -25.61 36.65 -12.62
C ALA B 124 -26.11 35.24 -12.28
N LEU B 125 -26.07 34.30 -13.22
CA LEU B 125 -26.52 32.92 -12.96
C LEU B 125 -25.55 32.20 -12.02
N GLN B 126 -24.24 32.50 -12.07
CA GLN B 126 -23.27 31.80 -11.18
C GLN B 126 -23.45 32.31 -9.74
N THR B 127 -23.83 33.57 -9.57
CA THR B 127 -24.21 34.09 -8.25
C THR B 127 -25.54 33.46 -7.84
N PHE B 128 -26.54 33.46 -8.73
CA PHE B 128 -27.87 32.89 -8.43
C PHE B 128 -27.76 31.45 -7.92
N ALA B 129 -26.94 30.62 -8.57
CA ALA B 129 -26.79 29.20 -8.18
C ALA B 129 -26.35 29.09 -6.73
N GLN B 130 -25.52 29.99 -6.24
CA GLN B 130 -24.99 29.97 -4.86
C GLN B 130 -26.04 30.41 -3.84
N LEU B 131 -27.04 31.19 -4.28
CA LEU B 131 -28.05 31.71 -3.34
C LEU B 131 -29.01 30.57 -3.01
N LEU B 132 -29.18 29.64 -3.93
CA LEU B 132 -30.22 28.58 -3.87
C LEU B 132 -29.78 27.54 -2.83
N LYS B 133 -30.49 27.49 -1.69
CA LYS B 133 -30.18 26.64 -0.49
C LYS B 133 -31.43 25.84 -0.07
N ASP B 134 -31.40 24.52 -0.18
CA ASP B 134 -32.52 23.63 0.25
C ASP B 134 -33.84 24.13 -0.36
N GLY B 135 -33.83 24.37 -1.67
CA GLY B 135 -34.99 24.86 -2.45
C GLY B 135 -35.47 26.25 -2.06
N LYS B 136 -34.68 27.04 -1.32
CA LYS B 136 -35.07 28.42 -0.88
C LYS B 136 -34.04 29.46 -1.36
N LEU B 137 -34.47 30.70 -1.54
CA LEU B 137 -33.63 31.86 -1.91
C LEU B 137 -33.80 32.93 -0.86
N PRO B 138 -32.73 33.71 -0.57
CA PRO B 138 -32.88 34.93 0.21
C PRO B 138 -33.44 36.04 -0.69
N GLU B 139 -34.19 36.96 -0.07
CA GLU B 139 -34.58 38.22 -0.74
C GLU B 139 -33.33 39.10 -0.79
N VAL B 140 -32.84 39.42 -1.98
CA VAL B 140 -31.54 40.10 -2.12
C VAL B 140 -31.59 41.01 -3.34
N GLU B 141 -30.81 42.09 -3.32
N GLU B 141 -30.73 42.03 -3.33
CA GLU B 141 -30.51 42.92 -4.50
CA GLU B 141 -30.48 43.00 -4.43
C GLU B 141 -28.99 43.00 -4.62
C GLU B 141 -28.97 43.15 -4.66
N ILE B 142 -28.49 42.70 -5.82
CA ILE B 142 -27.04 42.67 -6.13
C ILE B 142 -26.75 43.51 -7.34
N LYS B 143 -25.71 44.32 -7.23
CA LYS B 143 -25.06 45.00 -8.37
C LYS B 143 -23.60 44.60 -8.35
N ASP B 144 -23.13 44.03 -9.45
CA ASP B 144 -21.80 43.36 -9.39
C ASP B 144 -21.10 43.48 -10.73
N TYR B 145 -19.78 43.43 -10.65
CA TYR B 145 -18.84 43.61 -11.79
C TYR B 145 -17.48 43.27 -11.25
N PRO B 146 -16.54 42.88 -12.11
CA PRO B 146 -15.18 42.59 -11.71
C PRO B 146 -14.32 43.86 -11.58
N SER B 147 -13.44 43.87 -10.56
CA SER B 147 -12.47 44.98 -10.33
C SER B 147 -11.29 44.88 -11.30
N VAL B 148 -10.96 43.67 -11.76
CA VAL B 148 -9.80 43.39 -12.65
C VAL B 148 -10.34 42.74 -13.93
N ARG B 149 -9.86 43.17 -15.09
CA ARG B 149 -10.52 42.88 -16.38
C ARG B 149 -10.32 41.41 -16.75
N TYR B 150 -9.09 40.94 -16.61
CA TYR B 150 -8.77 39.53 -16.96
C TYR B 150 -8.34 38.80 -15.69
N ARG B 151 -8.97 37.67 -15.44
CA ARG B 151 -8.83 36.91 -14.18
C ARG B 151 -8.78 35.44 -14.55
N GLY B 152 -7.78 34.72 -14.07
CA GLY B 152 -7.81 33.29 -14.35
C GLY B 152 -6.51 32.58 -14.06
N VAL B 153 -6.20 31.62 -14.93
CA VAL B 153 -5.12 30.66 -14.66
C VAL B 153 -4.20 30.61 -15.84
N VAL B 154 -2.90 30.62 -15.58
CA VAL B 154 -1.92 30.26 -16.64
C VAL B 154 -1.37 28.88 -16.30
N GLU B 155 -1.60 27.92 -17.17
CA GLU B 155 -0.99 26.60 -16.99
C GLU B 155 0.38 26.76 -17.58
N GLY B 156 1.31 27.23 -16.76
CA GLY B 156 2.62 27.78 -17.23
C GLY B 156 3.81 27.18 -16.52
N PHE B 157 3.61 26.05 -15.84
CA PHE B 157 4.66 25.44 -14.98
C PHE B 157 5.52 24.45 -15.76
N TYR B 158 6.69 24.15 -15.17
CA TYR B 158 7.52 22.97 -15.55
C TYR B 158 6.88 21.72 -14.94
N GLY B 159 6.96 20.61 -15.65
CA GLY B 159 6.49 19.31 -15.15
C GLY B 159 5.42 18.77 -16.03
N THR B 160 4.79 17.70 -15.56
CA THR B 160 3.78 16.98 -16.35
C THR B 160 2.61 17.92 -16.59
N PRO B 161 2.26 18.25 -17.85
CA PRO B 161 1.13 19.11 -18.14
C PRO B 161 -0.17 18.47 -17.64
N TRP B 162 -1.14 19.31 -17.29
CA TRP B 162 -2.48 18.82 -16.89
C TRP B 162 -3.02 17.88 -17.96
N SER B 163 -3.67 16.83 -17.48
CA SER B 163 -4.40 15.91 -18.39
C SER B 163 -5.56 16.62 -19.06
N HIS B 164 -6.04 16.06 -20.17
CA HIS B 164 -7.23 16.61 -20.86
C HIS B 164 -8.42 16.63 -19.89
N GLN B 165 -8.63 15.55 -19.15
CA GLN B 165 -9.75 15.47 -18.21
C GLN B 165 -9.58 16.56 -17.14
N ALA B 166 -8.35 16.76 -16.65
CA ALA B 166 -8.10 17.81 -15.64
C ALA B 166 -8.51 19.16 -16.23
N ARG B 167 -8.11 19.42 -17.48
CA ARG B 167 -8.40 20.74 -18.10
C ARG B 167 -9.91 20.92 -18.28
N LEU B 168 -10.66 19.87 -18.62
CA LEU B 168 -12.13 20.02 -18.78
C LEU B 168 -12.75 20.40 -17.44
N SER B 169 -12.24 19.80 -16.38
CA SER B 169 -12.71 20.12 -15.01
C SER B 169 -12.39 21.57 -14.64
N GLN B 170 -11.18 22.00 -14.97
CA GLN B 170 -10.71 23.38 -14.70
C GLN B 170 -11.65 24.38 -15.36
N LEU B 171 -11.95 24.20 -16.66
CA LEU B 171 -12.75 25.22 -17.36
C LEU B 171 -14.13 25.36 -16.73
N LYS B 172 -14.72 24.27 -16.28
CA LYS B 172 -16.03 24.32 -15.62
C LYS B 172 -15.90 25.10 -14.31
N PHE B 173 -14.83 24.85 -13.57
CA PHE B 173 -14.60 25.56 -12.29
C PHE B 173 -14.37 27.08 -12.51
N TYR B 174 -13.71 27.46 -13.61
CA TYR B 174 -13.41 28.87 -13.92
C TYR B 174 -14.73 29.59 -14.15
N GLY B 175 -15.61 28.98 -14.95
CA GLY B 175 -16.92 29.62 -15.22
C GLY B 175 -17.70 29.84 -13.93
N LYS B 176 -17.66 28.86 -13.04
CA LYS B 176 -18.40 28.98 -11.77
C LYS B 176 -17.88 30.14 -10.94
N ASN B 177 -16.59 30.44 -11.01
CA ASN B 177 -15.91 31.39 -10.11
C ASN B 177 -15.63 32.67 -10.88
N LYS B 178 -16.20 32.83 -12.07
CA LYS B 178 -16.06 34.11 -12.82
C LYS B 178 -14.63 34.37 -13.23
N MET B 179 -13.86 33.32 -13.52
CA MET B 179 -12.52 33.49 -14.14
C MET B 179 -12.71 33.41 -15.65
N ASN B 180 -12.38 34.48 -16.33
CA ASN B 180 -12.63 34.60 -17.76
C ASN B 180 -11.39 34.27 -18.59
N THR B 181 -10.27 33.80 -18.02
CA THR B 181 -9.04 33.62 -18.80
C THR B 181 -8.41 32.28 -18.41
N TYR B 182 -8.03 31.51 -19.43
CA TYR B 182 -7.16 30.32 -19.25
C TYR B 182 -6.05 30.42 -20.25
N ILE B 183 -4.84 30.61 -19.76
CA ILE B 183 -3.66 30.70 -20.66
C ILE B 183 -3.00 29.36 -20.68
N TYR B 184 -3.04 28.74 -21.87
CA TYR B 184 -2.43 27.43 -22.09
C TYR B 184 -0.95 27.65 -22.36
N GLY B 185 -0.06 27.19 -21.50
CA GLY B 185 1.38 27.30 -21.77
C GLY B 185 2.26 26.37 -20.96
N PRO B 186 2.04 25.04 -20.97
CA PRO B 186 2.84 24.15 -20.14
C PRO B 186 4.25 24.11 -20.71
N LYS B 187 5.23 24.44 -19.89
CA LYS B 187 6.66 24.53 -20.33
C LYS B 187 7.09 23.24 -21.04
N ASP B 188 6.59 22.09 -20.61
CA ASP B 188 7.08 20.80 -21.14
C ASP B 188 6.18 20.26 -22.27
N ASP B 189 5.26 21.04 -22.80
CA ASP B 189 4.51 20.67 -24.03
C ASP B 189 5.43 20.95 -25.20
N PRO B 190 5.84 19.89 -25.97
CA PRO B 190 6.81 20.14 -27.01
C PRO B 190 6.31 20.98 -28.19
N TYR B 191 4.99 21.08 -28.37
CA TYR B 191 4.38 21.93 -29.42
C TYR B 191 4.14 23.36 -28.92
N HIS B 192 4.43 23.63 -27.63
CA HIS B 192 4.39 24.99 -27.06
C HIS B 192 5.78 25.63 -27.08
N SER B 193 6.78 24.83 -26.77
CA SER B 193 8.17 25.33 -26.55
C SER B 193 9.17 24.73 -27.56
N ALA B 194 10.47 24.95 -27.40
CA ALA B 194 11.43 24.64 -28.49
C ALA B 194 11.77 23.15 -28.48
N PRO B 195 12.04 22.51 -29.66
CA PRO B 195 11.99 23.17 -30.97
C PRO B 195 10.67 22.99 -31.69
N ASN B 196 9.74 22.20 -31.08
CA ASN B 196 8.56 21.80 -31.90
C ASN B 196 7.44 22.82 -31.84
N TRP B 197 7.65 24.00 -31.23
CA TRP B 197 6.69 25.10 -31.38
C TRP B 197 6.41 25.37 -32.87
N ARG B 198 7.38 25.10 -33.75
CA ARG B 198 7.15 25.25 -35.20
C ARG B 198 6.11 24.28 -35.78
N LEU B 199 5.83 23.17 -35.12
CA LEU B 199 5.06 22.06 -35.77
C LEU B 199 3.61 22.23 -35.35
N PRO B 200 2.65 21.98 -36.25
CA PRO B 200 1.27 21.84 -35.83
C PRO B 200 1.10 20.67 -34.87
N TYR B 201 0.14 20.79 -33.93
CA TYR B 201 -0.24 19.66 -33.03
C TYR B 201 -0.60 18.45 -33.89
N PRO B 202 -0.17 17.25 -33.47
CA PRO B 202 -0.68 16.02 -34.05
C PRO B 202 -2.20 16.04 -33.96
N ASP B 203 -2.85 15.22 -34.80
CA ASP B 203 -4.33 15.16 -34.92
C ASP B 203 -5.01 14.91 -33.56
N LYS B 204 -4.51 13.96 -32.77
CA LYS B 204 -5.15 13.57 -31.48
C LYS B 204 -5.19 14.82 -30.58
N GLU B 205 -4.05 15.47 -30.45
CA GLU B 205 -3.90 16.62 -29.53
CA GLU B 205 -3.91 16.62 -29.53
C GLU B 205 -4.71 17.79 -30.10
N ALA B 206 -4.69 17.99 -31.43
CA ALA B 206 -5.45 19.07 -32.04
C ALA B 206 -6.93 18.95 -31.71
N ALA B 207 -7.46 17.73 -31.79
CA ALA B 207 -8.89 17.44 -31.55
C ALA B 207 -9.20 17.73 -30.07
N GLN B 208 -8.27 17.37 -29.20
CA GLN B 208 -8.43 17.68 -27.75
C GLN B 208 -8.42 19.19 -27.55
N LEU B 209 -7.51 19.90 -28.18
CA LEU B 209 -7.47 21.38 -27.98
C LEU B 209 -8.74 22.00 -28.53
N GLN B 210 -9.25 21.51 -29.66
CA GLN B 210 -10.49 22.05 -30.24
C GLN B 210 -11.63 21.83 -29.23
N GLU B 211 -11.64 20.69 -28.55
CA GLU B 211 -12.69 20.41 -27.53
C GLU B 211 -12.51 21.38 -26.37
N LEU B 212 -11.27 21.61 -25.93
CA LEU B 212 -11.09 22.51 -24.77
C LEU B 212 -11.57 23.91 -25.15
N VAL B 213 -11.29 24.39 -26.37
CA VAL B 213 -11.74 25.75 -26.77
C VAL B 213 -13.27 25.78 -26.73
N ALA B 214 -13.93 24.75 -27.24
CA ALA B 214 -15.41 24.72 -27.26
C ALA B 214 -15.94 24.75 -25.81
N VAL B 215 -15.34 23.95 -24.93
CA VAL B 215 -15.78 23.90 -23.50
C VAL B 215 -15.45 25.24 -22.83
N ALA B 216 -14.33 25.88 -23.15
CA ALA B 216 -14.02 27.19 -22.57
C ALA B 216 -15.13 28.15 -22.96
N ASN B 217 -15.47 28.14 -24.24
CA ASN B 217 -16.51 29.06 -24.74
C ASN B 217 -17.83 28.82 -24.02
N GLU B 218 -18.21 27.58 -23.77
CA GLU B 218 -19.49 27.22 -23.09
C GLU B 218 -19.41 27.70 -21.64
N ASN B 219 -18.22 27.95 -21.09
CA ASN B 219 -18.08 28.38 -19.67
C ASN B 219 -17.65 29.84 -19.59
N GLU B 220 -17.76 30.61 -20.70
CA GLU B 220 -17.44 32.05 -20.72
C GLU B 220 -15.98 32.25 -20.31
N VAL B 221 -15.12 31.34 -20.73
CA VAL B 221 -13.67 31.49 -20.56
C VAL B 221 -13.00 31.71 -21.91
N ASP B 222 -12.13 32.72 -21.97
CA ASP B 222 -11.21 32.95 -23.12
C ASP B 222 -10.01 32.00 -23.01
N PHE B 223 -9.89 31.10 -23.98
CA PHE B 223 -8.73 30.16 -24.10
C PHE B 223 -7.65 30.95 -24.81
N VAL B 224 -6.54 31.17 -24.13
CA VAL B 224 -5.39 31.94 -24.67
C VAL B 224 -4.34 30.91 -24.98
N TRP B 225 -4.02 30.67 -26.26
CA TRP B 225 -2.92 29.76 -26.58
C TRP B 225 -1.59 30.52 -26.61
N ALA B 226 -0.64 30.07 -25.81
CA ALA B 226 0.70 30.71 -25.73
C ALA B 226 1.69 29.88 -26.55
N ILE B 227 2.71 30.55 -27.02
CA ILE B 227 3.86 29.92 -27.67
C ILE B 227 5.10 30.43 -26.94
N HIS B 228 6.13 29.60 -26.86
CA HIS B 228 7.39 29.88 -26.14
C HIS B 228 8.54 29.55 -27.08
N PRO B 229 8.84 30.46 -28.02
CA PRO B 229 9.74 30.11 -29.11
C PRO B 229 11.18 30.61 -28.92
N GLY B 230 11.42 31.29 -27.82
CA GLY B 230 12.59 32.18 -27.74
C GLY B 230 13.91 31.47 -27.65
N GLN B 231 14.00 30.21 -27.19
CA GLN B 231 15.30 29.58 -26.92
C GLN B 231 15.99 29.33 -28.25
N ASP B 232 15.24 29.08 -29.32
CA ASP B 232 15.90 28.78 -30.62
C ASP B 232 15.36 29.65 -31.74
N ILE B 233 14.64 30.72 -31.47
CA ILE B 233 14.05 31.55 -32.56
C ILE B 233 15.18 32.22 -33.35
N LYS B 234 15.07 32.17 -34.67
CA LYS B 234 15.86 33.02 -35.59
C LYS B 234 15.00 34.25 -35.87
N TRP B 235 15.59 35.43 -35.83
CA TRP B 235 14.89 36.67 -36.20
C TRP B 235 14.94 36.78 -37.73
N ASN B 236 14.30 35.82 -38.40
CA ASN B 236 14.26 35.76 -39.89
C ASN B 236 12.83 35.48 -40.37
N LYS B 237 12.67 35.50 -41.68
CA LYS B 237 11.36 35.30 -42.32
C LYS B 237 10.90 33.89 -42.03
N GLU B 238 11.83 32.91 -42.03
CA GLU B 238 11.46 31.48 -41.93
C GLU B 238 10.72 31.25 -40.59
N ASP B 239 11.29 31.72 -39.49
CA ASP B 239 10.70 31.49 -38.13
C ASP B 239 9.49 32.39 -37.90
N ARG B 240 9.50 33.63 -38.38
CA ARG B 240 8.32 34.53 -38.29
C ARG B 240 7.14 33.84 -38.99
N ASP B 241 7.36 33.33 -40.20
CA ASP B 241 6.24 32.67 -40.92
C ASP B 241 5.79 31.42 -40.18
N LEU B 242 6.72 30.64 -39.65
CA LEU B 242 6.31 29.37 -39.01
C LEU B 242 5.48 29.77 -37.77
N LEU B 243 5.87 30.83 -37.06
CA LEU B 243 5.08 31.24 -35.85
C LEU B 243 3.69 31.68 -36.29
N LEU B 244 3.58 32.53 -37.32
CA LEU B 244 2.22 32.93 -37.81
C LEU B 244 1.44 31.71 -38.30
N ALA B 245 2.07 30.74 -38.96
CA ALA B 245 1.36 29.54 -39.50
C ALA B 245 0.82 28.71 -38.33
N LYS B 246 1.60 28.63 -37.25
CA LYS B 246 1.19 27.92 -36.01
C LYS B 246 -0.01 28.65 -35.38
N PHE B 247 0.00 29.97 -35.30
CA PHE B 247 -1.15 30.76 -34.77
C PHE B 247 -2.37 30.56 -35.66
N GLU B 248 -2.16 30.55 -36.98
CA GLU B 248 -3.28 30.30 -37.92
C GLU B 248 -3.86 28.91 -37.66
N LYS B 249 -3.04 27.88 -37.45
CA LYS B 249 -3.57 26.52 -37.19
CA LYS B 249 -3.55 26.51 -37.17
C LYS B 249 -4.36 26.55 -35.88
N MET B 250 -3.87 27.22 -34.86
CA MET B 250 -4.63 27.27 -33.58
C MET B 250 -5.94 28.02 -33.80
N TYR B 251 -5.92 29.09 -34.62
CA TYR B 251 -7.16 29.83 -34.94
C TYR B 251 -8.16 28.87 -35.61
N GLN B 252 -7.66 27.99 -36.49
CA GLN B 252 -8.56 26.98 -37.15
C GLN B 252 -9.15 26.02 -36.14
N LEU B 253 -8.53 25.81 -34.96
CA LEU B 253 -9.07 24.90 -33.91
C LEU B 253 -10.03 25.70 -33.00
N GLY B 254 -10.20 27.00 -33.22
CA GLY B 254 -11.14 27.84 -32.50
C GLY B 254 -10.46 28.89 -31.61
N VAL B 255 -9.13 28.89 -31.51
CA VAL B 255 -8.48 29.82 -30.54
C VAL B 255 -8.68 31.26 -31.00
N ARG B 256 -9.04 32.15 -30.07
CA ARG B 256 -9.28 33.56 -30.42
C ARG B 256 -8.46 34.48 -29.51
N SER B 257 -7.62 33.91 -28.65
CA SER B 257 -6.66 34.74 -27.89
C SER B 257 -5.29 34.10 -27.92
N PHE B 258 -4.23 34.91 -27.94
CA PHE B 258 -2.87 34.43 -28.21
C PHE B 258 -1.83 35.10 -27.31
N ALA B 259 -0.79 34.37 -27.04
CA ALA B 259 0.34 34.88 -26.25
C ALA B 259 1.66 34.38 -26.77
N VAL B 260 2.69 35.21 -26.61
CA VAL B 260 4.08 34.84 -26.88
C VAL B 260 4.90 35.06 -25.61
N PHE B 261 5.54 34.01 -25.14
CA PHE B 261 6.32 34.02 -23.90
C PHE B 261 7.81 33.99 -24.21
N PHE B 262 8.59 34.87 -23.60
CA PHE B 262 10.05 34.87 -23.77
C PHE B 262 10.76 34.69 -22.42
N ASP B 263 10.13 33.97 -21.50
CA ASP B 263 10.69 33.78 -20.14
C ASP B 263 11.64 32.60 -20.09
N ASP B 264 12.68 32.68 -19.25
CA ASP B 264 13.55 31.53 -18.91
C ASP B 264 14.19 31.01 -20.20
N ILE B 265 14.75 31.96 -20.96
CA ILE B 265 15.53 31.63 -22.16
C ILE B 265 16.88 32.36 -22.09
N SER B 266 17.80 31.89 -22.92
CA SER B 266 19.09 32.57 -23.17
C SER B 266 19.26 32.79 -24.67
N GLY B 267 20.13 33.72 -25.01
CA GLY B 267 20.54 33.92 -26.41
C GLY B 267 19.76 35.00 -27.11
N GLU B 268 19.75 34.99 -28.45
CA GLU B 268 19.27 36.14 -29.25
C GLU B 268 17.77 36.35 -29.04
N GLY B 269 17.06 35.32 -28.59
CA GLY B 269 15.61 35.46 -28.40
C GLY B 269 15.26 36.41 -27.27
N THR B 270 16.27 36.85 -26.50
CA THR B 270 16.08 37.85 -25.40
C THR B 270 16.11 39.29 -25.93
N ASN B 271 16.30 39.47 -27.23
CA ASN B 271 16.38 40.84 -27.82
C ASN B 271 15.05 41.56 -27.70
N PRO B 272 14.90 42.64 -26.90
CA PRO B 272 13.62 43.28 -26.73
C PRO B 272 13.09 44.01 -27.95
N GLN B 273 13.97 44.63 -28.72
CA GLN B 273 13.53 45.25 -29.99
C GLN B 273 12.94 44.19 -30.94
N LYS B 274 13.60 43.04 -31.11
CA LYS B 274 13.08 41.94 -31.99
C LYS B 274 11.79 41.34 -31.39
N GLN B 275 11.72 41.18 -30.07
CA GLN B 275 10.45 40.74 -29.45
C GLN B 275 9.32 41.73 -29.77
N ALA B 276 9.50 43.04 -29.56
CA ALA B 276 8.46 44.04 -29.80
C ALA B 276 8.06 44.02 -31.29
N GLU B 277 9.04 43.94 -32.19
CA GLU B 277 8.75 43.89 -33.65
C GLU B 277 7.87 42.68 -33.98
N LEU B 278 8.18 41.52 -33.39
CA LEU B 278 7.42 40.29 -33.70
C LEU B 278 6.02 40.43 -33.16
N LEU B 279 5.85 40.92 -31.91
CA LEU B 279 4.48 41.06 -31.35
C LEU B 279 3.69 42.07 -32.15
N ASN B 280 4.32 43.18 -32.58
CA ASN B 280 3.55 44.21 -33.32
C ASN B 280 3.17 43.67 -34.71
N TYR B 281 3.98 42.82 -35.29
CA TYR B 281 3.71 42.18 -36.60
C TYR B 281 2.54 41.22 -36.42
N ILE B 282 2.58 40.44 -35.33
CA ILE B 282 1.42 39.55 -35.02
C ILE B 282 0.17 40.41 -34.92
N ASP B 283 0.26 41.53 -34.20
CA ASP B 283 -0.90 42.42 -33.94
C ASP B 283 -1.43 42.94 -35.29
N GLU B 284 -0.52 43.46 -36.12
CA GLU B 284 -0.90 44.20 -37.37
C GLU B 284 -1.35 43.21 -38.46
N LYS B 285 -0.77 42.01 -38.53
CA LYS B 285 -0.98 41.08 -39.66
C LYS B 285 -2.00 40.00 -39.30
N PHE B 286 -2.30 39.83 -38.00
CA PHE B 286 -3.12 38.68 -37.53
C PHE B 286 -4.20 39.15 -36.54
N ALA B 287 -3.84 39.67 -35.37
CA ALA B 287 -4.79 40.04 -34.30
C ALA B 287 -5.79 41.10 -34.80
N GLN B 288 -5.33 42.07 -35.61
CA GLN B 288 -6.17 43.20 -36.11
C GLN B 288 -6.77 42.85 -37.48
N VAL B 289 -6.35 41.75 -38.11
CA VAL B 289 -6.85 41.30 -39.45
C VAL B 289 -8.03 40.35 -39.28
N LYS B 290 -7.94 39.38 -38.37
CA LYS B 290 -9.10 38.54 -38.06
C LYS B 290 -10.20 39.42 -37.48
N PRO B 291 -11.47 39.03 -37.62
CA PRO B 291 -12.55 39.85 -37.06
C PRO B 291 -12.78 39.70 -35.55
N ASP B 292 -12.23 38.66 -34.93
CA ASP B 292 -12.74 38.25 -33.61
C ASP B 292 -11.60 37.77 -32.69
N ILE B 293 -10.39 38.34 -32.80
CA ILE B 293 -9.32 38.05 -31.79
C ILE B 293 -9.49 38.97 -30.59
N ASN B 294 -9.32 38.43 -29.40
CA ASN B 294 -9.56 39.14 -28.13
C ASN B 294 -8.21 39.51 -27.52
N GLN B 295 -7.56 38.64 -26.74
CA GLN B 295 -6.33 39.02 -26.02
C GLN B 295 -5.11 38.70 -26.88
N LEU B 296 -4.14 39.60 -26.84
CA LEU B 296 -2.77 39.39 -27.32
C LEU B 296 -1.82 39.79 -26.20
N VAL B 297 -1.08 38.82 -25.70
CA VAL B 297 -0.29 38.95 -24.46
C VAL B 297 1.14 38.55 -24.72
N MET B 298 2.10 39.22 -24.10
CA MET B 298 3.49 38.75 -24.10
C MET B 298 4.05 38.63 -22.68
N CYS B 299 4.84 37.60 -22.47
CA CYS B 299 5.64 37.49 -21.25
C CYS B 299 7.06 37.86 -21.59
N PRO B 300 7.59 38.90 -20.90
CA PRO B 300 8.97 39.32 -21.14
C PRO B 300 10.03 38.36 -20.63
N THR B 301 11.25 38.48 -21.17
CA THR B 301 12.44 37.80 -20.66
C THR B 301 12.70 38.33 -19.25
N GLU B 302 12.60 39.64 -19.08
CA GLU B 302 12.80 40.30 -17.75
C GLU B 302 11.43 40.44 -17.14
N TYR B 303 10.96 39.35 -16.49
CA TYR B 303 9.55 39.24 -16.08
C TYR B 303 9.39 39.49 -14.58
N ASN B 304 10.47 39.92 -13.92
CA ASN B 304 10.36 40.31 -12.48
C ASN B 304 11.49 41.31 -12.21
N LYS B 305 11.36 42.06 -11.13
CA LYS B 305 12.24 43.23 -10.91
C LYS B 305 13.68 42.77 -10.75
N SER B 306 13.95 41.78 -9.90
CA SER B 306 15.33 41.36 -9.55
C SER B 306 16.05 40.86 -10.81
N TRP B 307 15.33 40.15 -11.69
CA TRP B 307 15.89 39.42 -12.84
C TRP B 307 16.18 40.41 -13.98
N SER B 308 15.60 41.60 -13.90
CA SER B 308 15.61 42.63 -14.95
C SER B 308 16.93 43.42 -14.89
N ASN B 309 17.27 44.06 -16.01
CA ASN B 309 18.59 44.71 -16.14
C ASN B 309 18.59 45.97 -15.28
N PRO B 310 19.58 46.13 -14.37
CA PRO B 310 19.71 47.39 -13.62
C PRO B 310 19.65 48.66 -14.50
N ASN B 311 20.08 48.62 -15.78
CA ASN B 311 20.02 49.84 -16.66
C ASN B 311 18.59 50.12 -17.14
N GLY B 312 17.68 49.15 -17.07
CA GLY B 312 16.26 49.41 -17.38
C GLY B 312 15.95 49.44 -18.87
N ASN B 313 16.94 49.28 -19.75
CA ASN B 313 16.72 49.51 -21.21
C ASN B 313 15.70 48.48 -21.76
N TYR B 314 15.82 47.22 -21.36
CA TYR B 314 14.92 46.13 -21.85
C TYR B 314 13.47 46.53 -21.60
N LEU B 315 13.12 46.85 -20.34
CA LEU B 315 11.69 47.07 -20.05
C LEU B 315 11.18 48.36 -20.69
N THR B 316 12.01 49.40 -20.78
CA THR B 316 11.56 50.68 -21.39
C THR B 316 11.41 50.48 -22.91
N THR B 317 12.24 49.66 -23.54
CA THR B 317 12.08 49.30 -24.97
C THR B 317 10.70 48.66 -25.15
N LEU B 318 10.36 47.67 -24.33
CA LEU B 318 9.02 47.04 -24.50
C LEU B 318 7.95 48.09 -24.27
N GLY B 319 8.04 48.87 -23.19
CA GLY B 319 6.99 49.82 -22.84
C GLY B 319 6.78 50.82 -23.97
N ASP B 320 7.87 51.23 -24.62
CA ASP B 320 7.85 52.28 -25.67
C ASP B 320 7.40 51.67 -27.01
N LYS B 321 7.88 50.47 -27.33
CA LYS B 321 7.81 49.93 -28.73
C LYS B 321 6.61 48.98 -28.91
N LEU B 322 6.17 48.28 -27.86
CA LEU B 322 5.03 47.35 -28.01
C LEU B 322 3.77 48.16 -28.23
N ASN B 323 2.99 47.85 -29.26
CA ASN B 323 1.68 48.47 -29.53
C ASN B 323 0.85 48.46 -28.25
N PRO B 324 0.07 49.52 -28.00
CA PRO B 324 -0.58 49.69 -26.69
C PRO B 324 -1.65 48.65 -26.34
N SER B 325 -2.23 47.95 -27.30
CA SER B 325 -3.28 46.95 -27.03
C SER B 325 -2.64 45.66 -26.47
N ILE B 326 -1.33 45.54 -26.52
CA ILE B 326 -0.64 44.26 -26.19
C ILE B 326 -0.36 44.26 -24.68
N GLN B 327 -0.74 43.19 -24.01
CA GLN B 327 -0.56 43.05 -22.54
C GLN B 327 0.85 42.58 -22.28
N ILE B 328 1.43 43.00 -21.15
CA ILE B 328 2.77 42.59 -20.74
C ILE B 328 2.67 41.93 -19.37
N MET B 329 3.14 40.68 -19.28
CA MET B 329 3.08 39.91 -18.01
C MET B 329 4.24 40.24 -17.07
N TRP B 330 4.02 39.98 -15.77
CA TRP B 330 4.97 40.37 -14.71
C TRP B 330 4.71 39.47 -13.50
N THR B 331 5.76 38.98 -12.86
CA THR B 331 5.59 38.06 -11.72
C THR B 331 5.89 38.79 -10.39
N GLY B 332 6.15 40.09 -10.43
CA GLY B 332 6.41 40.88 -9.21
C GLY B 332 7.89 41.22 -9.03
N ASP B 333 8.31 41.34 -7.78
CA ASP B 333 9.69 41.81 -7.48
C ASP B 333 10.73 40.71 -7.68
N ARG B 334 10.29 39.44 -7.71
CA ARG B 334 11.12 38.24 -7.86
C ARG B 334 10.35 37.21 -8.70
N VAL B 335 11.05 36.16 -9.10
CA VAL B 335 10.41 35.06 -9.88
C VAL B 335 9.18 34.65 -9.06
N ILE B 336 9.36 34.42 -7.76
CA ILE B 336 8.24 34.03 -6.87
C ILE B 336 8.04 35.20 -5.91
N SER B 337 6.93 35.90 -6.04
CA SER B 337 6.67 37.07 -5.16
CA SER B 337 6.68 37.18 -5.32
C SER B 337 5.20 37.42 -5.14
N ASP B 338 4.83 38.12 -4.07
CA ASP B 338 3.49 38.66 -3.91
C ASP B 338 3.48 40.08 -4.45
N ILE B 339 2.34 40.58 -4.86
CA ILE B 339 2.24 41.85 -5.64
C ILE B 339 1.96 42.97 -4.65
N THR B 340 2.81 43.97 -4.64
CA THR B 340 2.65 45.12 -3.71
C THR B 340 2.34 46.40 -4.53
N ARG B 341 1.88 47.44 -3.85
CA ARG B 341 1.63 48.75 -4.52
C ARG B 341 2.94 49.32 -5.06
N ASP B 342 4.00 49.27 -4.27
CA ASP B 342 5.31 49.78 -4.72
C ASP B 342 5.82 48.92 -5.89
N GLY B 343 5.65 47.60 -5.81
CA GLY B 343 6.11 46.70 -6.89
C GLY B 343 5.40 47.01 -8.19
N ILE B 344 4.09 47.13 -8.15
CA ILE B 344 3.28 47.23 -9.39
C ILE B 344 3.48 48.63 -9.97
N SER B 345 3.70 49.62 -9.10
CA SER B 345 4.06 50.99 -9.56
CA SER B 345 4.07 50.99 -9.53
C SER B 345 5.39 50.99 -10.30
N TRP B 346 6.37 50.28 -9.77
CA TRP B 346 7.72 50.20 -10.36
C TRP B 346 7.61 49.66 -11.78
N ILE B 347 6.88 48.56 -11.99
CA ILE B 347 6.84 48.00 -13.36
C ILE B 347 6.00 48.90 -14.26
N ASN B 348 4.84 49.34 -13.79
CA ASN B 348 3.88 50.07 -14.65
C ASN B 348 4.56 51.33 -15.22
N GLU B 349 5.45 51.95 -14.43
CA GLU B 349 6.17 53.20 -14.81
C GLU B 349 7.03 52.90 -16.05
N ARG B 350 7.58 51.70 -16.14
CA ARG B 350 8.53 51.29 -17.21
C ARG B 350 7.79 50.76 -18.42
N ILE B 351 6.72 49.97 -18.24
CA ILE B 351 6.05 49.35 -19.40
C ILE B 351 4.94 50.26 -19.93
N LYS B 352 4.64 51.38 -19.26
CA LYS B 352 3.66 52.41 -19.73
C LYS B 352 2.27 51.85 -19.89
N ARG B 353 1.93 50.84 -19.10
CA ARG B 353 0.56 50.28 -19.12
C ARG B 353 0.43 49.47 -17.83
N PRO B 354 -0.79 49.09 -17.41
CA PRO B 354 -0.96 48.27 -16.20
C PRO B 354 -0.50 46.83 -16.50
N ALA B 355 0.38 46.31 -15.67
CA ALA B 355 0.96 44.94 -15.82
C ALA B 355 -0.16 43.91 -15.70
N TYR B 356 0.07 42.81 -16.42
CA TYR B 356 -0.86 41.64 -16.44
C TYR B 356 -0.16 40.63 -15.54
N ILE B 357 -0.61 40.51 -14.29
CA ILE B 357 0.18 39.76 -13.30
C ILE B 357 0.13 38.27 -13.57
N TRP B 358 1.27 37.63 -13.58
CA TRP B 358 1.49 36.18 -13.52
C TRP B 358 1.95 35.87 -12.12
N TRP B 359 1.08 35.36 -11.27
CA TRP B 359 1.38 35.14 -9.85
C TRP B 359 1.87 33.71 -9.67
N ASN B 360 3.12 33.51 -9.27
CA ASN B 360 3.72 32.17 -9.15
C ASN B 360 3.37 31.54 -7.81
N PHE B 361 2.09 31.31 -7.59
CA PHE B 361 1.58 30.46 -6.49
C PHE B 361 0.26 29.92 -6.98
N PRO B 362 -0.12 28.64 -6.76
CA PRO B 362 0.63 27.67 -5.96
C PRO B 362 1.65 26.78 -6.70
N VAL B 363 2.17 27.27 -7.82
CA VAL B 363 3.17 26.48 -8.61
C VAL B 363 4.22 25.89 -7.65
N SER B 364 4.44 24.58 -7.80
CA SER B 364 5.35 23.81 -6.91
C SER B 364 6.49 23.15 -7.71
N ASP B 365 6.74 23.61 -8.93
CA ASP B 365 7.66 22.93 -9.88
C ASP B 365 9.11 23.04 -9.44
N TYR B 366 9.41 23.83 -8.40
CA TYR B 366 10.74 23.93 -7.78
C TYR B 366 10.74 23.36 -6.35
N VAL B 367 9.61 22.91 -5.85
CA VAL B 367 9.44 22.21 -4.55
C VAL B 367 8.50 21.02 -4.79
N ARG B 368 8.87 20.16 -5.73
CA ARG B 368 7.93 19.14 -6.22
C ARG B 368 7.63 18.09 -5.16
N ASP B 369 8.37 18.07 -4.05
CA ASP B 369 8.09 17.12 -2.94
C ASP B 369 7.07 17.69 -1.95
N HIS B 370 6.52 18.90 -2.19
CA HIS B 370 5.57 19.59 -1.29
C HIS B 370 4.26 19.82 -2.03
N LEU B 371 3.16 19.69 -1.34
CA LEU B 371 1.86 20.22 -1.79
C LEU B 371 1.67 21.61 -1.17
N LEU B 372 1.14 22.56 -1.94
CA LEU B 372 0.96 23.97 -1.44
C LEU B 372 -0.53 24.26 -1.38
N LEU B 373 -1.14 23.87 -0.26
CA LEU B 373 -2.60 23.83 -0.13
C LEU B 373 -3.15 24.91 0.77
N GLY B 374 -2.30 25.85 1.17
CA GLY B 374 -2.72 26.91 2.07
C GLY B 374 -3.46 28.03 1.36
N PRO B 375 -3.81 29.04 2.18
CA PRO B 375 -4.54 30.21 1.70
C PRO B 375 -3.66 31.07 0.76
N VAL B 376 -4.40 31.83 -0.02
CA VAL B 376 -3.91 32.87 -0.93
C VAL B 376 -3.87 34.21 -0.19
N TYR B 377 -2.65 34.75 -0.03
CA TYR B 377 -2.47 36.02 0.71
C TYR B 377 -1.20 36.68 0.23
N GLY B 378 -1.07 37.95 0.61
CA GLY B 378 0.17 38.71 0.40
C GLY B 378 0.04 39.73 -0.70
N ASN B 379 -0.98 39.62 -1.54
CA ASN B 379 -1.21 40.57 -2.66
C ASN B 379 -2.05 41.75 -2.19
N ASP B 380 -1.56 42.95 -2.49
CA ASP B 380 -2.26 44.18 -2.08
C ASP B 380 -3.70 44.13 -2.59
N THR B 381 -4.65 44.48 -1.74
CA THR B 381 -6.11 44.45 -2.08
C THR B 381 -6.60 45.80 -2.62
N THR B 382 -5.75 46.79 -2.80
CA THR B 382 -6.15 48.18 -3.16
C THR B 382 -5.68 48.56 -4.56
N ILE B 383 -5.09 47.64 -5.31
CA ILE B 383 -4.36 47.99 -6.56
C ILE B 383 -5.08 47.45 -7.80
N ALA B 384 -6.37 47.18 -7.75
CA ALA B 384 -7.12 46.70 -8.94
C ALA B 384 -6.90 47.61 -10.15
N LYS B 385 -6.82 48.92 -9.94
CA LYS B 385 -6.71 49.86 -11.10
CA LYS B 385 -6.69 49.91 -11.05
C LYS B 385 -5.33 49.77 -11.72
N GLU B 386 -4.36 49.18 -11.05
CA GLU B 386 -2.96 49.13 -11.49
C GLU B 386 -2.65 47.82 -12.24
N MET B 387 -3.61 46.92 -12.41
CA MET B 387 -3.32 45.64 -13.08
CA MET B 387 -3.40 45.57 -13.00
C MET B 387 -4.34 45.42 -14.20
N SER B 388 -3.83 45.06 -15.38
CA SER B 388 -4.69 44.69 -16.52
C SER B 388 -5.31 43.32 -16.27
N GLY B 389 -4.56 42.46 -15.61
CA GLY B 389 -4.98 41.06 -15.45
C GLY B 389 -4.29 40.47 -14.22
N PHE B 390 -4.78 39.34 -13.79
CA PHE B 390 -4.22 38.56 -12.69
C PHE B 390 -4.54 37.10 -12.93
N VAL B 391 -3.49 36.35 -13.23
CA VAL B 391 -3.57 34.89 -13.40
C VAL B 391 -2.63 34.20 -12.45
N THR B 392 -3.07 33.06 -11.97
CA THR B 392 -2.25 32.17 -11.13
C THR B 392 -1.61 31.04 -11.95
N ASN B 393 -0.34 30.79 -11.67
CA ASN B 393 0.41 29.61 -12.18
C ASN B 393 0.29 28.53 -11.11
N PRO B 394 -0.41 27.41 -11.37
CA PRO B 394 -0.73 26.43 -10.34
C PRO B 394 0.25 25.28 -10.22
N MET B 395 -0.10 24.31 -9.39
CA MET B 395 0.71 23.07 -9.31
C MET B 395 0.41 22.17 -10.51
N GLU B 396 1.25 21.15 -10.74
CA GLU B 396 0.89 20.13 -11.76
C GLU B 396 -0.30 19.31 -11.26
N HIS B 397 -0.64 19.34 -9.97
CA HIS B 397 -1.82 18.70 -9.36
C HIS B 397 -2.98 19.65 -9.60
N ALA B 398 -3.74 19.43 -10.65
CA ALA B 398 -4.84 20.33 -11.10
C ALA B 398 -5.92 20.48 -10.02
N GLU B 399 -6.50 19.37 -9.52
CA GLU B 399 -7.59 19.48 -8.57
C GLU B 399 -7.11 20.15 -7.27
N SER B 400 -5.90 19.76 -6.79
CA SER B 400 -5.28 20.31 -5.55
C SER B 400 -5.11 21.84 -5.65
N SER B 401 -4.89 22.34 -6.87
CA SER B 401 -4.70 23.78 -7.15
C SER B 401 -6.04 24.53 -7.05
N LYS B 402 -7.18 23.86 -7.03
CA LYS B 402 -8.47 24.55 -6.98
C LYS B 402 -8.67 25.34 -5.68
N ILE B 403 -7.95 25.01 -4.60
CA ILE B 403 -8.05 25.84 -3.36
C ILE B 403 -7.54 27.24 -3.67
N ALA B 404 -6.34 27.32 -4.24
CA ALA B 404 -5.74 28.63 -4.59
C ALA B 404 -6.52 29.26 -5.74
N ILE B 405 -6.91 28.50 -6.77
CA ILE B 405 -7.61 29.09 -7.94
C ILE B 405 -8.90 29.78 -7.53
N TYR B 406 -9.68 29.10 -6.71
CA TYR B 406 -10.93 29.64 -6.15
C TYR B 406 -10.64 30.95 -5.42
N SER B 407 -9.57 30.97 -4.67
CA SER B 407 -9.20 32.15 -3.82
C SER B 407 -8.72 33.30 -4.73
N VAL B 408 -7.95 32.97 -5.76
CA VAL B 408 -7.48 34.00 -6.72
C VAL B 408 -8.66 34.55 -7.49
N ALA B 409 -9.67 33.74 -7.84
CA ALA B 409 -10.88 34.21 -8.52
C ALA B 409 -11.61 35.23 -7.62
N SER B 410 -11.66 34.95 -6.32
CA SER B 410 -12.37 35.79 -5.35
C SER B 410 -11.61 37.11 -5.27
N TYR B 411 -10.31 37.01 -5.13
CA TYR B 411 -9.41 38.18 -5.00
C TYR B 411 -9.51 39.08 -6.23
N ALA B 412 -9.42 38.48 -7.39
CA ALA B 412 -9.32 39.26 -8.65
C ALA B 412 -10.65 39.93 -8.95
N TRP B 413 -11.77 39.30 -8.65
CA TRP B 413 -13.10 39.90 -8.86
C TRP B 413 -13.33 41.05 -7.87
N ASN B 414 -13.08 40.82 -6.60
CA ASN B 414 -13.41 41.82 -5.53
C ASN B 414 -12.26 41.90 -4.55
N PRO B 415 -11.13 42.53 -4.93
CA PRO B 415 -9.99 42.58 -4.04
C PRO B 415 -10.31 43.37 -2.78
N ALA B 416 -11.11 44.40 -2.90
CA ALA B 416 -11.36 45.25 -1.72
C ALA B 416 -11.98 44.42 -0.60
N LYS B 417 -12.83 43.43 -0.89
CA LYS B 417 -13.45 42.60 0.17
C LYS B 417 -12.73 41.26 0.37
N TYR B 418 -11.55 41.10 -0.21
CA TYR B 418 -10.89 39.77 -0.20
C TYR B 418 -10.57 39.39 1.26
N ASP B 419 -11.13 38.24 1.65
CA ASP B 419 -11.00 37.61 2.98
C ASP B 419 -10.20 36.32 2.81
N THR B 420 -8.92 36.36 3.13
CA THR B 420 -8.00 35.25 2.90
C THR B 420 -8.55 33.95 3.50
N TRP B 421 -8.83 33.95 4.81
CA TRP B 421 -9.16 32.67 5.50
C TRP B 421 -10.58 32.19 5.16
N GLN B 422 -11.56 33.06 5.04
CA GLN B 422 -12.94 32.63 4.80
C GLN B 422 -12.94 32.06 3.37
N THR B 423 -12.17 32.67 2.49
CA THR B 423 -12.15 32.22 1.06
C THR B 423 -11.51 30.82 0.99
N TRP B 424 -10.42 30.61 1.71
CA TRP B 424 -9.78 29.28 1.81
C TRP B 424 -10.80 28.23 2.29
N LYS B 425 -11.52 28.52 3.38
CA LYS B 425 -12.50 27.54 3.93
C LYS B 425 -13.59 27.27 2.90
N ASP B 426 -14.06 28.32 2.24
CA ASP B 426 -15.13 28.23 1.23
C ASP B 426 -14.64 27.37 0.06
N ALA B 427 -13.38 27.54 -0.37
CA ALA B 427 -12.82 26.77 -1.50
C ALA B 427 -12.88 25.30 -1.09
N ILE B 428 -12.40 25.00 0.10
CA ILE B 428 -12.28 23.59 0.56
C ILE B 428 -13.69 23.00 0.61
N ARG B 429 -14.68 23.73 1.15
CA ARG B 429 -16.05 23.19 1.32
C ARG B 429 -16.68 23.05 -0.05
N THR B 430 -16.27 23.85 -1.04
CA THR B 430 -16.76 23.74 -2.43
C THR B 430 -16.18 22.50 -3.12
N ILE B 431 -14.91 22.27 -2.93
CA ILE B 431 -14.15 21.19 -3.61
C ILE B 431 -14.52 19.84 -3.01
N LEU B 432 -14.73 19.74 -1.69
CA LEU B 432 -14.89 18.41 -1.06
C LEU B 432 -15.91 18.52 0.05
N PRO B 433 -17.17 18.81 -0.31
CA PRO B 433 -18.19 19.04 0.72
C PRO B 433 -18.39 17.84 1.67
N SER B 434 -18.14 16.64 1.17
CA SER B 434 -18.29 15.35 1.91
C SER B 434 -17.23 15.21 3.01
N ALA B 435 -16.08 15.89 2.91
CA ALA B 435 -14.94 15.74 3.85
C ALA B 435 -14.22 17.06 4.00
N ALA B 436 -14.99 18.15 4.12
CA ALA B 436 -14.37 19.48 4.14
C ALA B 436 -13.47 19.64 5.35
N GLU B 437 -13.90 19.25 6.58
CA GLU B 437 -13.02 19.44 7.75
C GLU B 437 -11.75 18.60 7.60
N GLU B 438 -11.85 17.41 7.00
CA GLU B 438 -10.67 16.54 6.80
C GLU B 438 -9.70 17.20 5.78
N LEU B 439 -10.23 17.72 4.68
CA LEU B 439 -9.36 18.47 3.75
C LEU B 439 -8.78 19.72 4.40
N GLU B 440 -9.51 20.47 5.26
CA GLU B 440 -8.95 21.63 5.97
C GLU B 440 -7.79 21.17 6.84
N CYS B 441 -7.90 20.05 7.54
CA CYS B 441 -6.85 19.52 8.42
C CYS B 441 -5.59 19.23 7.60
N PHE B 442 -5.75 18.52 6.49
CA PHE B 442 -4.63 18.18 5.61
C PHE B 442 -3.99 19.46 5.04
N ALA B 443 -4.80 20.40 4.56
CA ALA B 443 -4.29 21.61 3.88
C ALA B 443 -3.57 22.53 4.88
N MET B 444 -4.12 22.59 6.09
N MET B 444 -4.10 22.64 6.12
CA MET B 444 -3.64 23.44 7.20
CA MET B 444 -3.51 23.52 7.17
C MET B 444 -2.20 23.06 7.59
C MET B 444 -2.04 23.12 7.37
N HIS B 445 -1.73 21.83 7.27
CA HIS B 445 -0.40 21.30 7.62
C HIS B 445 0.39 20.93 6.34
N ASN B 446 -0.04 21.44 5.20
CA ASN B 446 0.60 21.21 3.89
C ASN B 446 0.54 22.49 3.07
N SER B 447 1.27 23.50 3.52
CA SER B 447 1.14 24.87 2.96
C SER B 447 2.49 25.52 2.76
N ASP B 448 3.50 25.21 3.57
CA ASP B 448 4.84 25.80 3.39
C ASP B 448 5.59 25.07 2.27
N LEU B 449 6.51 25.75 1.66
CA LEU B 449 7.32 25.20 0.56
C LEU B 449 8.57 24.50 1.10
N GLY B 450 8.95 24.85 2.33
CA GLY B 450 10.29 24.49 2.83
C GLY B 450 11.37 25.34 2.17
N PRO B 451 12.62 25.20 2.62
CA PRO B 451 13.71 25.99 2.03
C PRO B 451 13.86 25.71 0.54
N ASN B 452 14.09 26.73 -0.26
CA ASN B 452 14.23 26.55 -1.72
C ASN B 452 15.05 27.68 -2.31
N GLY B 453 15.52 27.49 -3.55
CA GLY B 453 16.45 28.44 -4.20
C GLY B 453 15.80 29.80 -4.44
N HIS B 454 14.46 29.89 -4.48
CA HIS B 454 13.76 31.16 -4.82
C HIS B 454 13.41 31.89 -3.54
N GLY B 455 13.63 31.27 -2.35
CA GLY B 455 13.48 31.95 -1.05
C GLY B 455 12.04 32.17 -0.64
N TYR B 456 11.07 31.60 -1.35
CA TYR B 456 9.62 31.87 -1.08
C TYR B 456 9.04 30.87 -0.09
N ARG B 457 8.39 31.39 0.93
CA ARG B 457 7.87 30.56 2.02
C ARG B 457 6.39 30.91 2.24
N ARG B 458 5.67 30.03 2.92
CA ARG B 458 4.30 30.35 3.37
C ARG B 458 4.14 29.83 4.80
N GLU B 459 3.16 30.37 5.51
CA GLU B 459 2.84 29.92 6.89
C GLU B 459 2.25 28.50 6.86
N GLU B 460 2.38 27.80 7.98
CA GLU B 460 1.77 26.45 8.12
C GLU B 460 1.57 26.18 9.62
N SER B 461 0.51 25.46 9.93
CA SER B 461 0.23 24.92 11.28
C SER B 461 0.23 26.08 12.28
N MET B 462 -0.27 27.25 11.90
CA MET B 462 -0.06 28.44 12.78
CA MET B 462 -0.03 28.42 12.79
C MET B 462 -0.90 28.29 14.05
N ASP B 463 -2.03 27.61 13.97
CA ASP B 463 -2.92 27.28 15.13
CA ASP B 463 -2.87 27.46 15.20
C ASP B 463 -2.11 26.66 16.29
N ILE B 464 -1.29 25.69 15.94
CA ILE B 464 -0.65 24.86 17.01
C ILE B 464 0.75 25.35 17.30
N GLN B 465 1.28 26.34 16.58
CA GLN B 465 2.70 26.79 16.68
CA GLN B 465 2.71 26.77 16.69
C GLN B 465 3.01 27.23 18.12
N PRO B 466 2.09 27.97 18.81
CA PRO B 466 2.38 28.44 20.18
C PRO B 466 2.51 27.29 21.19
N ALA B 467 1.57 26.35 21.15
CA ALA B 467 1.58 25.13 22.00
C ALA B 467 2.82 24.29 21.67
N ALA B 468 3.18 24.15 20.39
CA ALA B 468 4.36 23.38 19.97
C ALA B 468 5.59 24.01 20.59
N GLU B 469 5.70 25.35 20.48
CA GLU B 469 6.93 26.10 20.85
C GLU B 469 7.08 26.05 22.39
N ARG B 470 5.97 26.15 23.10
CA ARG B 470 5.91 26.09 24.58
C ARG B 470 6.23 24.68 25.07
N PHE B 471 5.40 23.71 24.67
CA PHE B 471 5.60 22.27 24.98
C PHE B 471 7.08 21.95 24.90
N LEU B 472 7.72 22.36 23.80
CA LEU B 472 9.08 21.92 23.47
C LEU B 472 10.12 22.62 24.35
N LYS B 473 10.03 23.95 24.42
CA LYS B 473 10.84 24.87 25.26
C LYS B 473 10.91 24.27 26.68
N ALA B 474 9.74 23.99 27.27
CA ALA B 474 9.58 23.29 28.57
C ALA B 474 10.36 21.97 28.52
N PHE B 475 9.80 20.98 27.82
CA PHE B 475 10.22 19.56 27.84
C PHE B 475 11.75 19.48 27.83
N LYS B 476 12.41 20.26 26.97
CA LYS B 476 13.89 20.21 26.73
C LYS B 476 14.66 20.63 27.98
N GLU B 477 14.28 21.76 28.60
CA GLU B 477 14.91 22.26 29.86
C GLU B 477 13.91 21.98 30.99
N GLY B 478 13.72 20.66 31.19
CA GLY B 478 13.08 19.88 32.27
C GLY B 478 11.86 20.45 33.00
N LYS B 479 11.25 21.57 32.60
CA LYS B 479 10.02 22.05 33.32
C LYS B 479 8.83 21.21 32.85
N ASN B 480 7.76 21.18 33.65
CA ASN B 480 6.51 20.47 33.32
C ASN B 480 5.71 21.27 32.29
N TYR B 481 5.24 20.60 31.25
CA TYR B 481 4.57 21.22 30.08
C TYR B 481 3.11 21.34 30.50
N ASP B 482 2.35 22.28 29.95
CA ASP B 482 0.90 22.37 30.26
C ASP B 482 0.19 21.14 29.69
N LYS B 483 -0.68 20.55 30.50
CA LYS B 483 -1.59 19.43 30.18
C LYS B 483 -2.38 19.79 28.91
N ALA B 484 -2.81 21.05 28.79
CA ALA B 484 -3.64 21.55 27.66
C ALA B 484 -2.88 21.44 26.33
N ASP B 485 -1.57 21.73 26.35
CA ASP B 485 -0.65 21.75 25.19
C ASP B 485 -0.33 20.32 24.76
N PHE B 486 -0.01 19.42 25.70
CA PHE B 486 0.10 17.97 25.39
C PHE B 486 -1.19 17.54 24.70
N GLU B 487 -2.33 17.90 25.28
CA GLU B 487 -3.66 17.56 24.78
C GLU B 487 -3.84 18.17 23.38
N THR B 488 -3.43 19.42 23.18
CA THR B 488 -3.54 20.09 21.85
C THR B 488 -2.78 19.24 20.83
N LEU B 489 -1.57 18.80 21.17
CA LEU B 489 -0.73 18.00 20.23
C LEU B 489 -1.37 16.62 20.00
N GLN B 490 -1.88 15.98 21.06
CA GLN B 490 -2.57 14.66 20.95
C GLN B 490 -3.79 14.82 20.05
N TYR B 491 -4.57 15.89 20.26
CA TYR B 491 -5.78 16.15 19.46
C TYR B 491 -5.40 16.31 17.98
N THR B 492 -4.33 17.06 17.70
CA THR B 492 -3.83 17.36 16.32
C THR B 492 -3.51 16.00 15.66
N PHE B 493 -2.77 15.13 16.37
CA PHE B 493 -2.30 13.89 15.72
C PHE B 493 -3.52 13.02 15.47
N GLU B 494 -4.45 12.99 16.40
CA GLU B 494 -5.67 12.18 16.25
C GLU B 494 -6.45 12.66 15.02
N ARG B 495 -6.59 13.97 14.87
CA ARG B 495 -7.39 14.55 13.76
C ARG B 495 -6.71 14.26 12.42
N MET B 496 -5.39 14.33 12.41
CA MET B 496 -4.53 14.06 11.24
C MET B 496 -4.79 12.63 10.77
N LYS B 497 -4.83 11.66 11.69
CA LYS B 497 -5.12 10.26 11.25
C LYS B 497 -6.53 10.07 10.71
N GLU B 498 -7.54 10.64 11.38
CA GLU B 498 -8.93 10.58 10.90
C GLU B 498 -9.00 11.18 9.48
N SER B 499 -8.39 12.35 9.29
CA SER B 499 -8.46 13.09 8.01
C SER B 499 -7.81 12.24 6.92
N ALA B 500 -6.63 11.70 7.21
CA ALA B 500 -5.84 10.88 6.26
C ALA B 500 -6.69 9.70 5.82
N ASP B 501 -7.30 9.00 6.78
CA ASP B 501 -8.04 7.76 6.44
C ASP B 501 -9.35 8.05 5.71
N ILE B 502 -10.04 9.15 6.06
CA ILE B 502 -11.26 9.59 5.35
C ILE B 502 -10.92 10.10 3.94
N LEU B 503 -9.86 10.90 3.80
CA LEU B 503 -9.53 11.39 2.45
C LEU B 503 -9.15 10.21 1.55
N LEU B 504 -8.32 9.27 2.04
CA LEU B 504 -7.82 8.16 1.18
CA LEU B 504 -7.81 8.18 1.16
C LEU B 504 -9.01 7.47 0.50
N MET B 505 -10.15 7.37 1.20
CA MET B 505 -11.31 6.56 0.75
C MET B 505 -12.39 7.42 0.10
N ASN B 506 -12.18 8.73 -0.03
CA ASN B 506 -13.19 9.68 -0.54
C ASN B 506 -13.40 9.44 -2.01
N THR B 507 -14.65 9.35 -2.43
CA THR B 507 -15.00 9.07 -3.85
C THR B 507 -15.68 10.26 -4.50
N GLU B 508 -15.87 11.38 -3.82
CA GLU B 508 -16.54 12.56 -4.40
C GLU B 508 -15.62 13.26 -5.40
N ASN B 509 -14.30 13.28 -5.13
CA ASN B 509 -13.33 13.85 -6.09
C ASN B 509 -12.19 12.84 -6.20
N LYS B 510 -12.39 11.77 -7.00
CA LYS B 510 -11.34 10.72 -7.15
C LYS B 510 -10.06 11.36 -7.65
N PRO B 511 -10.11 12.27 -8.65
CA PRO B 511 -8.84 12.79 -9.21
C PRO B 511 -8.06 13.59 -8.14
N LEU B 512 -8.74 14.33 -7.28
CA LEU B 512 -8.03 15.01 -6.16
C LEU B 512 -7.32 13.98 -5.28
N ILE B 513 -8.04 12.93 -4.88
CA ILE B 513 -7.46 11.90 -4.00
C ILE B 513 -6.29 11.22 -4.69
N VAL B 514 -6.32 10.93 -6.00
CA VAL B 514 -5.14 10.38 -6.71
C VAL B 514 -3.94 11.33 -6.57
N GLU B 515 -4.14 12.63 -6.79
CA GLU B 515 -3.00 13.58 -6.73
C GLU B 515 -2.36 13.50 -5.35
N ILE B 516 -3.15 13.58 -4.29
CA ILE B 516 -2.63 13.80 -2.92
C ILE B 516 -2.23 12.50 -2.20
N THR B 517 -2.65 11.35 -2.72
CA THR B 517 -2.52 10.06 -1.97
C THR B 517 -1.12 9.84 -1.39
N PRO B 518 0.02 10.05 -2.10
CA PRO B 518 1.34 9.79 -1.53
C PRO B 518 1.57 10.63 -0.26
N TRP B 519 1.19 11.90 -0.34
CA TRP B 519 1.25 12.82 0.82
C TRP B 519 0.31 12.41 1.93
N VAL B 520 -0.89 11.91 1.62
CA VAL B 520 -1.83 11.46 2.65
C VAL B 520 -1.19 10.28 3.39
N HIS B 521 -0.53 9.38 2.68
CA HIS B 521 0.13 8.24 3.38
C HIS B 521 1.21 8.78 4.35
N GLN B 522 2.00 9.72 3.90
CA GLN B 522 3.11 10.28 4.69
C GLN B 522 2.53 11.07 5.87
N PHE B 523 1.41 11.72 5.65
CA PHE B 523 0.71 12.53 6.69
C PHE B 523 0.20 11.62 7.80
N LYS B 524 -0.41 10.49 7.44
CA LYS B 524 -0.89 9.53 8.44
C LYS B 524 0.33 9.02 9.23
N LEU B 525 1.43 8.64 8.58
CA LEU B 525 2.63 8.13 9.32
C LEU B 525 3.17 9.21 10.27
N THR B 526 3.19 10.47 9.83
CA THR B 526 3.62 11.59 10.67
C THR B 526 2.76 11.63 11.95
N ALA B 527 1.44 11.50 11.81
CA ALA B 527 0.49 11.58 12.92
C ALA B 527 0.70 10.36 13.84
N GLU B 528 0.88 9.19 13.25
CA GLU B 528 1.11 7.97 14.10
C GLU B 528 2.41 8.13 14.88
N MET B 529 3.46 8.64 14.26
CA MET B 529 4.79 8.87 14.85
C MET B 529 4.61 9.86 16.02
N GLY B 530 3.87 10.94 15.78
CA GLY B 530 3.56 11.90 16.85
C GLY B 530 2.91 11.25 18.05
N GLU B 531 1.86 10.48 17.82
CA GLU B 531 1.09 9.80 18.89
C GLU B 531 2.05 8.91 19.71
N GLU B 532 2.94 8.18 19.05
CA GLU B 532 3.85 7.22 19.75
C GLU B 532 4.91 8.01 20.51
N VAL B 533 5.37 9.13 19.97
CA VAL B 533 6.43 10.00 20.57
C VAL B 533 5.83 10.63 21.84
N LEU B 534 4.55 11.00 21.81
CA LEU B 534 3.86 11.54 23.01
C LEU B 534 3.68 10.41 24.04
N LYS B 535 3.36 9.18 23.62
CA LYS B 535 3.25 8.05 24.61
C LYS B 535 4.62 7.83 25.26
N MET B 536 5.72 8.00 24.52
CA MET B 536 7.11 7.96 25.06
C MET B 536 7.36 9.05 26.10
N VAL B 537 6.75 10.23 25.89
CA VAL B 537 6.92 11.38 26.82
C VAL B 537 6.17 11.06 28.12
N GLU B 538 4.96 10.53 28.03
CA GLU B 538 4.12 10.08 29.19
C GLU B 538 4.88 9.01 29.99
N GLY B 539 5.79 8.28 29.34
CA GLY B 539 6.90 7.54 29.99
C GLY B 539 6.44 6.22 30.57
N ARG B 540 5.66 6.29 31.66
CA ARG B 540 5.10 5.13 32.42
C ARG B 540 6.25 4.28 32.95
N ASN B 541 6.62 3.21 32.23
CA ASN B 541 7.66 2.23 32.65
C ASN B 541 8.61 1.92 31.47
N GLU B 542 9.78 1.38 31.79
CA GLU B 542 10.92 1.14 30.86
C GLU B 542 10.47 0.26 29.68
N SER B 543 9.75 -0.85 29.94
CA SER B 543 9.40 -1.82 28.88
C SER B 543 8.41 -1.16 27.91
N TYR B 544 7.54 -0.29 28.42
CA TYR B 544 6.52 0.43 27.61
C TYR B 544 7.25 1.42 26.69
N PHE B 545 8.11 2.24 27.28
CA PHE B 545 8.97 3.17 26.52
C PHE B 545 9.67 2.44 25.37
N LEU B 546 10.23 1.26 25.63
CA LEU B 546 10.99 0.49 24.60
C LEU B 546 10.08 0.05 23.45
N ARG B 547 8.86 -0.35 23.78
CA ARG B 547 7.84 -0.74 22.78
C ARG B 547 7.54 0.49 21.90
N LYS B 548 7.37 1.66 22.50
CA LYS B 548 6.99 2.88 21.73
C LYS B 548 8.20 3.28 20.87
N TYR B 549 9.38 3.25 21.47
CA TYR B 549 10.65 3.51 20.77
C TYR B 549 10.73 2.64 19.52
N ASN B 550 10.45 1.34 19.70
CA ASN B 550 10.68 0.40 18.58
C ASN B 550 9.63 0.68 17.50
N HIS B 551 8.39 1.03 17.89
CA HIS B 551 7.29 1.40 16.98
C HIS B 551 7.71 2.65 16.21
N VAL B 552 8.27 3.64 16.90
CA VAL B 552 8.69 4.89 16.19
C VAL B 552 9.75 4.57 15.15
N LYS B 553 10.74 3.72 15.46
CA LYS B 553 11.79 3.40 14.49
C LYS B 553 11.15 2.73 13.27
N ALA B 554 10.13 1.89 13.46
CA ALA B 554 9.45 1.25 12.32
C ALA B 554 8.75 2.32 11.46
N LEU B 555 8.13 3.30 12.12
CA LEU B 555 7.39 4.37 11.41
C LEU B 555 8.41 5.27 10.70
N GLN B 556 9.58 5.52 11.27
CA GLN B 556 10.63 6.28 10.55
C GLN B 556 10.96 5.53 9.26
N GLN B 557 11.16 4.22 9.39
CA GLN B 557 11.53 3.38 8.24
CA GLN B 557 11.53 3.39 8.22
C GLN B 557 10.43 3.48 7.16
N GLN B 558 9.16 3.44 7.56
CA GLN B 558 8.06 3.45 6.56
C GLN B 558 8.05 4.81 5.85
N MET B 559 8.30 5.88 6.61
CA MET B 559 8.36 7.23 5.99
C MET B 559 9.51 7.33 5.00
N PHE B 560 10.67 6.76 5.36
CA PHE B 560 11.84 6.73 4.47
C PHE B 560 11.42 6.05 3.17
N TYR B 561 10.72 4.92 3.25
CA TYR B 561 10.39 4.10 2.04
C TYR B 561 9.40 4.88 1.17
N ILE B 562 8.39 5.55 1.74
CA ILE B 562 7.50 6.45 0.94
C ILE B 562 8.34 7.53 0.29
N ASP B 563 9.26 8.17 1.03
CA ASP B 563 10.04 9.29 0.47
C ASP B 563 10.97 8.82 -0.66
N GLN B 564 11.45 7.58 -0.59
CA GLN B 564 12.39 7.03 -1.61
C GLN B 564 11.65 6.37 -2.77
N THR B 565 10.35 6.12 -2.69
CA THR B 565 9.65 5.31 -3.73
C THR B 565 8.49 6.06 -4.38
N SER B 566 7.93 7.10 -3.75
CA SER B 566 6.83 7.91 -4.33
C SER B 566 7.35 9.21 -4.94
N ASN B 567 6.70 9.68 -6.01
CA ASN B 567 7.02 10.97 -6.63
C ASN B 567 8.51 11.07 -6.91
N GLN B 568 9.11 10.05 -7.54
CA GLN B 568 10.57 10.03 -7.76
C GLN B 568 10.93 10.81 -9.03
N ASN B 569 10.85 12.13 -8.96
CA ASN B 569 11.12 13.00 -10.11
C ASN B 569 12.59 13.39 -10.06
N PRO B 570 13.13 13.91 -11.17
CA PRO B 570 14.53 14.29 -11.27
C PRO B 570 14.91 15.51 -10.40
N TYR B 571 13.96 16.28 -9.86
CA TYR B 571 14.25 17.62 -9.30
C TYR B 571 14.20 17.61 -7.77
N GLN B 572 13.04 17.36 -7.19
CA GLN B 572 12.81 17.24 -5.74
C GLN B 572 12.01 15.97 -5.50
N PRO B 573 12.70 14.82 -5.50
CA PRO B 573 12.00 13.56 -5.35
C PRO B 573 11.42 13.38 -3.96
N GLY B 574 10.33 12.64 -3.90
CA GLY B 574 9.78 12.17 -2.63
C GLY B 574 8.60 12.99 -2.16
N VAL B 575 8.33 12.88 -0.88
CA VAL B 575 7.02 13.30 -0.33
C VAL B 575 7.26 13.87 1.04
N LYS B 576 7.15 15.19 1.17
CA LYS B 576 7.32 15.88 2.47
CA LYS B 576 7.30 15.86 2.49
C LYS B 576 5.97 16.43 2.90
N THR B 577 5.67 16.44 4.19
CA THR B 577 4.38 16.89 4.69
C THR B 577 4.57 17.46 6.10
N ALA B 578 3.75 18.43 6.46
CA ALA B 578 3.75 18.93 7.86
C ALA B 578 5.16 19.30 8.29
N THR B 579 5.87 20.00 7.41
CA THR B 579 7.32 20.20 7.50
C THR B 579 7.65 21.39 8.40
N ARG B 580 6.78 22.38 8.51
CA ARG B 580 7.23 23.63 9.15
C ARG B 580 7.26 23.50 10.66
N VAL B 581 6.23 22.94 11.23
CA VAL B 581 6.05 22.87 12.70
C VAL B 581 6.04 21.40 13.17
N ILE B 582 5.19 20.57 12.58
CA ILE B 582 4.82 19.27 13.20
C ILE B 582 6.00 18.30 13.11
N LYS B 583 6.59 18.08 11.95
CA LYS B 583 7.67 17.07 11.84
C LYS B 583 8.89 17.49 12.68
N PRO B 584 9.37 18.77 12.65
CA PRO B 584 10.44 19.22 13.54
C PRO B 584 10.06 18.99 15.02
N LEU B 585 8.83 19.27 15.43
CA LEU B 585 8.42 19.08 16.84
C LEU B 585 8.63 17.61 17.20
N ILE B 586 8.06 16.72 16.37
CA ILE B 586 8.07 15.26 16.65
C ILE B 586 9.52 14.80 16.71
N ASP B 587 10.40 15.24 15.80
CA ASP B 587 11.80 14.76 15.67
C ASP B 587 12.61 15.28 16.86
N ARG B 588 12.40 16.53 17.26
CA ARG B 588 13.13 17.10 18.43
C ARG B 588 12.64 16.42 19.71
N THR B 589 11.35 16.15 19.87
CA THR B 589 10.76 15.54 21.09
C THR B 589 11.32 14.12 21.21
N PHE B 590 11.37 13.41 20.07
CA PHE B 590 11.92 12.03 20.04
C PHE B 590 13.38 12.04 20.51
N ALA B 591 14.25 12.88 19.91
CA ALA B 591 15.69 12.94 20.22
C ALA B 591 15.87 13.26 21.71
N THR B 592 15.05 14.17 22.25
CA THR B 592 15.09 14.60 23.68
C THR B 592 14.63 13.47 24.60
N VAL B 593 13.47 12.84 24.37
CA VAL B 593 12.96 11.81 25.32
C VAL B 593 13.93 10.61 25.35
N VAL B 594 14.64 10.37 24.23
CA VAL B 594 15.61 9.25 24.11
C VAL B 594 16.89 9.61 24.87
N LYS B 595 17.34 10.87 24.79
CA LYS B 595 18.48 11.38 25.60
C LYS B 595 18.12 11.17 27.09
N PHE B 596 16.92 11.53 27.52
CA PHE B 596 16.49 11.41 28.94
C PHE B 596 16.42 9.93 29.37
N PHE B 597 15.93 9.05 28.48
CA PHE B 597 15.76 7.61 28.81
C PHE B 597 17.13 6.96 28.90
N ASN B 598 18.04 7.36 28.02
CA ASN B 598 19.40 6.79 27.97
C ASN B 598 20.12 7.14 29.27
N GLN B 599 20.03 8.40 29.69
CA GLN B 599 20.57 8.87 31.00
C GLN B 599 19.91 8.09 32.15
N LYS B 600 18.59 8.03 32.21
CA LYS B 600 17.86 7.43 33.37
C LYS B 600 18.16 5.92 33.53
N PHE B 601 18.57 5.22 32.46
CA PHE B 601 18.71 3.74 32.43
C PHE B 601 20.09 3.34 31.89
N ASN B 602 21.06 4.27 31.86
CA ASN B 602 22.32 4.17 31.08
C ASN B 602 22.14 3.23 29.87
N ALA B 603 21.09 3.48 29.07
CA ALA B 603 20.85 2.78 27.79
C ALA B 603 21.61 3.51 26.67
N HIS B 604 21.62 2.92 25.48
CA HIS B 604 22.35 3.43 24.28
C HIS B 604 21.41 3.43 23.07
N LEU B 605 20.11 3.71 23.29
CA LEU B 605 19.08 3.79 22.21
C LEU B 605 19.54 4.88 21.25
N ASP B 606 19.32 4.64 19.96
CA ASP B 606 19.62 5.58 18.85
C ASP B 606 18.58 6.71 18.85
N ALA B 607 19.03 7.97 18.91
CA ALA B 607 18.20 9.20 18.93
C ALA B 607 18.05 9.80 17.51
N THR B 608 18.67 9.20 16.49
CA THR B 608 18.50 9.53 15.05
C THR B 608 17.01 9.57 14.69
N THR B 609 16.58 10.59 13.94
CA THR B 609 15.16 10.81 13.61
C THR B 609 14.90 10.39 12.16
N ASP B 610 15.91 10.39 11.30
CA ASP B 610 15.75 9.93 9.88
C ASP B 610 16.32 8.51 9.74
N TYR B 611 15.52 7.55 9.27
CA TYR B 611 16.01 6.18 9.05
C TYR B 611 17.06 6.20 7.93
N MET B 612 18.11 5.40 8.09
CA MET B 612 19.21 5.26 7.10
C MET B 612 19.59 3.78 7.05
N PRO B 613 19.29 3.05 5.94
CA PRO B 613 19.52 1.60 5.88
C PRO B 613 21.00 1.22 5.79
N HIS B 614 21.83 2.15 5.34
CA HIS B 614 23.30 2.00 5.20
C HIS B 614 23.96 2.42 6.52
N LYS B 615 25.18 1.92 6.80
CA LYS B 615 25.94 2.22 8.05
C LYS B 615 27.24 2.92 7.64
N MET B 616 27.72 3.89 8.43
CA MET B 616 29.04 4.54 8.21
C MET B 616 29.81 4.55 9.54
N ILE B 617 30.91 3.80 9.60
CA ILE B 617 31.78 3.64 10.80
C ILE B 617 33.11 4.34 10.49
N SER B 618 33.54 5.26 11.37
CA SER B 618 34.79 6.07 11.24
C SER B 618 35.46 6.22 12.62
N ASN B 619 36.78 5.98 12.67
CA ASN B 619 37.67 6.32 13.82
C ASN B 619 38.39 7.64 13.49
N VAL B 620 37.69 8.53 12.77
CA VAL B 620 38.03 9.98 12.55
C VAL B 620 36.96 10.80 13.28
N GLU B 621 37.30 12.00 13.78
CA GLU B 621 36.52 12.72 14.81
C GLU B 621 35.34 13.48 14.20
N GLN B 622 35.63 14.51 13.40
CA GLN B 622 34.60 15.44 12.84
C GLN B 622 33.78 14.74 11.73
N ILE B 623 34.12 13.48 11.39
CA ILE B 623 33.41 12.66 10.37
C ILE B 623 32.33 11.80 11.05
N LYS B 624 32.74 10.93 11.98
CA LYS B 624 32.02 9.70 12.46
C LYS B 624 30.53 9.97 12.77
N ASN B 625 30.13 11.20 13.11
CA ASN B 625 28.76 11.54 13.54
C ASN B 625 27.96 12.21 12.42
N LEU B 626 28.54 12.35 11.22
CA LEU B 626 27.86 12.89 10.03
C LEU B 626 26.88 11.84 9.50
N PRO B 627 25.57 12.13 9.46
CA PRO B 627 24.61 11.17 8.94
C PRO B 627 24.86 10.95 7.43
N LEU B 628 24.75 9.70 7.00
CA LEU B 628 24.56 9.36 5.57
C LEU B 628 23.21 9.88 5.08
N GLN B 629 23.13 10.13 3.78
CA GLN B 629 21.88 10.49 3.08
C GLN B 629 21.80 9.62 1.83
N VAL B 630 20.59 9.19 1.52
CA VAL B 630 20.22 8.50 0.25
C VAL B 630 19.35 9.48 -0.55
N LYS B 631 19.74 9.75 -1.79
CA LYS B 631 18.95 10.54 -2.77
C LYS B 631 19.08 9.84 -4.11
N ALA B 632 17.97 9.37 -4.69
CA ALA B 632 17.98 8.57 -5.94
C ALA B 632 18.99 7.41 -5.78
N ASN B 633 19.97 7.33 -6.68
CA ASN B 633 20.99 6.23 -6.70
C ASN B 633 22.30 6.71 -6.06
N ARG B 634 22.24 7.71 -5.15
CA ARG B 634 23.41 8.30 -4.48
C ARG B 634 23.33 7.98 -2.97
N VAL B 635 24.47 7.61 -2.40
CA VAL B 635 24.69 7.48 -0.93
C VAL B 635 25.87 8.37 -0.58
N LEU B 636 25.69 9.33 0.31
CA LEU B 636 26.71 10.41 0.51
C LEU B 636 26.87 10.70 2.00
N ILE B 637 28.06 11.13 2.40
CA ILE B 637 28.25 11.67 3.78
C ILE B 637 27.79 13.14 3.74
N SER B 638 26.98 13.56 4.71
CA SER B 638 26.58 14.99 4.87
C SER B 638 27.86 15.80 4.93
N PRO B 639 28.09 16.81 4.06
CA PRO B 639 29.24 17.69 4.21
C PRO B 639 29.23 18.36 5.60
N ALA B 640 30.42 18.63 6.15
CA ALA B 640 30.62 19.35 7.42
C ALA B 640 31.11 20.78 7.14
N ASN B 641 30.73 21.73 8.00
CA ASN B 641 31.35 23.07 8.12
C ASN B 641 32.11 23.10 9.46
N GLU B 642 33.14 22.23 9.60
CA GLU B 642 33.93 22.03 10.85
C GLU B 642 35.36 21.56 10.51
N VAL B 643 35.97 20.77 11.42
CA VAL B 643 37.46 20.56 11.51
C VAL B 643 37.88 19.32 10.70
N VAL B 644 38.54 19.52 9.56
CA VAL B 644 38.99 18.44 8.62
C VAL B 644 40.38 17.93 9.04
N LYS B 645 40.48 17.25 10.19
CA LYS B 645 41.76 16.77 10.81
C LYS B 645 41.78 15.23 10.94
N TRP B 646 42.66 14.55 10.20
CA TRP B 646 42.59 13.10 9.85
C TRP B 646 43.92 12.38 10.16
N ALA B 647 43.96 11.53 11.20
CA ALA B 647 45.17 10.82 11.68
C ALA B 647 45.56 9.69 10.69
N ALA B 648 46.86 9.36 10.66
CA ALA B 648 47.46 8.34 9.77
C ALA B 648 46.92 6.95 10.14
N GLY B 649 46.58 6.13 9.15
CA GLY B 649 46.06 4.76 9.32
C GLY B 649 44.55 4.72 9.57
N ASN B 650 43.92 5.88 9.77
CA ASN B 650 42.45 6.02 10.04
C ASN B 650 41.65 5.84 8.73
N SER B 651 40.38 5.44 8.85
CA SER B 651 39.46 5.15 7.72
C SER B 651 38.04 5.67 7.99
N VAL B 652 37.39 6.21 6.95
CA VAL B 652 35.90 6.32 6.81
C VAL B 652 35.44 5.08 6.02
N GLU B 653 34.54 4.27 6.60
CA GLU B 653 34.00 3.04 5.95
C GLU B 653 32.47 3.12 5.86
N ILE B 654 31.90 2.88 4.68
CA ILE B 654 30.42 2.82 4.44
C ILE B 654 30.06 1.37 4.16
N GLU B 655 29.07 0.84 4.87
CA GLU B 655 28.52 -0.51 4.63
C GLU B 655 27.09 -0.38 4.09
N LEU B 656 26.92 -0.58 2.78
CA LEU B 656 25.58 -0.55 2.16
C LEU B 656 24.79 -1.74 2.70
N ASP B 657 23.47 -1.71 2.57
CA ASP B 657 22.58 -2.78 3.10
C ASP B 657 22.66 -4.02 2.21
N ALA B 658 23.37 -3.95 1.08
CA ALA B 658 23.47 -5.04 0.07
C ALA B 658 24.59 -4.73 -0.93
N ILE B 659 24.88 -5.68 -1.83
CA ILE B 659 25.86 -5.48 -2.95
C ILE B 659 25.10 -4.76 -4.06
N TYR B 660 25.71 -3.74 -4.64
CA TYR B 660 25.11 -2.97 -5.75
C TYR B 660 26.19 -2.77 -6.80
N PRO B 661 25.85 -2.67 -8.09
CA PRO B 661 26.84 -2.23 -9.08
C PRO B 661 27.21 -0.76 -8.79
N GLY B 662 28.50 -0.53 -8.54
CA GLY B 662 29.12 0.80 -8.40
C GLY B 662 29.17 1.54 -9.73
N GLU B 663 28.80 2.83 -9.71
CA GLU B 663 28.79 3.72 -10.89
C GLU B 663 30.01 4.65 -10.78
N ASN B 664 30.19 5.31 -9.63
CA ASN B 664 31.40 6.13 -9.35
C ASN B 664 31.38 6.67 -7.92
N ILE B 665 32.50 7.28 -7.53
CA ILE B 665 32.70 8.01 -6.25
C ILE B 665 33.28 9.40 -6.57
N GLN B 666 32.76 10.42 -5.90
CA GLN B 666 33.23 11.83 -5.98
C GLN B 666 33.59 12.24 -4.56
N ILE B 667 34.81 12.74 -4.33
CA ILE B 667 35.31 13.18 -3.00
C ILE B 667 35.91 14.58 -3.16
N ASN B 668 35.66 15.48 -2.19
CA ASN B 668 36.14 16.89 -2.22
C ASN B 668 36.56 17.26 -0.78
N PHE B 669 37.71 17.94 -0.67
CA PHE B 669 38.30 18.45 0.59
C PHE B 669 38.42 19.98 0.54
N GLY B 670 38.45 20.56 -0.67
CA GLY B 670 38.39 22.02 -0.91
C GLY B 670 39.73 22.62 -1.28
N LYS B 671 40.68 21.81 -1.76
CA LYS B 671 42.08 22.19 -2.14
C LYS B 671 42.50 21.48 -3.44
N ASP B 672 43.54 21.96 -4.12
CA ASP B 672 44.20 21.25 -5.24
C ASP B 672 45.38 20.44 -4.68
N ALA B 673 45.59 19.21 -5.16
CA ALA B 673 46.64 18.26 -4.68
C ALA B 673 46.79 17.09 -5.64
N THR B 676 47.57 12.88 -2.17
CA THR B 676 48.24 11.57 -2.41
C THR B 676 48.41 10.79 -1.09
N TRP B 677 47.50 10.97 -0.12
CA TRP B 677 47.56 10.39 1.25
C TRP B 677 46.48 9.32 1.46
N GLY B 678 45.47 9.26 0.58
CA GLY B 678 44.26 8.42 0.74
C GLY B 678 44.23 7.22 -0.21
N ARG B 679 43.79 6.07 0.28
CA ARG B 679 43.54 4.84 -0.52
C ARG B 679 42.03 4.57 -0.48
N LEU B 680 41.34 4.83 -1.60
CA LEU B 680 39.92 4.46 -1.81
C LEU B 680 39.86 2.98 -2.20
N GLU B 681 39.17 2.16 -1.41
CA GLU B 681 39.02 0.69 -1.65
C GLU B 681 37.53 0.30 -1.60
N ILE B 682 37.23 -0.82 -2.24
CA ILE B 682 35.86 -1.33 -2.51
C ILE B 682 35.84 -2.83 -2.20
N SER B 683 34.69 -3.36 -1.75
CA SER B 683 34.56 -4.77 -1.29
C SER B 683 33.09 -5.20 -1.33
N THR B 684 32.83 -6.48 -1.61
CA THR B 684 31.49 -7.11 -1.49
C THR B 684 31.31 -7.79 -0.11
N ASP B 685 32.41 -8.04 0.63
CA ASP B 685 32.36 -8.81 1.91
C ASP B 685 33.09 -8.09 3.06
N GLY B 686 33.91 -7.07 2.80
CA GLY B 686 34.66 -6.33 3.84
C GLY B 686 35.86 -7.10 4.37
N LYS B 687 36.29 -8.14 3.65
CA LYS B 687 37.55 -8.91 3.88
C LYS B 687 38.47 -8.73 2.67
N GLU B 688 38.04 -9.14 1.47
CA GLU B 688 38.77 -8.98 0.17
C GLU B 688 38.53 -7.56 -0.39
N TRP B 689 39.58 -6.74 -0.48
CA TRP B 689 39.54 -5.30 -0.85
C TRP B 689 40.29 -5.04 -2.17
N LYS B 690 39.62 -4.40 -3.14
CA LYS B 690 40.23 -3.92 -4.41
C LYS B 690 40.51 -2.41 -4.27
N THR B 691 41.66 -1.94 -4.74
CA THR B 691 42.01 -0.49 -4.78
C THR B 691 41.33 0.16 -5.99
N VAL B 692 41.04 1.45 -5.90
CA VAL B 692 40.47 2.30 -6.98
C VAL B 692 41.25 3.62 -6.99
N ASP B 693 41.77 4.04 -8.16
CA ASP B 693 42.61 5.26 -8.26
C ASP B 693 41.72 6.47 -8.62
N LEU B 694 41.87 7.58 -7.89
CA LEU B 694 41.08 8.83 -8.06
C LEU B 694 41.74 9.74 -9.10
N LYS B 695 41.03 10.06 -10.20
CA LYS B 695 41.40 11.14 -11.15
C LYS B 695 41.26 12.48 -10.42
N GLN B 696 41.71 13.57 -11.05
CA GLN B 696 41.87 14.90 -10.41
C GLN B 696 41.65 16.03 -11.43
N LYS B 697 40.64 16.86 -11.20
CA LYS B 697 40.41 18.15 -11.93
C LYS B 697 40.29 19.26 -10.87
N GLU B 698 41.44 19.78 -10.42
CA GLU B 698 41.60 20.82 -9.36
C GLU B 698 41.21 20.20 -8.00
N SER B 699 39.99 20.47 -7.53
CA SER B 699 39.46 20.10 -6.19
C SER B 699 38.73 18.75 -6.27
N ARG B 700 38.21 18.42 -7.46
CA ARG B 700 37.23 17.33 -7.74
C ARG B 700 37.98 15.98 -7.89
N LEU B 701 38.00 15.16 -6.83
CA LEU B 701 38.49 13.75 -6.84
C LEU B 701 37.36 12.81 -7.27
N SER B 702 37.58 11.99 -8.31
CA SER B 702 36.52 11.16 -8.94
C SER B 702 37.11 9.87 -9.51
N ALA B 703 36.29 8.82 -9.56
CA ALA B 703 36.64 7.49 -10.11
C ALA B 703 35.37 6.75 -10.57
N GLY B 704 35.22 6.50 -11.87
CA GLY B 704 34.22 5.55 -12.40
C GLY B 704 34.50 4.17 -11.84
N LEU B 705 33.49 3.34 -11.62
CA LEU B 705 33.68 1.96 -11.07
C LEU B 705 33.24 0.91 -12.10
N GLN B 706 32.83 1.35 -13.29
CA GLN B 706 32.56 0.45 -14.44
C GLN B 706 31.68 -0.74 -13.98
N LYS B 707 30.62 -0.46 -13.19
CA LYS B 707 29.58 -1.42 -12.70
C LYS B 707 30.16 -2.48 -11.72
N ALA B 708 31.31 -2.20 -11.09
CA ALA B 708 31.94 -3.14 -10.11
C ALA B 708 30.97 -3.39 -8.97
N PRO B 709 30.72 -4.67 -8.56
CA PRO B 709 30.07 -4.93 -7.27
C PRO B 709 30.68 -4.12 -6.12
N VAL B 710 29.81 -3.58 -5.24
CA VAL B 710 30.18 -2.72 -4.08
C VAL B 710 29.18 -2.95 -2.95
N LYS B 711 29.69 -3.25 -1.76
CA LYS B 711 28.92 -3.28 -0.49
C LYS B 711 29.64 -2.43 0.56
N PHE B 712 30.97 -2.52 0.63
CA PHE B 712 31.81 -1.69 1.52
C PHE B 712 32.61 -0.72 0.65
N VAL B 713 32.67 0.53 1.12
CA VAL B 713 33.55 1.59 0.57
C VAL B 713 34.40 2.06 1.74
N ARG B 714 35.72 2.15 1.55
CA ARG B 714 36.64 2.60 2.63
C ARG B 714 37.68 3.55 2.03
N PHE B 715 37.95 4.64 2.75
CA PHE B 715 39.00 5.63 2.43
C PHE B 715 39.93 5.72 3.65
N THR B 716 41.15 5.17 3.52
CA THR B 716 42.17 5.11 4.60
C THR B 716 43.22 6.21 4.37
N ASN B 717 43.83 6.70 5.45
CA ASN B 717 45.04 7.56 5.38
C ASN B 717 46.29 6.66 5.49
N VAL B 718 46.88 6.31 4.35
CA VAL B 718 48.02 5.35 4.25
C VAL B 718 49.34 6.14 4.16
N SER B 719 49.49 7.18 4.98
CA SER B 719 50.61 8.17 4.99
C SER B 719 51.39 8.10 6.30
N ASP B 720 52.51 8.83 6.37
CA ASP B 720 53.28 9.08 7.62
C ASP B 720 52.48 10.04 8.51
N GLU B 721 51.96 11.13 7.93
CA GLU B 721 51.37 12.28 8.67
C GLU B 721 49.84 12.15 8.82
N GLU B 722 49.27 12.99 9.70
CA GLU B 722 47.82 13.32 9.79
C GLU B 722 47.49 14.36 8.72
N GLN B 723 46.21 14.74 8.56
CA GLN B 723 45.73 15.79 7.63
C GLN B 723 44.67 16.65 8.35
N LEU B 727 35.68 18.09 4.41
CA LEU B 727 34.69 17.18 3.76
C LEU B 727 33.59 18.00 3.08
N ARG B 728 33.90 18.54 1.90
CA ARG B 728 32.96 19.27 1.02
C ARG B 728 31.98 18.27 0.36
N GLN B 729 32.37 16.99 0.22
CA GLN B 729 31.67 15.97 -0.61
C GLN B 729 32.30 14.58 -0.44
N PHE B 730 31.45 13.57 -0.21
CA PHE B 730 31.78 12.12 -0.21
C PHE B 730 30.55 11.34 -0.65
N VAL B 731 30.50 11.04 -1.93
CA VAL B 731 29.25 10.66 -2.66
C VAL B 731 29.56 9.42 -3.49
N LEU B 732 28.95 8.28 -3.14
CA LEU B 732 28.95 7.04 -3.95
C LEU B 732 27.70 7.02 -4.83
N THR B 733 27.85 6.82 -6.13
CA THR B 733 26.70 6.54 -7.04
C THR B 733 26.68 5.05 -7.37
N ILE B 734 25.50 4.43 -7.23
CA ILE B 734 25.26 3.00 -7.54
C ILE B 734 24.19 2.92 -8.63
N GLU B 735 23.96 1.73 -9.18
CA GLU B 735 22.91 1.48 -10.20
C GLU B 735 21.59 1.18 -9.49
N LYS B 736 20.49 1.82 -9.92
CA LYS B 736 19.10 1.55 -9.46
C LYS B 736 18.37 0.70 -10.51
C5 1XI C . -5.53 -31.32 0.66
C6 1XI C . -4.52 -31.25 -0.47
C7 1XI C . -3.85 -32.61 -0.66
N1 1XI C . -4.22 -35.02 -0.84
N2 1XI C . -6.50 -32.26 0.15
C3 1XI C . -6.06 -33.64 0.05
C33 1XI C . -3.27 -36.95 0.18
C32 1XI C . -3.81 -35.55 0.32
O34 1XI C . -3.85 -34.97 1.43
C2 1XI C . -4.87 -33.72 -0.92
C22 1XI C . -7.57 -31.75 -0.48
N23 1XI C . -8.25 -32.40 -1.37
C24 1XI C . -9.38 -31.71 -2.04
C26 1XI C . -10.71 -32.40 -1.75
C27 1XI C . -11.89 -31.83 -2.21
C28 1XI C . -13.11 -32.45 -1.98
C29 1XI C . -13.16 -33.63 -1.28
C30 1XI C . -12.00 -34.20 -0.81
C31 1XI C . -10.78 -33.60 -1.06
S21 1XI C . -7.68 -30.04 -0.10
C20 1XI C . -6.33 -30.08 1.03
O9 1XI C . -3.54 -30.28 -0.08
O8 1XI C . -3.01 -32.56 -1.81
H5 1XI C . -5.09 -31.69 1.47
H6 1XI C . -4.96 -30.96 -1.30
H7 1XI C . -3.31 -32.83 0.13
HN1 1XI C . -4.10 -35.48 -1.58
H3 1XI C . -5.79 -33.97 0.93
H31 1XI C . -6.79 -34.21 -0.28
H33 1XI C . -2.99 -37.28 1.05
H331 1XI C . -2.51 -36.94 -0.43
H332 1XI C . -3.97 -37.52 -0.18
H2 1XI C . -5.22 -33.60 -1.84
H241 1XI C . -9.23 -31.72 -3.00
H24 1XI C . -9.43 -30.79 -1.73
H27 1XI C . -11.85 -31.02 -2.69
H28 1XI C . -13.90 -32.04 -2.29
H29 1XI C . -13.99 -34.05 -1.11
H30 1XI C . -12.04 -35.02 -0.34
H311 1XI C . -9.99 -34.01 -0.74
H20 1XI C . -5.78 -29.27 0.93
H201 1XI C . -6.66 -30.12 1.95
HO9 1XI C . -2.78 -30.64 -0.05
HO8 1XI C . -3.26 -33.14 -2.37
C5 1XI D . 8.26 29.41 -12.40
C6 1XI D . 7.78 28.67 -13.63
C7 1XI D . 7.40 29.70 -14.70
N1 1XI D . 8.04 31.75 -15.82
N2 1XI D . 9.49 30.06 -12.86
C3 1XI D . 9.30 31.15 -13.77
C33 1XI D . 6.89 33.82 -16.29
C32 1XI D . 7.22 32.71 -15.34
O34 1XI D . 6.85 32.75 -14.16
C2 1XI D . 8.56 30.66 -15.02
C22 1XI D . 10.62 29.42 -12.64
N23 1XI D . 11.73 29.70 -13.31
C24 1XI D . 12.93 28.92 -13.00
C26 1XI D . 14.16 29.78 -12.84
C27 1XI D . 15.36 29.18 -12.52
C28 1XI D . 16.51 29.95 -12.40
C29 1XI D . 16.47 31.31 -12.54
C30 1XI D . 15.28 31.93 -12.80
C31 1XI D . 14.13 31.17 -12.97
S21 1XI D . 10.42 28.10 -11.51
C20 1XI D . 8.71 28.58 -11.19
O9 1XI D . 6.62 27.87 -13.31
O8 1XI D . 7.08 29.04 -15.93
H5 1XI D . 7.60 30.09 -12.12
H6 1XI D . 8.49 28.09 -13.98
H7 1XI D . 6.62 30.21 -14.40
HN1 1XI D . 8.27 31.79 -16.66
H3 1XI D . 8.78 31.86 -13.34
H31 1XI D . 10.17 31.53 -14.04
H33 1XI D . 6.38 34.51 -15.83
H331 1XI D . 6.37 33.48 -17.03
H332 1XI D . 7.70 34.21 -16.63
H2 1XI D . 9.20 30.15 -15.58
H241 1XI D . 13.09 28.28 -13.73
H24 1XI D . 12.78 28.41 -12.18
H27 1XI D . 15.41 28.24 -12.44
H28 1XI D . 17.34 29.53 -12.19
H29 1XI D . 17.25 31.82 -12.42
H30 1XI D . 15.25 32.87 -12.91
H311 1XI D . 13.30 31.59 -13.17
H20 1XI D . 8.15 27.78 -11.08
H201 1XI D . 8.67 29.11 -10.36
HO9 1XI D . 5.96 28.11 -13.78
HO8 1XI D . 7.59 29.32 -16.54
C1 EDO E . 11.14 11.25 6.52
O1 EDO E . 12.13 12.17 6.95
C2 EDO E . 11.72 10.31 5.52
O2 EDO E . 12.97 9.74 5.91
H11 EDO E . 10.40 11.74 6.11
H12 EDO E . 10.80 10.75 7.29
HO1 EDO E . 11.78 12.71 7.53
H21 EDO E . 11.84 10.78 4.68
H22 EDO E . 11.08 9.59 5.37
HO2 EDO E . 13.19 10.04 6.68
CA CA F . -29.57 39.31 -25.56
#